data_2DNN
#
_entry.id   2DNN
#
_entity_poly.entity_id   1
_entity_poly.type   'polypeptide(L)'
_entity_poly.pdbx_seq_one_letter_code
;GSSGSSGKPLPINPDDLYVSVHGMPFSAMENDVRDFFHGLRVDAVHLLKDHVGRNNGNGLVKFLSPQDTFEALKRNRMLM
IQRYVEVSPATERQWVAAGGHITSGPSSG
;
_entity_poly.pdbx_strand_id   A
#
# COMPACT_ATOMS: atom_id res chain seq x y z
N GLY A 1 25.09 0.66 -22.36
CA GLY A 1 24.85 0.45 -20.94
C GLY A 1 25.50 -0.82 -20.43
N SER A 2 25.66 -0.91 -19.11
CA SER A 2 26.27 -2.08 -18.49
C SER A 2 26.11 -2.04 -16.97
N SER A 3 25.96 -3.21 -16.37
CA SER A 3 25.80 -3.30 -14.92
C SER A 3 25.90 -4.75 -14.46
N GLY A 4 26.47 -4.95 -13.27
CA GLY A 4 26.61 -6.28 -12.72
C GLY A 4 25.46 -6.68 -11.82
N SER A 5 25.31 -7.98 -11.59
CA SER A 5 24.24 -8.48 -10.75
C SER A 5 24.80 -9.15 -9.49
N SER A 6 24.84 -8.39 -8.40
CA SER A 6 25.36 -8.91 -7.14
C SER A 6 24.29 -8.86 -6.05
N GLY A 7 23.61 -9.98 -5.85
CA GLY A 7 22.57 -10.04 -4.84
C GLY A 7 22.78 -11.20 -3.87
N LYS A 8 21.89 -11.29 -2.88
CA LYS A 8 21.98 -12.35 -1.88
C LYS A 8 20.60 -12.91 -1.55
N PRO A 9 20.56 -14.18 -1.12
CA PRO A 9 19.31 -14.85 -0.76
C PRO A 9 18.72 -14.34 0.56
N LEU A 10 17.76 -13.45 0.46
CA LEU A 10 17.11 -12.89 1.64
C LEU A 10 15.61 -13.12 1.61
N PRO A 11 14.99 -13.17 2.81
CA PRO A 11 13.55 -13.39 2.94
C PRO A 11 12.74 -12.15 2.55
N ILE A 12 11.55 -12.38 2.01
CA ILE A 12 10.67 -11.29 1.60
C ILE A 12 10.82 -10.09 2.52
N ASN A 13 11.09 -8.93 1.95
CA ASN A 13 11.25 -7.71 2.73
C ASN A 13 9.93 -6.93 2.81
N PRO A 14 9.56 -6.54 4.03
CA PRO A 14 8.32 -5.80 4.28
C PRO A 14 8.14 -4.64 3.30
N ASP A 15 9.20 -3.88 3.08
CA ASP A 15 9.16 -2.74 2.16
C ASP A 15 8.24 -3.04 0.98
N ASP A 16 8.34 -4.26 0.46
CA ASP A 16 7.52 -4.67 -0.68
C ASP A 16 6.05 -4.76 -0.28
N LEU A 17 5.75 -5.64 0.66
CA LEU A 17 4.38 -5.83 1.13
C LEU A 17 3.75 -4.50 1.54
N TYR A 18 4.60 -3.57 1.98
CA TYR A 18 4.13 -2.25 2.39
C TYR A 18 4.38 -1.21 1.30
N VAL A 19 3.31 -0.87 0.58
CA VAL A 19 3.41 0.11 -0.49
C VAL A 19 2.61 1.37 -0.15
N SER A 20 2.86 2.43 -0.90
CA SER A 20 2.17 3.70 -0.68
C SER A 20 1.43 4.15 -1.94
N VAL A 21 0.26 4.73 -1.77
CA VAL A 21 -0.54 5.21 -2.89
C VAL A 21 -0.86 6.69 -2.75
N HIS A 22 -0.34 7.49 -3.68
CA HIS A 22 -0.56 8.94 -3.67
C HIS A 22 -1.31 9.38 -4.92
N GLY A 23 -2.44 10.06 -4.72
CA GLY A 23 -3.22 10.53 -5.85
C GLY A 23 -4.62 9.93 -5.87
N MET A 24 -5.33 10.06 -4.76
CA MET A 24 -6.68 9.54 -4.65
C MET A 24 -7.68 10.66 -4.33
N PRO A 25 -8.88 10.55 -4.92
CA PRO A 25 -9.95 11.55 -4.71
C PRO A 25 -10.10 11.93 -3.25
N PHE A 26 -10.68 13.10 -3.01
CA PHE A 26 -10.89 13.59 -1.65
C PHE A 26 -11.97 12.77 -0.95
N SER A 27 -12.74 12.01 -1.73
CA SER A 27 -13.81 11.19 -1.18
C SER A 27 -13.35 9.75 -1.00
N ALA A 28 -12.25 9.39 -1.66
CA ALA A 28 -11.71 8.04 -1.57
C ALA A 28 -11.71 7.54 -0.13
N MET A 29 -12.18 6.31 0.06
CA MET A 29 -12.24 5.72 1.39
C MET A 29 -11.82 4.25 1.34
N GLU A 30 -11.62 3.66 2.52
CA GLU A 30 -11.22 2.27 2.61
C GLU A 30 -11.90 1.43 1.53
N ASN A 31 -13.16 1.76 1.25
CA ASN A 31 -13.93 1.03 0.23
C ASN A 31 -13.35 1.28 -1.16
N ASP A 32 -13.43 2.53 -1.61
CA ASP A 32 -12.91 2.91 -2.92
C ASP A 32 -11.61 2.17 -3.23
N VAL A 33 -10.70 2.15 -2.26
CA VAL A 33 -9.42 1.47 -2.43
C VAL A 33 -9.61 0.09 -3.03
N ARG A 34 -10.46 -0.72 -2.40
CA ARG A 34 -10.73 -2.07 -2.87
C ARG A 34 -10.89 -2.09 -4.39
N ASP A 35 -11.88 -1.36 -4.89
CA ASP A 35 -12.13 -1.30 -6.32
C ASP A 35 -10.82 -1.36 -7.11
N PHE A 36 -9.79 -0.71 -6.60
CA PHE A 36 -8.49 -0.69 -7.24
C PHE A 36 -7.80 -2.04 -7.13
N PHE A 37 -7.53 -2.46 -5.90
CA PHE A 37 -6.87 -3.74 -5.65
C PHE A 37 -7.89 -4.81 -5.31
N HIS A 38 -9.00 -4.82 -6.05
CA HIS A 38 -10.06 -5.81 -5.83
C HIS A 38 -9.74 -7.10 -6.55
N GLY A 39 -9.43 -8.14 -5.78
CA GLY A 39 -9.11 -9.44 -6.36
C GLY A 39 -7.85 -10.04 -5.78
N LEU A 40 -7.04 -9.21 -5.13
CA LEU A 40 -5.80 -9.66 -4.52
C LEU A 40 -5.96 -9.85 -3.02
N ARG A 41 -5.01 -10.55 -2.41
CA ARG A 41 -5.05 -10.80 -0.97
C ARG A 41 -4.86 -9.50 -0.19
N VAL A 42 -5.97 -8.97 0.32
CA VAL A 42 -5.94 -7.73 1.10
C VAL A 42 -5.96 -8.01 2.60
N ASP A 43 -4.95 -7.54 3.30
CA ASP A 43 -4.86 -7.74 4.74
C ASP A 43 -5.30 -6.48 5.49
N ALA A 44 -4.74 -5.34 5.09
CA ALA A 44 -5.08 -4.07 5.72
C ALA A 44 -4.84 -2.90 4.77
N VAL A 45 -5.51 -1.79 5.02
CA VAL A 45 -5.37 -0.60 4.20
C VAL A 45 -5.34 0.67 5.03
N HIS A 46 -4.20 1.35 5.04
CA HIS A 46 -4.05 2.58 5.81
C HIS A 46 -4.28 3.80 4.93
N LEU A 47 -5.03 4.77 5.45
CA LEU A 47 -5.34 5.98 4.72
C LEU A 47 -4.94 7.22 5.52
N LEU A 48 -4.13 8.08 4.93
CA LEU A 48 -3.69 9.31 5.60
C LEU A 48 -4.68 10.44 5.36
N LYS A 49 -4.77 11.35 6.32
CA LYS A 49 -5.67 12.49 6.22
C LYS A 49 -4.98 13.78 6.62
N ASP A 50 -5.69 14.89 6.51
CA ASP A 50 -5.14 16.20 6.87
C ASP A 50 -5.82 16.76 8.12
N HIS A 51 -5.47 17.99 8.48
CA HIS A 51 -6.04 18.63 9.65
C HIS A 51 -7.56 18.58 9.60
N VAL A 52 -8.12 18.81 8.42
CA VAL A 52 -9.57 18.79 8.23
C VAL A 52 -10.09 17.37 8.08
N GLY A 53 -9.26 16.40 8.46
CA GLY A 53 -9.66 15.01 8.36
C GLY A 53 -10.20 14.66 6.98
N ARG A 54 -9.48 15.06 5.95
CA ARG A 54 -9.89 14.79 4.57
C ARG A 54 -8.82 14.01 3.83
N ASN A 55 -9.26 13.04 3.03
CA ASN A 55 -8.34 12.22 2.25
C ASN A 55 -7.66 13.04 1.16
N ASN A 56 -6.55 13.69 1.51
CA ASN A 56 -5.80 14.51 0.57
C ASN A 56 -5.42 13.70 -0.67
N GLY A 57 -4.79 12.54 -0.44
CA GLY A 57 -4.37 11.70 -1.53
C GLY A 57 -3.09 10.96 -1.24
N ASN A 58 -3.08 10.21 -0.14
CA ASN A 58 -1.89 9.44 0.25
C ASN A 58 -2.26 8.38 1.27
N GLY A 59 -1.78 7.16 1.04
CA GLY A 59 -2.05 6.06 1.96
C GLY A 59 -1.07 4.92 1.82
N LEU A 60 -1.27 3.87 2.61
CA LEU A 60 -0.38 2.71 2.58
C LEU A 60 -1.18 1.42 2.58
N VAL A 61 -0.68 0.41 1.89
CA VAL A 61 -1.34 -0.89 1.83
C VAL A 61 -0.42 -2.00 2.29
N LYS A 62 -0.99 -2.97 3.01
CA LYS A 62 -0.23 -4.10 3.52
C LYS A 62 -0.86 -5.43 3.11
N PHE A 63 -0.19 -6.16 2.25
CA PHE A 63 -0.69 -7.45 1.77
C PHE A 63 0.06 -8.60 2.43
N LEU A 64 -0.68 -9.64 2.80
CA LEU A 64 -0.08 -10.81 3.45
C LEU A 64 1.15 -11.29 2.68
N SER A 65 0.92 -11.73 1.44
CA SER A 65 2.01 -12.22 0.60
C SER A 65 2.45 -11.15 -0.39
N PRO A 66 3.70 -11.25 -0.87
CA PRO A 66 4.28 -10.31 -1.83
C PRO A 66 3.75 -10.54 -3.24
N GLN A 67 3.80 -11.78 -3.69
CA GLN A 67 3.33 -12.13 -5.03
C GLN A 67 2.07 -11.35 -5.38
N ASP A 68 1.31 -10.96 -4.37
CA ASP A 68 0.09 -10.21 -4.57
C ASP A 68 0.39 -8.74 -4.86
N THR A 69 1.06 -8.07 -3.93
CA THR A 69 1.42 -6.67 -4.09
C THR A 69 2.11 -6.43 -5.42
N PHE A 70 3.05 -7.31 -5.76
CA PHE A 70 3.79 -7.19 -7.01
C PHE A 70 2.89 -6.71 -8.14
N GLU A 71 1.64 -7.14 -8.11
CA GLU A 71 0.68 -6.75 -9.14
C GLU A 71 0.35 -5.26 -9.04
N ALA A 72 0.08 -4.80 -7.82
CA ALA A 72 -0.25 -3.40 -7.59
C ALA A 72 0.80 -2.48 -8.22
N LEU A 73 2.06 -2.85 -8.07
CA LEU A 73 3.16 -2.07 -8.61
C LEU A 73 2.97 -1.82 -10.10
N LYS A 74 2.32 -2.76 -10.77
CA LYS A 74 2.06 -2.65 -12.20
C LYS A 74 0.91 -1.68 -12.47
N ARG A 75 0.08 -1.45 -11.46
CA ARG A 75 -1.04 -0.54 -11.59
C ARG A 75 -0.67 0.86 -11.13
N ASN A 76 0.62 1.16 -11.15
CA ASN A 76 1.12 2.47 -10.74
C ASN A 76 0.84 3.52 -11.81
N ARG A 77 0.48 4.72 -11.38
CA ARG A 77 0.18 5.81 -12.30
C ARG A 77 -0.96 5.43 -13.25
N MET A 78 -2.05 4.94 -12.67
CA MET A 78 -3.21 4.54 -13.46
C MET A 78 -4.36 5.54 -13.28
N LEU A 79 -5.46 5.30 -13.97
CA LEU A 79 -6.62 6.17 -13.88
C LEU A 79 -7.61 5.66 -12.84
N MET A 80 -7.90 6.50 -11.85
CA MET A 80 -8.83 6.14 -10.79
C MET A 80 -9.74 7.31 -10.44
N ILE A 81 -11.04 7.14 -10.72
CA ILE A 81 -12.02 8.18 -10.45
C ILE A 81 -11.53 9.54 -10.94
N GLN A 82 -11.02 9.58 -12.16
CA GLN A 82 -10.52 10.82 -12.75
C GLN A 82 -9.33 11.35 -11.95
N ARG A 83 -8.61 10.44 -11.29
CA ARG A 83 -7.45 10.81 -10.50
C ARG A 83 -6.31 9.82 -10.70
N TYR A 84 -5.11 10.34 -10.91
CA TYR A 84 -3.94 9.50 -11.12
C TYR A 84 -3.36 9.03 -9.79
N VAL A 85 -3.23 7.71 -9.63
CA VAL A 85 -2.70 7.13 -8.42
C VAL A 85 -1.23 6.74 -8.59
N GLU A 86 -0.44 6.97 -7.54
CA GLU A 86 0.98 6.64 -7.58
C GLU A 86 1.29 5.45 -6.68
N VAL A 87 1.47 4.28 -7.29
CA VAL A 87 1.76 3.06 -6.55
C VAL A 87 3.27 2.81 -6.49
N SER A 88 3.84 2.95 -5.30
CA SER A 88 5.27 2.75 -5.11
C SER A 88 5.56 2.15 -3.74
N PRO A 89 6.54 1.23 -3.69
CA PRO A 89 6.93 0.56 -2.45
C PRO A 89 7.14 1.54 -1.30
N ALA A 90 6.96 1.07 -0.08
CA ALA A 90 7.13 1.90 1.11
C ALA A 90 8.10 1.26 2.09
N THR A 91 8.42 1.98 3.16
CA THR A 91 9.34 1.49 4.18
C THR A 91 8.64 1.36 5.53
N GLU A 92 8.91 0.26 6.22
CA GLU A 92 8.31 0.00 7.53
C GLU A 92 8.20 1.30 8.33
N ARG A 93 9.26 2.10 8.32
CA ARG A 93 9.27 3.36 9.05
C ARG A 93 8.05 4.19 8.70
N GLN A 94 7.82 4.41 7.41
CA GLN A 94 6.69 5.19 6.95
C GLN A 94 5.38 4.61 7.47
N TRP A 95 5.23 3.30 7.36
CA TRP A 95 4.03 2.62 7.82
C TRP A 95 3.73 2.96 9.28
N VAL A 96 4.76 2.94 10.11
CA VAL A 96 4.62 3.26 11.53
C VAL A 96 4.26 4.73 11.73
N ALA A 97 5.14 5.61 11.26
CA ALA A 97 4.93 7.05 11.39
C ALA A 97 3.53 7.43 10.93
N ALA A 98 3.16 7.00 9.73
CA ALA A 98 1.85 7.30 9.18
C ALA A 98 0.74 7.02 10.19
N GLY A 99 0.88 5.89 10.89
CA GLY A 99 -0.12 5.52 11.88
C GLY A 99 -0.65 4.12 11.67
N GLY A 100 0.25 3.18 11.44
CA GLY A 100 -0.16 1.80 11.22
C GLY A 100 -0.12 0.97 12.49
N HIS A 101 -0.27 -0.34 12.35
CA HIS A 101 -0.26 -1.25 13.50
C HIS A 101 -0.12 -2.69 13.05
N ILE A 102 0.81 -3.41 13.66
CA ILE A 102 1.02 -4.82 13.33
C ILE A 102 1.41 -5.62 14.56
N THR A 103 1.08 -6.91 14.53
CA THR A 103 1.39 -7.80 15.66
C THR A 103 2.70 -8.56 15.41
N SER A 104 3.73 -8.21 16.16
CA SER A 104 5.03 -8.86 16.02
C SER A 104 4.92 -10.35 16.29
N GLY A 105 4.47 -10.69 17.50
CA GLY A 105 4.34 -12.09 17.87
C GLY A 105 3.60 -12.27 19.19
N PRO A 106 2.29 -11.99 19.19
CA PRO A 106 1.46 -12.12 20.39
C PRO A 106 1.72 -13.42 21.14
N SER A 107 2.53 -13.34 22.20
CA SER A 107 2.85 -14.52 22.99
C SER A 107 2.23 -14.42 24.39
N SER A 108 1.96 -15.58 24.99
CA SER A 108 1.36 -15.62 26.32
C SER A 108 2.25 -14.93 27.34
N GLY A 1 16.31 -0.13 -20.56
CA GLY A 1 16.94 -1.43 -20.37
C GLY A 1 17.53 -1.59 -18.99
N SER A 2 18.64 -2.32 -18.89
CA SER A 2 19.30 -2.55 -17.62
C SER A 2 18.37 -3.30 -16.65
N SER A 3 17.68 -4.30 -17.17
CA SER A 3 16.76 -5.09 -16.35
C SER A 3 17.46 -6.28 -15.71
N GLY A 4 17.01 -6.66 -14.53
CA GLY A 4 17.62 -7.78 -13.83
C GLY A 4 16.85 -8.17 -12.58
N SER A 5 16.81 -9.47 -12.29
CA SER A 5 16.11 -9.97 -11.11
C SER A 5 16.93 -11.04 -10.39
N SER A 6 16.65 -11.23 -9.11
CA SER A 6 17.36 -12.21 -8.32
C SER A 6 16.69 -13.59 -8.42
N GLY A 7 17.44 -14.63 -8.07
CA GLY A 7 16.91 -15.98 -8.14
C GLY A 7 17.55 -16.90 -7.12
N LYS A 8 17.63 -16.44 -5.87
CA LYS A 8 18.21 -17.22 -4.80
C LYS A 8 17.35 -17.16 -3.54
N PRO A 9 17.31 -18.26 -2.79
CA PRO A 9 16.54 -18.35 -1.54
C PRO A 9 16.72 -17.12 -0.66
N LEU A 10 15.83 -16.14 -0.83
CA LEU A 10 15.88 -14.92 -0.04
C LEU A 10 14.59 -14.71 0.75
N PRO A 11 14.69 -13.97 1.86
CA PRO A 11 13.54 -13.68 2.72
C PRO A 11 12.62 -12.63 2.13
N ILE A 12 11.32 -12.74 2.44
CA ILE A 12 10.34 -11.79 1.93
C ILE A 12 10.75 -10.35 2.24
N ASN A 13 10.58 -9.48 1.25
CA ASN A 13 10.93 -8.07 1.41
C ASN A 13 9.73 -7.27 1.92
N PRO A 14 9.84 -6.80 3.18
CA PRO A 14 8.79 -6.01 3.81
C PRO A 14 8.23 -4.93 2.89
N ASP A 15 9.08 -3.98 2.51
CA ASP A 15 8.68 -2.90 1.63
C ASP A 15 7.64 -3.38 0.62
N ASP A 16 7.89 -4.53 0.02
CA ASP A 16 6.97 -5.09 -0.96
C ASP A 16 5.54 -5.11 -0.43
N LEU A 17 5.36 -5.69 0.75
CA LEU A 17 4.05 -5.76 1.37
C LEU A 17 3.56 -4.38 1.79
N TYR A 18 4.50 -3.52 2.15
CA TYR A 18 4.17 -2.16 2.58
C TYR A 18 4.37 -1.17 1.44
N VAL A 19 3.30 -0.86 0.73
CA VAL A 19 3.36 0.08 -0.39
C VAL A 19 2.62 1.37 -0.06
N SER A 20 2.85 2.40 -0.86
CA SER A 20 2.21 3.69 -0.65
C SER A 20 1.48 4.15 -1.91
N VAL A 21 0.33 4.79 -1.72
CA VAL A 21 -0.47 5.27 -2.83
C VAL A 21 -0.71 6.78 -2.73
N HIS A 22 -0.21 7.51 -3.72
CA HIS A 22 -0.36 8.96 -3.74
C HIS A 22 -1.12 9.41 -4.98
N GLY A 23 -2.22 10.13 -4.77
CA GLY A 23 -3.02 10.60 -5.87
C GLY A 23 -4.44 10.07 -5.85
N MET A 24 -5.11 10.26 -4.72
CA MET A 24 -6.49 9.79 -4.56
C MET A 24 -7.44 10.95 -4.30
N PRO A 25 -8.65 10.86 -4.88
CA PRO A 25 -9.67 11.90 -4.72
C PRO A 25 -9.86 12.31 -3.26
N PHE A 26 -10.81 13.22 -3.02
CA PHE A 26 -11.08 13.70 -1.67
C PHE A 26 -12.06 12.78 -0.96
N SER A 27 -12.82 12.01 -1.74
CA SER A 27 -13.82 11.09 -1.18
C SER A 27 -13.23 9.67 -1.08
N ALA A 28 -12.15 9.43 -1.82
CA ALA A 28 -11.50 8.13 -1.81
C ALA A 28 -11.41 7.57 -0.40
N MET A 29 -12.35 6.70 -0.05
CA MET A 29 -12.36 6.08 1.28
C MET A 29 -11.83 4.65 1.23
N GLU A 30 -11.84 3.98 2.37
CA GLU A 30 -11.37 2.60 2.46
C GLU A 30 -11.97 1.74 1.35
N ASN A 31 -13.28 1.49 1.45
CA ASN A 31 -13.97 0.68 0.46
C ASN A 31 -13.54 1.06 -0.96
N ASP A 32 -13.48 2.36 -1.24
CA ASP A 32 -13.08 2.85 -2.55
C ASP A 32 -11.74 2.24 -2.96
N VAL A 33 -10.82 2.16 -2.02
CA VAL A 33 -9.49 1.61 -2.28
C VAL A 33 -9.60 0.21 -2.90
N ARG A 34 -10.33 -0.66 -2.23
CA ARG A 34 -10.52 -2.03 -2.71
C ARG A 34 -10.74 -2.05 -4.22
N ASP A 35 -11.71 -1.27 -4.68
CA ASP A 35 -12.02 -1.19 -6.11
C ASP A 35 -10.75 -1.27 -6.94
N PHE A 36 -9.70 -0.62 -6.47
CA PHE A 36 -8.42 -0.62 -7.18
C PHE A 36 -7.74 -1.98 -7.09
N PHE A 37 -7.51 -2.44 -5.86
CA PHE A 37 -6.87 -3.73 -5.63
C PHE A 37 -7.90 -4.80 -5.31
N HIS A 38 -9.01 -4.81 -6.05
CA HIS A 38 -10.07 -5.78 -5.83
C HIS A 38 -9.81 -7.06 -6.63
N GLY A 39 -9.38 -8.10 -5.94
CA GLY A 39 -9.10 -9.36 -6.59
C GLY A 39 -7.84 -10.02 -6.06
N LEU A 40 -7.04 -9.26 -5.33
CA LEU A 40 -5.79 -9.77 -4.77
C LEU A 40 -5.93 -10.04 -3.28
N ARG A 41 -4.91 -10.66 -2.69
CA ARG A 41 -4.93 -10.97 -1.26
C ARG A 41 -4.74 -9.71 -0.43
N VAL A 42 -5.84 -9.14 0.05
CA VAL A 42 -5.79 -7.93 0.86
C VAL A 42 -5.69 -8.27 2.35
N ASP A 43 -4.83 -7.54 3.05
CA ASP A 43 -4.63 -7.76 4.47
C ASP A 43 -5.08 -6.55 5.29
N ALA A 44 -4.62 -5.37 4.87
CA ALA A 44 -4.97 -4.13 5.56
C ALA A 44 -4.90 -2.94 4.60
N VAL A 45 -5.51 -1.83 5.00
CA VAL A 45 -5.52 -0.62 4.18
C VAL A 45 -5.48 0.63 5.06
N HIS A 46 -4.48 1.48 4.81
CA HIS A 46 -4.33 2.72 5.57
C HIS A 46 -4.41 3.93 4.65
N LEU A 47 -5.05 4.99 5.13
CA LEU A 47 -5.18 6.21 4.35
C LEU A 47 -5.01 7.45 5.24
N LEU A 48 -3.90 8.15 5.04
CA LEU A 48 -3.61 9.35 5.82
C LEU A 48 -4.78 10.31 5.79
N LYS A 49 -5.03 10.97 6.92
CA LYS A 49 -6.13 11.92 7.03
C LYS A 49 -5.66 13.22 7.69
N ASP A 50 -6.11 14.35 7.15
CA ASP A 50 -5.74 15.65 7.68
C ASP A 50 -5.96 15.69 9.19
N HIS A 51 -5.46 16.76 9.82
CA HIS A 51 -5.59 16.93 11.27
C HIS A 51 -7.03 16.64 11.71
N VAL A 52 -7.98 17.01 10.87
CA VAL A 52 -9.39 16.80 11.17
C VAL A 52 -9.84 15.39 10.78
N GLY A 53 -9.29 14.89 9.68
CA GLY A 53 -9.64 13.56 9.21
C GLY A 53 -10.11 13.56 7.77
N ARG A 54 -9.59 14.49 6.98
CA ARG A 54 -9.97 14.59 5.58
C ARG A 54 -8.90 13.98 4.67
N ASN A 55 -9.33 13.09 3.78
CA ASN A 55 -8.40 12.42 2.87
C ASN A 55 -7.59 13.45 2.08
N ASN A 56 -6.45 13.84 2.63
CA ASN A 56 -5.57 14.81 1.99
C ASN A 56 -5.14 14.32 0.61
N GLY A 57 -4.87 13.02 0.51
CA GLY A 57 -4.45 12.44 -0.75
C GLY A 57 -3.20 11.61 -0.61
N ASN A 58 -3.17 10.73 0.39
CA ASN A 58 -2.02 9.88 0.62
C ASN A 58 -2.37 8.73 1.56
N GLY A 59 -1.92 7.52 1.22
CA GLY A 59 -2.20 6.37 2.04
C GLY A 59 -1.24 5.22 1.77
N LEU A 60 -1.43 4.12 2.50
CA LEU A 60 -0.57 2.95 2.33
C LEU A 60 -1.40 1.67 2.33
N VAL A 61 -0.91 0.66 1.62
CA VAL A 61 -1.60 -0.62 1.53
C VAL A 61 -0.72 -1.77 2.03
N LYS A 62 -1.34 -2.80 2.58
CA LYS A 62 -0.62 -3.95 3.10
C LYS A 62 -1.13 -5.24 2.46
N PHE A 63 -0.21 -6.18 2.23
CA PHE A 63 -0.56 -7.45 1.63
C PHE A 63 0.11 -8.61 2.36
N LEU A 64 -0.57 -9.75 2.41
CA LEU A 64 -0.03 -10.93 3.08
C LEU A 64 1.26 -11.40 2.42
N SER A 65 1.16 -11.78 1.14
CA SER A 65 2.31 -12.26 0.40
C SER A 65 2.87 -11.15 -0.50
N PRO A 66 4.14 -11.28 -0.89
CA PRO A 66 4.82 -10.31 -1.75
C PRO A 66 4.43 -10.47 -3.22
N GLN A 67 3.92 -11.64 -3.56
CA GLN A 67 3.51 -11.93 -4.94
C GLN A 67 2.27 -11.13 -5.31
N ASP A 68 1.29 -11.10 -4.40
CA ASP A 68 0.05 -10.39 -4.63
C ASP A 68 0.32 -8.90 -4.86
N THR A 69 0.99 -8.27 -3.92
CA THR A 69 1.32 -6.85 -4.02
C THR A 69 2.06 -6.55 -5.32
N PHE A 70 2.97 -7.44 -5.69
CA PHE A 70 3.75 -7.27 -6.92
C PHE A 70 2.88 -6.73 -8.04
N GLU A 71 1.61 -7.14 -8.07
CA GLU A 71 0.68 -6.69 -9.09
C GLU A 71 0.34 -5.21 -8.91
N ALA A 72 -0.07 -4.85 -7.70
CA ALA A 72 -0.42 -3.47 -7.39
C ALA A 72 0.65 -2.50 -7.89
N LEU A 73 1.91 -2.90 -7.73
CA LEU A 73 3.02 -2.06 -8.16
C LEU A 73 3.00 -1.85 -9.66
N LYS A 74 2.41 -2.80 -10.38
CA LYS A 74 2.31 -2.71 -11.83
C LYS A 74 1.16 -1.82 -12.25
N ARG A 75 0.20 -1.64 -11.34
CA ARG A 75 -0.97 -0.80 -11.61
C ARG A 75 -0.71 0.64 -11.19
N ASN A 76 0.56 1.01 -11.07
CA ASN A 76 0.93 2.36 -10.66
C ASN A 76 0.66 3.36 -11.78
N ARG A 77 0.33 4.58 -11.40
CA ARG A 77 0.05 5.63 -12.38
C ARG A 77 -1.13 5.26 -13.26
N MET A 78 -2.21 4.78 -12.65
CA MET A 78 -3.40 4.38 -13.37
C MET A 78 -4.51 5.41 -13.21
N LEU A 79 -5.65 5.14 -13.83
CA LEU A 79 -6.80 6.05 -13.76
C LEU A 79 -7.80 5.58 -12.71
N MET A 80 -8.05 6.41 -11.71
CA MET A 80 -8.98 6.08 -10.64
C MET A 80 -9.90 7.27 -10.35
N ILE A 81 -11.18 7.13 -10.69
CA ILE A 81 -12.15 8.18 -10.46
C ILE A 81 -11.64 9.52 -10.96
N GLN A 82 -11.09 9.53 -12.16
CA GLN A 82 -10.56 10.75 -12.76
C GLN A 82 -9.36 11.27 -11.96
N ARG A 83 -8.64 10.35 -11.33
CA ARG A 83 -7.47 10.71 -10.53
C ARG A 83 -6.34 9.71 -10.76
N TYR A 84 -5.12 10.22 -10.85
CA TYR A 84 -3.95 9.38 -11.06
C TYR A 84 -3.35 8.94 -9.73
N VAL A 85 -3.24 7.64 -9.52
CA VAL A 85 -2.68 7.09 -8.29
C VAL A 85 -1.24 6.63 -8.50
N GLU A 86 -0.41 6.86 -7.49
CA GLU A 86 1.00 6.47 -7.57
C GLU A 86 1.29 5.30 -6.63
N VAL A 87 1.37 4.10 -7.20
CA VAL A 87 1.64 2.90 -6.42
C VAL A 87 3.13 2.56 -6.43
N SER A 88 3.75 2.61 -5.25
CA SER A 88 5.17 2.31 -5.13
C SER A 88 5.49 1.77 -3.74
N PRO A 89 6.50 0.90 -3.66
CA PRO A 89 6.93 0.29 -2.40
C PRO A 89 7.14 1.33 -1.30
N ALA A 90 7.09 0.87 -0.05
CA ALA A 90 7.28 1.76 1.09
C ALA A 90 8.19 1.13 2.13
N THR A 91 8.39 1.83 3.24
CA THR A 91 9.25 1.35 4.32
C THR A 91 8.51 1.36 5.65
N GLU A 92 8.69 0.30 6.44
CA GLU A 92 8.05 0.20 7.74
C GLU A 92 8.02 1.55 8.45
N ARG A 93 9.18 2.21 8.48
CA ARG A 93 9.28 3.52 9.13
C ARG A 93 8.16 4.44 8.67
N GLN A 94 7.87 4.41 7.38
CA GLN A 94 6.82 5.26 6.81
C GLN A 94 5.44 4.82 7.30
N TRP A 95 5.20 3.51 7.28
CA TRP A 95 3.92 2.97 7.72
C TRP A 95 3.64 3.34 9.17
N VAL A 96 4.69 3.34 10.00
CA VAL A 96 4.55 3.68 11.41
C VAL A 96 4.31 5.17 11.58
N ALA A 97 5.17 5.99 10.97
CA ALA A 97 5.05 7.44 11.07
C ALA A 97 3.68 7.90 10.61
N ALA A 98 3.23 7.39 9.46
CA ALA A 98 1.93 7.75 8.91
C ALA A 98 0.82 7.53 9.94
N GLY A 99 0.92 6.43 10.68
CA GLY A 99 -0.09 6.12 11.68
C GLY A 99 -0.72 4.76 11.47
N GLY A 100 0.13 3.74 11.27
CA GLY A 100 -0.37 2.40 11.07
C GLY A 100 -0.99 1.80 12.32
N HIS A 101 -1.14 0.49 12.34
CA HIS A 101 -1.73 -0.20 13.48
C HIS A 101 -0.81 -1.32 13.97
N ILE A 102 0.39 -0.95 14.39
CA ILE A 102 1.36 -1.92 14.89
C ILE A 102 1.97 -1.47 16.20
N THR A 103 1.23 -0.64 16.94
CA THR A 103 1.70 -0.14 18.22
C THR A 103 0.58 -0.15 19.26
N SER A 104 0.87 -0.73 20.43
CA SER A 104 -0.12 -0.80 21.50
C SER A 104 0.35 -0.02 22.72
N GLY A 105 -0.60 0.35 23.58
CA GLY A 105 -0.27 1.11 24.77
C GLY A 105 -1.20 0.80 25.93
N PRO A 106 -1.20 -0.47 26.36
CA PRO A 106 -2.05 -0.92 27.48
C PRO A 106 -2.01 0.04 28.66
N SER A 107 -3.08 0.02 29.46
CA SER A 107 -3.17 0.89 30.63
C SER A 107 -3.79 0.15 31.81
N SER A 108 -3.72 0.76 32.98
CA SER A 108 -4.27 0.17 34.20
C SER A 108 -5.65 -0.44 33.92
N GLY A 1 21.55 -4.42 -11.79
CA GLY A 1 21.17 -5.79 -12.09
C GLY A 1 19.71 -6.07 -11.79
N SER A 2 19.15 -7.05 -12.49
CA SER A 2 17.75 -7.41 -12.30
C SER A 2 17.60 -8.92 -12.13
N SER A 3 18.03 -9.67 -13.14
CA SER A 3 17.94 -11.12 -13.09
C SER A 3 18.75 -11.69 -11.92
N GLY A 4 18.12 -11.75 -10.75
CA GLY A 4 18.79 -12.27 -9.58
C GLY A 4 18.59 -13.77 -9.41
N SER A 5 18.54 -14.22 -8.16
CA SER A 5 18.36 -15.63 -7.87
C SER A 5 16.88 -15.97 -7.72
N SER A 6 16.49 -17.13 -8.26
CA SER A 6 15.10 -17.57 -8.19
C SER A 6 15.00 -18.98 -7.63
N GLY A 7 13.86 -19.30 -7.02
CA GLY A 7 13.66 -20.62 -6.46
C GLY A 7 14.67 -20.93 -5.36
N LYS A 8 14.75 -20.05 -4.37
CA LYS A 8 15.68 -20.24 -3.25
C LYS A 8 15.00 -19.90 -1.93
N PRO A 9 15.53 -20.47 -0.83
CA PRO A 9 15.00 -20.25 0.51
C PRO A 9 15.38 -18.87 1.06
N LEU A 10 14.59 -17.87 0.72
CA LEU A 10 14.85 -16.50 1.17
C LEU A 10 13.65 -15.96 1.95
N PRO A 11 13.91 -14.96 2.81
CA PRO A 11 12.87 -14.33 3.64
C PRO A 11 12.01 -13.36 2.83
N ILE A 12 10.82 -13.07 3.35
CA ILE A 12 9.90 -12.16 2.67
C ILE A 12 10.22 -10.71 3.01
N ASN A 13 10.47 -9.91 1.98
CA ASN A 13 10.79 -8.50 2.16
C ASN A 13 9.55 -7.71 2.56
N PRO A 14 9.71 -6.81 3.54
CA PRO A 14 8.62 -5.97 4.03
C PRO A 14 8.30 -4.81 3.09
N ASP A 15 9.34 -4.06 2.71
CA ASP A 15 9.17 -2.93 1.80
C ASP A 15 8.16 -3.25 0.72
N ASP A 16 8.22 -4.47 0.20
CA ASP A 16 7.30 -4.90 -0.85
C ASP A 16 5.86 -4.94 -0.34
N LEU A 17 5.63 -5.74 0.70
CA LEU A 17 4.31 -5.87 1.29
C LEU A 17 3.77 -4.52 1.75
N TYR A 18 4.69 -3.62 2.11
CA TYR A 18 4.31 -2.29 2.56
C TYR A 18 4.53 -1.26 1.47
N VAL A 19 3.44 -0.88 0.80
CA VAL A 19 3.50 0.11 -0.28
C VAL A 19 2.68 1.34 0.05
N SER A 20 2.86 2.40 -0.73
CA SER A 20 2.13 3.65 -0.51
C SER A 20 1.40 4.06 -1.78
N VAL A 21 0.21 4.65 -1.60
CA VAL A 21 -0.59 5.11 -2.72
C VAL A 21 -0.87 6.60 -2.64
N HIS A 22 -0.26 7.37 -3.53
CA HIS A 22 -0.44 8.82 -3.55
C HIS A 22 -1.16 9.25 -4.82
N GLY A 23 -2.34 9.86 -4.64
CA GLY A 23 -3.12 10.32 -5.79
C GLY A 23 -4.53 9.77 -5.78
N MET A 24 -5.23 9.98 -4.67
CA MET A 24 -6.61 9.50 -4.54
C MET A 24 -7.57 10.68 -4.40
N PRO A 25 -8.83 10.46 -4.81
CA PRO A 25 -9.88 11.48 -4.73
C PRO A 25 -9.87 12.23 -3.41
N PHE A 26 -10.24 13.51 -3.45
CA PHE A 26 -10.28 14.33 -2.24
C PHE A 26 -11.11 13.65 -1.15
N SER A 27 -12.08 12.86 -1.56
CA SER A 27 -12.94 12.15 -0.62
C SER A 27 -12.77 10.64 -0.75
N ALA A 28 -11.62 10.23 -1.25
CA ALA A 28 -11.33 8.81 -1.43
C ALA A 28 -11.45 8.06 -0.10
N MET A 29 -12.09 6.89 -0.14
CA MET A 29 -12.27 6.09 1.05
C MET A 29 -11.85 4.63 0.80
N GLU A 30 -12.07 3.78 1.80
CA GLU A 30 -11.70 2.37 1.68
C GLU A 30 -12.21 1.79 0.37
N ASN A 31 -13.53 1.82 0.18
CA ASN A 31 -14.14 1.28 -1.03
C ASN A 31 -13.39 1.74 -2.27
N ASP A 32 -13.02 3.02 -2.29
CA ASP A 32 -12.29 3.59 -3.42
C ASP A 32 -10.98 2.84 -3.65
N VAL A 33 -10.32 2.46 -2.57
CA VAL A 33 -9.07 1.73 -2.65
C VAL A 33 -9.29 0.30 -3.12
N ARG A 34 -10.11 -0.44 -2.37
CA ARG A 34 -10.40 -1.83 -2.71
C ARG A 34 -10.70 -1.97 -4.20
N ASP A 35 -11.55 -1.10 -4.71
CA ASP A 35 -11.92 -1.14 -6.13
C ASP A 35 -10.68 -1.31 -7.00
N PHE A 36 -9.58 -0.70 -6.59
CA PHE A 36 -8.33 -0.79 -7.34
C PHE A 36 -7.64 -2.13 -7.08
N PHE A 37 -7.52 -2.50 -5.81
CA PHE A 37 -6.89 -3.75 -5.43
C PHE A 37 -7.92 -4.84 -5.17
N HIS A 38 -8.99 -4.83 -5.95
CA HIS A 38 -10.06 -5.82 -5.80
C HIS A 38 -9.72 -7.10 -6.56
N GLY A 39 -9.44 -8.16 -5.82
CA GLY A 39 -9.10 -9.43 -6.44
C GLY A 39 -7.72 -9.92 -6.05
N LEU A 40 -7.14 -9.32 -5.02
CA LEU A 40 -5.81 -9.69 -4.56
C LEU A 40 -5.83 -10.05 -3.07
N ARG A 41 -4.66 -10.40 -2.54
CA ARG A 41 -4.55 -10.76 -1.13
C ARG A 41 -4.38 -9.52 -0.26
N VAL A 42 -5.51 -8.85 0.02
CA VAL A 42 -5.49 -7.65 0.84
C VAL A 42 -5.47 -8.00 2.33
N ASP A 43 -4.52 -7.44 3.06
CA ASP A 43 -4.40 -7.68 4.48
C ASP A 43 -4.88 -6.47 5.29
N ALA A 44 -4.48 -5.28 4.85
CA ALA A 44 -4.87 -4.06 5.53
C ALA A 44 -4.75 -2.85 4.60
N VAL A 45 -5.52 -1.81 4.89
CA VAL A 45 -5.51 -0.59 4.08
C VAL A 45 -5.50 0.65 4.95
N HIS A 46 -4.40 1.40 4.91
CA HIS A 46 -4.28 2.61 5.70
C HIS A 46 -4.56 3.85 4.85
N LEU A 47 -5.31 4.79 5.41
CA LEU A 47 -5.65 6.02 4.72
C LEU A 47 -5.44 7.24 5.60
N LEU A 48 -4.46 8.06 5.25
CA LEU A 48 -4.15 9.26 6.02
C LEU A 48 -5.28 10.29 5.88
N LYS A 49 -5.56 10.99 6.97
CA LYS A 49 -6.61 12.01 6.97
C LYS A 49 -6.03 13.39 7.28
N ASP A 50 -6.70 14.42 6.81
CA ASP A 50 -6.25 15.80 7.03
C ASP A 50 -6.35 16.17 8.51
N HIS A 51 -6.04 17.42 8.82
CA HIS A 51 -6.09 17.89 10.20
C HIS A 51 -7.49 17.74 10.77
N VAL A 52 -8.50 17.83 9.90
CA VAL A 52 -9.88 17.70 10.32
C VAL A 52 -10.34 16.25 10.26
N GLY A 53 -9.62 15.43 9.50
CA GLY A 53 -9.96 14.02 9.37
C GLY A 53 -10.52 13.68 8.00
N ARG A 54 -9.92 14.26 6.96
CA ARG A 54 -10.36 14.02 5.59
C ARG A 54 -9.20 13.54 4.73
N ASN A 55 -9.37 12.36 4.12
CA ASN A 55 -8.34 11.79 3.26
C ASN A 55 -8.09 12.68 2.04
N ASN A 56 -7.16 13.61 2.17
CA ASN A 56 -6.83 14.51 1.08
C ASN A 56 -6.42 13.74 -0.17
N GLY A 57 -5.54 12.77 0.02
CA GLY A 57 -5.09 11.96 -1.10
C GLY A 57 -3.75 11.31 -0.83
N ASN A 58 -3.67 10.54 0.25
CA ASN A 58 -2.43 9.86 0.63
C ASN A 58 -2.71 8.73 1.62
N GLY A 59 -2.30 7.52 1.25
CA GLY A 59 -2.52 6.37 2.11
C GLY A 59 -1.53 5.25 1.84
N LEU A 60 -1.65 4.16 2.60
CA LEU A 60 -0.77 3.01 2.43
C LEU A 60 -1.57 1.72 2.33
N VAL A 61 -0.89 0.63 2.01
CA VAL A 61 -1.54 -0.68 1.89
C VAL A 61 -0.57 -1.80 2.23
N LYS A 62 -1.07 -2.79 2.97
CA LYS A 62 -0.26 -3.94 3.37
C LYS A 62 -0.83 -5.23 2.81
N PHE A 63 0.05 -6.16 2.43
CA PHE A 63 -0.37 -7.44 1.89
C PHE A 63 0.34 -8.59 2.59
N LEU A 64 -0.21 -9.80 2.45
CA LEU A 64 0.36 -10.98 3.08
C LEU A 64 1.59 -11.46 2.30
N SER A 65 1.35 -11.87 1.06
CA SER A 65 2.44 -12.37 0.21
C SER A 65 2.90 -11.29 -0.76
N PRO A 66 4.21 -11.27 -1.05
CA PRO A 66 4.82 -10.29 -1.96
C PRO A 66 4.50 -10.59 -3.42
N GLN A 67 3.80 -11.71 -3.66
CA GLN A 67 3.43 -12.09 -5.01
C GLN A 67 2.19 -11.35 -5.47
N ASP A 68 1.22 -11.21 -4.58
CA ASP A 68 -0.02 -10.50 -4.89
C ASP A 68 0.25 -9.01 -5.11
N THR A 69 0.98 -8.40 -4.18
CA THR A 69 1.29 -6.99 -4.27
C THR A 69 1.95 -6.65 -5.61
N PHE A 70 2.86 -7.51 -6.05
CA PHE A 70 3.55 -7.31 -7.32
C PHE A 70 2.59 -6.83 -8.39
N GLU A 71 1.33 -7.24 -8.29
CA GLU A 71 0.32 -6.86 -9.25
C GLU A 71 -0.08 -5.39 -9.08
N ALA A 72 -0.21 -4.96 -7.82
CA ALA A 72 -0.58 -3.59 -7.51
C ALA A 72 0.50 -2.62 -7.98
N LEU A 73 1.75 -2.94 -7.67
CA LEU A 73 2.88 -2.09 -8.05
C LEU A 73 2.91 -1.87 -9.56
N LYS A 74 2.51 -2.90 -10.31
CA LYS A 74 2.48 -2.81 -11.76
C LYS A 74 1.35 -1.90 -12.23
N ARG A 75 0.38 -1.66 -11.36
CA ARG A 75 -0.75 -0.81 -11.68
C ARG A 75 -0.47 0.65 -11.29
N ASN A 76 0.80 0.95 -11.03
CA ASN A 76 1.20 2.30 -10.65
C ASN A 76 0.91 3.29 -11.77
N ARG A 77 0.57 4.52 -11.40
CA ARG A 77 0.27 5.56 -12.37
C ARG A 77 -0.97 5.21 -13.19
N MET A 78 -1.99 4.68 -12.51
CA MET A 78 -3.23 4.29 -13.18
C MET A 78 -4.34 5.28 -12.87
N LEU A 79 -5.53 5.02 -13.41
CA LEU A 79 -6.67 5.89 -13.18
C LEU A 79 -7.55 5.35 -12.05
N MET A 80 -8.25 6.26 -11.37
CA MET A 80 -9.12 5.88 -10.27
C MET A 80 -10.13 6.98 -9.97
N ILE A 81 -11.38 6.75 -10.38
CA ILE A 81 -12.44 7.72 -10.15
C ILE A 81 -12.04 9.11 -10.65
N GLN A 82 -11.46 9.15 -11.85
CA GLN A 82 -11.02 10.41 -12.44
C GLN A 82 -9.84 10.99 -11.68
N ARG A 83 -9.08 10.12 -11.03
CA ARG A 83 -7.91 10.54 -10.26
C ARG A 83 -6.75 9.56 -10.44
N TYR A 84 -5.58 10.09 -10.73
CA TYR A 84 -4.39 9.27 -10.92
C TYR A 84 -3.80 8.83 -9.59
N VAL A 85 -3.52 7.53 -9.47
CA VAL A 85 -2.95 6.99 -8.24
C VAL A 85 -1.49 6.61 -8.44
N GLU A 86 -0.68 6.82 -7.41
CA GLU A 86 0.73 6.49 -7.47
C GLU A 86 1.07 5.33 -6.55
N VAL A 87 1.13 4.13 -7.13
CA VAL A 87 1.43 2.92 -6.37
C VAL A 87 2.92 2.60 -6.41
N SER A 88 3.57 2.61 -5.25
CA SER A 88 4.99 2.32 -5.15
C SER A 88 5.35 1.78 -3.78
N PRO A 89 6.43 1.00 -3.73
CA PRO A 89 6.91 0.38 -2.48
C PRO A 89 7.09 1.42 -1.37
N ALA A 90 6.92 0.98 -0.13
CA ALA A 90 7.06 1.86 1.02
C ALA A 90 8.00 1.25 2.07
N THR A 91 8.17 1.95 3.19
CA THR A 91 9.03 1.48 4.25
C THR A 91 8.35 1.61 5.61
N GLU A 92 8.56 0.62 6.48
CA GLU A 92 7.98 0.63 7.81
C GLU A 92 7.97 2.03 8.40
N ARG A 93 9.09 2.72 8.27
CA ARG A 93 9.22 4.08 8.79
C ARG A 93 8.00 4.92 8.42
N GLN A 94 7.73 5.03 7.13
CA GLN A 94 6.59 5.80 6.64
C GLN A 94 5.29 5.30 7.25
N TRP A 95 5.11 3.98 7.27
CA TRP A 95 3.92 3.36 7.82
C TRP A 95 3.67 3.85 9.24
N VAL A 96 4.68 3.70 10.10
CA VAL A 96 4.58 4.12 11.50
C VAL A 96 4.23 5.60 11.60
N ALA A 97 5.06 6.44 10.99
CA ALA A 97 4.84 7.88 11.02
C ALA A 97 3.42 8.23 10.58
N ALA A 98 3.01 7.69 9.44
CA ALA A 98 1.67 7.94 8.91
C ALA A 98 0.61 7.69 9.98
N GLY A 99 0.78 6.62 10.74
CA GLY A 99 -0.18 6.29 11.78
C GLY A 99 -0.85 4.95 11.55
N GLY A 100 -0.08 3.98 11.06
CA GLY A 100 -0.64 2.66 10.81
C GLY A 100 -1.24 2.03 12.04
N HIS A 101 -1.32 0.70 12.05
CA HIS A 101 -1.88 -0.03 13.19
C HIS A 101 -1.61 -1.53 13.05
N ILE A 102 -0.68 -2.04 13.84
CA ILE A 102 -0.34 -3.45 13.82
C ILE A 102 -0.27 -4.03 15.22
N THR A 103 -0.98 -5.13 15.45
CA THR A 103 -1.00 -5.78 16.75
C THR A 103 -0.99 -7.30 16.60
N SER A 104 -0.32 -7.97 17.54
CA SER A 104 -0.23 -9.42 17.50
C SER A 104 0.24 -9.92 16.14
N GLY A 105 1.25 -9.24 15.59
CA GLY A 105 1.78 -9.62 14.29
C GLY A 105 3.01 -10.49 14.41
N PRO A 106 3.61 -10.83 13.26
CA PRO A 106 4.81 -11.66 13.20
C PRO A 106 6.07 -10.88 13.58
N SER A 107 6.72 -11.32 14.66
CA SER A 107 7.94 -10.67 15.12
C SER A 107 9.16 -11.24 14.43
N SER A 108 10.09 -10.36 14.02
CA SER A 108 11.31 -10.78 13.34
C SER A 108 12.01 -11.88 14.12
N GLY A 1 13.69 -19.83 -20.70
CA GLY A 1 14.65 -19.83 -19.61
C GLY A 1 14.02 -20.16 -18.28
N SER A 2 14.05 -19.21 -17.36
CA SER A 2 13.47 -19.41 -16.03
C SER A 2 13.89 -20.76 -15.45
N SER A 3 15.17 -21.09 -15.63
CA SER A 3 15.71 -22.35 -15.13
C SER A 3 16.94 -22.11 -14.26
N GLY A 4 16.78 -22.31 -12.96
CA GLY A 4 17.88 -22.11 -12.03
C GLY A 4 17.42 -21.67 -10.67
N SER A 5 16.74 -22.57 -9.95
CA SER A 5 16.24 -22.27 -8.61
C SER A 5 16.70 -23.32 -7.61
N SER A 6 17.69 -22.97 -6.80
CA SER A 6 18.23 -23.89 -5.80
C SER A 6 18.23 -23.24 -4.42
N GLY A 7 17.54 -23.88 -3.47
CA GLY A 7 17.48 -23.35 -2.12
C GLY A 7 16.17 -22.64 -1.83
N LYS A 8 15.59 -22.93 -0.67
CA LYS A 8 14.33 -22.31 -0.27
C LYS A 8 14.34 -20.81 -0.54
N PRO A 9 13.21 -20.28 -1.01
CA PRO A 9 13.07 -18.85 -1.31
C PRO A 9 13.62 -17.96 -0.19
N LEU A 10 14.33 -16.91 -0.57
CA LEU A 10 14.90 -15.98 0.40
C LEU A 10 13.81 -15.33 1.25
N PRO A 11 14.17 -14.95 2.47
CA PRO A 11 13.24 -14.31 3.42
C PRO A 11 12.42 -13.20 2.74
N ILE A 12 11.11 -13.24 2.94
CA ILE A 12 10.22 -12.24 2.36
C ILE A 12 10.69 -10.83 2.67
N ASN A 13 10.50 -9.92 1.72
CA ASN A 13 10.91 -8.53 1.90
C ASN A 13 9.72 -7.66 2.27
N PRO A 14 9.66 -7.25 3.55
CA PRO A 14 8.58 -6.40 4.05
C PRO A 14 8.29 -5.22 3.15
N ASP A 15 9.33 -4.46 2.82
CA ASP A 15 9.19 -3.30 1.94
C ASP A 15 8.11 -3.53 0.89
N ASP A 16 8.19 -4.68 0.22
CA ASP A 16 7.22 -5.03 -0.81
C ASP A 16 5.80 -5.06 -0.24
N LEU A 17 5.58 -5.97 0.70
CA LEU A 17 4.26 -6.10 1.33
C LEU A 17 3.72 -4.74 1.75
N TYR A 18 4.62 -3.83 2.12
CA TYR A 18 4.22 -2.49 2.54
C TYR A 18 4.41 -1.49 1.41
N VAL A 19 3.33 -1.23 0.67
CA VAL A 19 3.37 -0.29 -0.44
C VAL A 19 2.69 1.02 -0.08
N SER A 20 2.73 1.98 -1.00
CA SER A 20 2.10 3.27 -0.77
C SER A 20 1.28 3.71 -1.98
N VAL A 21 0.17 4.39 -1.71
CA VAL A 21 -0.70 4.86 -2.79
C VAL A 21 -1.04 6.33 -2.62
N HIS A 22 -0.49 7.16 -3.50
CA HIS A 22 -0.72 8.60 -3.45
C HIS A 22 -1.34 9.09 -4.75
N GLY A 23 -2.56 9.65 -4.66
CA GLY A 23 -3.24 10.15 -5.84
C GLY A 23 -4.68 9.68 -5.91
N MET A 24 -5.41 9.84 -4.80
CA MET A 24 -6.81 9.44 -4.75
C MET A 24 -7.71 10.64 -4.50
N PRO A 25 -8.88 10.64 -5.15
CA PRO A 25 -9.86 11.72 -5.01
C PRO A 25 -10.09 12.12 -3.55
N PHE A 26 -10.87 13.18 -3.36
CA PHE A 26 -11.17 13.66 -2.01
C PHE A 26 -12.31 12.85 -1.38
N SER A 27 -12.98 12.06 -2.21
CA SER A 27 -14.09 11.24 -1.74
C SER A 27 -13.66 9.78 -1.58
N ALA A 28 -12.44 9.48 -2.03
CA ALA A 28 -11.92 8.12 -1.94
C ALA A 28 -11.74 7.71 -0.48
N MET A 29 -12.46 6.66 -0.08
CA MET A 29 -12.38 6.16 1.29
C MET A 29 -11.96 4.70 1.30
N GLU A 30 -11.73 4.16 2.49
CA GLU A 30 -11.32 2.77 2.65
C GLU A 30 -12.03 1.89 1.62
N ASN A 31 -13.28 2.20 1.34
CA ASN A 31 -14.06 1.43 0.37
C ASN A 31 -13.54 1.64 -1.04
N ASP A 32 -13.38 2.90 -1.43
CA ASP A 32 -12.88 3.24 -2.76
C ASP A 32 -11.59 2.50 -3.06
N VAL A 33 -10.66 2.51 -2.09
CA VAL A 33 -9.39 1.83 -2.26
C VAL A 33 -9.58 0.38 -2.70
N ARG A 34 -10.34 -0.37 -1.91
CA ARG A 34 -10.61 -1.77 -2.22
C ARG A 34 -10.84 -1.97 -3.72
N ASP A 35 -11.80 -1.23 -4.26
CA ASP A 35 -12.12 -1.32 -5.68
C ASP A 35 -10.86 -1.48 -6.52
N PHE A 36 -9.79 -0.79 -6.11
CA PHE A 36 -8.52 -0.85 -6.82
C PHE A 36 -7.84 -2.20 -6.59
N PHE A 37 -7.55 -2.50 -5.33
CA PHE A 37 -6.89 -3.75 -4.98
C PHE A 37 -7.90 -4.77 -4.47
N HIS A 38 -9.04 -4.86 -5.16
CA HIS A 38 -10.09 -5.80 -4.78
C HIS A 38 -9.82 -7.18 -5.35
N GLY A 39 -9.28 -7.23 -6.57
CA GLY A 39 -8.98 -8.49 -7.20
C GLY A 39 -7.65 -9.08 -6.74
N LEU A 40 -7.21 -8.65 -5.56
CA LEU A 40 -5.95 -9.14 -5.00
C LEU A 40 -6.10 -9.49 -3.53
N ARG A 41 -5.06 -10.08 -2.96
CA ARG A 41 -5.08 -10.47 -1.55
C ARG A 41 -4.77 -9.28 -0.66
N VAL A 42 -5.81 -8.72 -0.03
CA VAL A 42 -5.65 -7.58 0.85
C VAL A 42 -5.50 -8.03 2.30
N ASP A 43 -4.62 -7.35 3.04
CA ASP A 43 -4.38 -7.68 4.44
C ASP A 43 -4.71 -6.49 5.33
N ALA A 44 -4.19 -5.32 4.96
CA ALA A 44 -4.42 -4.10 5.73
C ALA A 44 -4.39 -2.88 4.83
N VAL A 45 -5.18 -1.86 5.19
CA VAL A 45 -5.24 -0.63 4.41
C VAL A 45 -5.15 0.59 5.32
N HIS A 46 -4.12 1.40 5.11
CA HIS A 46 -3.92 2.60 5.91
C HIS A 46 -4.20 3.85 5.09
N LEU A 47 -4.83 4.84 5.72
CA LEU A 47 -5.16 6.09 5.04
C LEU A 47 -4.85 7.29 5.93
N LEU A 48 -3.96 8.15 5.47
CA LEU A 48 -3.58 9.34 6.21
C LEU A 48 -4.75 10.32 6.33
N LYS A 49 -4.52 11.43 7.02
CA LYS A 49 -5.55 12.43 7.21
C LYS A 49 -4.99 13.84 6.99
N ASP A 50 -5.81 14.85 7.24
CA ASP A 50 -5.41 16.24 7.08
C ASP A 50 -5.18 16.90 8.44
N HIS A 51 -6.27 17.22 9.12
CA HIS A 51 -6.19 17.85 10.44
C HIS A 51 -7.12 17.17 11.43
N VAL A 52 -8.41 17.12 11.08
CA VAL A 52 -9.41 16.50 11.95
C VAL A 52 -9.59 15.03 11.59
N GLY A 53 -9.47 14.71 10.31
CA GLY A 53 -9.63 13.34 9.86
C GLY A 53 -10.32 13.24 8.52
N ARG A 54 -9.81 13.96 7.54
CA ARG A 54 -10.39 13.96 6.19
C ARG A 54 -9.46 13.26 5.21
N ASN A 55 -10.05 12.61 4.20
CA ASN A 55 -9.28 11.89 3.19
C ASN A 55 -8.57 12.88 2.26
N ASN A 56 -7.37 13.30 2.65
CA ASN A 56 -6.60 14.24 1.86
C ASN A 56 -6.30 13.66 0.47
N GLY A 57 -5.82 12.43 0.44
CA GLY A 57 -5.51 11.78 -0.82
C GLY A 57 -4.18 11.05 -0.78
N ASN A 58 -3.84 10.50 0.38
CA ASN A 58 -2.58 9.77 0.54
C ASN A 58 -2.71 8.71 1.63
N GLY A 59 -2.30 7.49 1.29
CA GLY A 59 -2.37 6.40 2.25
C GLY A 59 -1.44 5.25 1.90
N LEU A 60 -1.49 4.19 2.69
CA LEU A 60 -0.64 3.02 2.46
C LEU A 60 -1.47 1.74 2.40
N VAL A 61 -0.88 0.68 1.84
CA VAL A 61 -1.57 -0.59 1.73
C VAL A 61 -0.62 -1.76 2.02
N LYS A 62 -1.08 -2.70 2.84
CA LYS A 62 -0.27 -3.86 3.20
C LYS A 62 -0.89 -5.13 2.64
N PHE A 63 -0.05 -6.01 2.09
CA PHE A 63 -0.52 -7.26 1.52
C PHE A 63 0.04 -8.44 2.31
N LEU A 64 -0.38 -9.65 1.94
CA LEU A 64 0.07 -10.86 2.62
C LEU A 64 1.33 -11.41 1.95
N SER A 65 1.19 -11.87 0.71
CA SER A 65 2.33 -12.42 -0.03
C SER A 65 2.88 -11.39 -1.00
N PRO A 66 4.22 -11.29 -1.05
CA PRO A 66 4.91 -10.35 -1.95
C PRO A 66 4.39 -10.42 -3.38
N GLN A 67 3.84 -11.57 -3.75
CA GLN A 67 3.31 -11.78 -5.09
C GLN A 67 2.14 -10.84 -5.37
N ASP A 68 1.03 -11.07 -4.68
CA ASP A 68 -0.16 -10.24 -4.84
C ASP A 68 0.22 -8.76 -4.96
N THR A 69 1.14 -8.34 -4.10
CA THR A 69 1.59 -6.95 -4.10
C THR A 69 2.03 -6.51 -5.48
N PHE A 70 3.01 -7.23 -6.05
CA PHE A 70 3.52 -6.91 -7.37
C PHE A 70 2.41 -6.38 -8.28
N GLU A 71 1.33 -7.15 -8.37
CA GLU A 71 0.19 -6.77 -9.21
C GLU A 71 -0.09 -5.27 -9.09
N ALA A 72 -0.19 -4.80 -7.84
CA ALA A 72 -0.46 -3.38 -7.60
C ALA A 72 0.68 -2.51 -8.10
N LEU A 73 1.90 -2.85 -7.70
CA LEU A 73 3.08 -2.09 -8.12
C LEU A 73 3.11 -1.92 -9.63
N LYS A 74 2.40 -2.79 -10.34
CA LYS A 74 2.34 -2.74 -11.79
C LYS A 74 1.35 -1.68 -12.26
N ARG A 75 0.32 -1.45 -11.45
CA ARG A 75 -0.70 -0.46 -11.78
C ARG A 75 -0.27 0.93 -11.34
N ASN A 76 1.03 1.11 -11.16
CA ASN A 76 1.58 2.40 -10.74
C ASN A 76 1.31 3.48 -11.79
N ARG A 77 0.92 4.66 -11.33
CA ARG A 77 0.62 5.77 -12.23
C ARG A 77 -0.54 5.43 -13.15
N MET A 78 -1.56 4.77 -12.58
CA MET A 78 -2.74 4.39 -13.36
C MET A 78 -3.90 5.33 -13.08
N LEU A 79 -5.01 5.12 -13.79
CA LEU A 79 -6.20 5.95 -13.61
C LEU A 79 -7.21 5.27 -12.69
N MET A 80 -8.01 6.08 -12.00
CA MET A 80 -9.02 5.56 -11.09
C MET A 80 -9.92 6.68 -10.57
N ILE A 81 -11.14 6.74 -11.08
CA ILE A 81 -12.09 7.76 -10.67
C ILE A 81 -11.67 9.13 -11.16
N GLN A 82 -11.14 9.19 -12.39
CA GLN A 82 -10.70 10.45 -12.98
C GLN A 82 -9.52 11.02 -12.21
N ARG A 83 -8.76 10.14 -11.55
CA ARG A 83 -7.60 10.57 -10.77
C ARG A 83 -6.44 9.59 -10.95
N TYR A 84 -5.22 10.12 -10.92
CA TYR A 84 -4.03 9.29 -11.08
C TYR A 84 -3.49 8.85 -9.73
N VAL A 85 -3.30 7.55 -9.56
CA VAL A 85 -2.77 7.00 -8.32
C VAL A 85 -1.30 6.64 -8.45
N GLU A 86 -0.56 6.80 -7.36
CA GLU A 86 0.86 6.49 -7.36
C GLU A 86 1.16 5.27 -6.49
N VAL A 87 1.30 4.11 -7.12
CA VAL A 87 1.59 2.87 -6.41
C VAL A 87 3.08 2.58 -6.39
N SER A 88 3.66 2.54 -5.20
CA SER A 88 5.09 2.27 -5.05
C SER A 88 5.39 1.70 -3.67
N PRO A 89 6.38 0.80 -3.60
CA PRO A 89 6.79 0.17 -2.34
C PRO A 89 6.99 1.18 -1.22
N ALA A 90 6.94 0.71 0.02
CA ALA A 90 7.12 1.57 1.18
C ALA A 90 7.98 0.89 2.24
N THR A 91 8.44 1.68 3.21
CA THR A 91 9.27 1.16 4.29
C THR A 91 8.60 1.35 5.65
N GLU A 92 8.66 0.32 6.49
CA GLU A 92 8.06 0.38 7.82
C GLU A 92 8.21 1.78 8.41
N ARG A 93 9.42 2.33 8.31
CA ARG A 93 9.70 3.66 8.84
C ARG A 93 8.60 4.65 8.45
N GLN A 94 8.23 4.63 7.17
CA GLN A 94 7.21 5.53 6.66
C GLN A 94 5.84 5.16 7.22
N TRP A 95 5.55 3.86 7.25
CA TRP A 95 4.27 3.37 7.76
C TRP A 95 4.04 3.85 9.19
N VAL A 96 5.12 3.92 9.97
CA VAL A 96 5.03 4.35 11.36
C VAL A 96 5.01 5.88 11.45
N ALA A 97 5.98 6.51 10.80
CA ALA A 97 6.07 7.97 10.81
C ALA A 97 4.77 8.61 10.34
N ALA A 98 4.24 8.11 9.23
CA ALA A 98 2.99 8.63 8.68
C ALA A 98 1.87 8.61 9.72
N GLY A 99 1.85 7.55 10.52
CA GLY A 99 0.83 7.42 11.55
C GLY A 99 0.00 6.16 11.39
N GLY A 100 0.66 5.05 11.06
CA GLY A 100 -0.04 3.80 10.89
C GLY A 100 -0.05 2.97 12.15
N HIS A 101 -0.79 1.86 12.12
CA HIS A 101 -0.89 0.97 13.27
C HIS A 101 -1.33 -0.42 12.84
N ILE A 102 -0.48 -1.42 13.10
CA ILE A 102 -0.79 -2.80 12.74
C ILE A 102 -0.47 -3.75 13.89
N THR A 103 -1.12 -4.91 13.89
CA THR A 103 -0.90 -5.90 14.93
C THR A 103 0.06 -6.99 14.46
N SER A 104 1.15 -6.58 13.84
CA SER A 104 2.15 -7.53 13.34
C SER A 104 1.47 -8.78 12.79
N GLY A 105 0.44 -8.58 11.98
CA GLY A 105 -0.28 -9.70 11.39
C GLY A 105 -1.32 -10.28 12.34
N PRO A 106 -2.28 -11.03 11.77
CA PRO A 106 -3.35 -11.65 12.55
C PRO A 106 -2.85 -12.33 13.81
N SER A 107 -3.66 -12.33 14.86
CA SER A 107 -3.29 -12.95 16.13
C SER A 107 -2.94 -14.43 15.93
N SER A 108 -3.90 -15.19 15.42
CA SER A 108 -3.70 -16.62 15.18
C SER A 108 -2.49 -16.85 14.30
N GLY A 1 16.49 0.42 -14.41
CA GLY A 1 16.59 -0.94 -13.91
C GLY A 1 17.49 -1.05 -12.69
N SER A 2 17.68 -2.27 -12.21
CA SER A 2 18.54 -2.50 -11.05
C SER A 2 18.69 -4.00 -10.78
N SER A 3 19.93 -4.43 -10.56
CA SER A 3 20.21 -5.83 -10.31
C SER A 3 21.64 -6.02 -9.82
N GLY A 4 21.86 -7.03 -8.99
CA GLY A 4 23.19 -7.31 -8.48
C GLY A 4 23.46 -8.79 -8.33
N SER A 5 24.61 -9.12 -7.75
CA SER A 5 25.00 -10.52 -7.56
C SER A 5 24.19 -11.15 -6.44
N SER A 6 24.01 -12.46 -6.53
CA SER A 6 23.25 -13.20 -5.52
C SER A 6 23.92 -14.53 -5.20
N GLY A 7 23.51 -15.14 -4.09
CA GLY A 7 24.07 -16.41 -3.70
C GLY A 7 23.01 -17.42 -3.29
N LYS A 8 22.53 -17.30 -2.05
CA LYS A 8 21.51 -18.19 -1.54
C LYS A 8 20.17 -17.47 -1.39
N PRO A 9 19.08 -18.26 -1.28
CA PRO A 9 17.73 -17.71 -1.13
C PRO A 9 17.67 -16.59 -0.10
N LEU A 10 16.93 -15.54 -0.42
CA LEU A 10 16.79 -14.40 0.49
C LEU A 10 15.37 -14.32 1.04
N PRO A 11 15.23 -13.71 2.23
CA PRO A 11 13.93 -13.54 2.89
C PRO A 11 13.11 -12.42 2.27
N ILE A 12 11.79 -12.61 2.23
CA ILE A 12 10.89 -11.62 1.66
C ILE A 12 11.29 -10.22 2.08
N ASN A 13 11.06 -9.25 1.20
CA ASN A 13 11.41 -7.86 1.48
C ASN A 13 10.17 -7.07 1.89
N PRO A 14 10.04 -6.81 3.20
CA PRO A 14 8.91 -6.06 3.74
C PRO A 14 8.55 -4.85 2.90
N ASP A 15 9.55 -4.04 2.57
CA ASP A 15 9.34 -2.84 1.76
C ASP A 15 8.30 -3.11 0.68
N ASP A 16 8.40 -4.25 0.03
CA ASP A 16 7.46 -4.63 -1.03
C ASP A 16 6.05 -4.75 -0.48
N LEU A 17 5.85 -5.71 0.41
CA LEU A 17 4.54 -5.94 1.01
C LEU A 17 3.92 -4.63 1.48
N TYR A 18 4.77 -3.71 1.94
CA TYR A 18 4.30 -2.41 2.42
C TYR A 18 4.48 -1.34 1.34
N VAL A 19 3.43 -1.09 0.57
CA VAL A 19 3.46 -0.09 -0.48
C VAL A 19 2.70 1.16 -0.08
N SER A 20 2.75 2.18 -0.94
CA SER A 20 2.07 3.44 -0.68
C SER A 20 1.27 3.89 -1.89
N VAL A 21 0.12 4.52 -1.64
CA VAL A 21 -0.74 5.00 -2.70
C VAL A 21 -0.97 6.51 -2.59
N HIS A 22 -0.47 7.26 -3.56
CA HIS A 22 -0.62 8.71 -3.57
C HIS A 22 -1.29 9.17 -4.86
N GLY A 23 -2.38 9.91 -4.72
CA GLY A 23 -3.10 10.42 -5.88
C GLY A 23 -4.55 9.99 -5.90
N MET A 24 -5.23 10.16 -4.77
CA MET A 24 -6.64 9.78 -4.66
C MET A 24 -7.50 11.00 -4.37
N PRO A 25 -8.67 11.07 -5.04
CA PRO A 25 -9.61 12.18 -4.86
C PRO A 25 -9.85 12.51 -3.40
N PHE A 26 -10.55 13.62 -3.15
CA PHE A 26 -10.86 14.05 -1.80
C PHE A 26 -11.88 13.12 -1.15
N SER A 27 -12.79 12.60 -1.97
CA SER A 27 -13.83 11.69 -1.47
C SER A 27 -13.27 10.29 -1.27
N ALA A 28 -12.19 9.97 -1.98
CA ALA A 28 -11.57 8.66 -1.86
C ALA A 28 -11.59 8.16 -0.43
N MET A 29 -12.05 6.92 -0.24
CA MET A 29 -12.12 6.33 1.09
C MET A 29 -11.66 4.88 1.06
N GLU A 30 -11.57 4.27 2.24
CA GLU A 30 -11.14 2.88 2.34
C GLU A 30 -11.80 2.02 1.26
N ASN A 31 -13.12 2.06 1.21
CA ASN A 31 -13.88 1.30 0.23
C ASN A 31 -13.31 1.48 -1.17
N ASP A 32 -13.18 2.73 -1.59
CA ASP A 32 -12.63 3.05 -2.90
C ASP A 32 -11.36 2.25 -3.18
N VAL A 33 -10.42 2.31 -2.23
CA VAL A 33 -9.16 1.60 -2.37
C VAL A 33 -9.38 0.18 -2.89
N ARG A 34 -10.19 -0.59 -2.16
CA ARG A 34 -10.47 -1.97 -2.55
C ARG A 34 -10.72 -2.07 -4.05
N ASP A 35 -11.64 -1.25 -4.54
CA ASP A 35 -11.97 -1.23 -5.97
C ASP A 35 -10.71 -1.37 -6.82
N PHE A 36 -9.64 -0.74 -6.37
CA PHE A 36 -8.37 -0.78 -7.09
C PHE A 36 -7.71 -2.14 -6.96
N PHE A 37 -7.44 -2.55 -5.72
CA PHE A 37 -6.81 -3.83 -5.46
C PHE A 37 -7.86 -4.90 -5.13
N HIS A 38 -8.97 -4.87 -5.86
CA HIS A 38 -10.05 -5.83 -5.65
C HIS A 38 -9.80 -7.11 -6.44
N GLY A 39 -9.29 -8.14 -5.76
CA GLY A 39 -9.01 -9.40 -6.42
C GLY A 39 -7.77 -10.08 -5.87
N LEU A 40 -6.94 -9.32 -5.17
CA LEU A 40 -5.72 -9.85 -4.59
C LEU A 40 -5.89 -10.12 -3.09
N ARG A 41 -4.83 -10.62 -2.47
CA ARG A 41 -4.86 -10.91 -1.04
C ARG A 41 -4.64 -9.65 -0.21
N VAL A 42 -5.74 -9.06 0.26
CA VAL A 42 -5.66 -7.84 1.07
C VAL A 42 -5.59 -8.18 2.55
N ASP A 43 -4.56 -7.67 3.22
CA ASP A 43 -4.37 -7.90 4.65
C ASP A 43 -4.83 -6.70 5.46
N ALA A 44 -4.41 -5.51 5.03
CA ALA A 44 -4.78 -4.29 5.73
C ALA A 44 -4.64 -3.07 4.81
N VAL A 45 -5.30 -1.99 5.16
CA VAL A 45 -5.25 -0.76 4.38
C VAL A 45 -5.30 0.48 5.26
N HIS A 46 -4.31 1.35 5.11
CA HIS A 46 -4.25 2.58 5.90
C HIS A 46 -4.52 3.80 5.02
N LEU A 47 -5.22 4.78 5.58
CA LEU A 47 -5.54 6.00 4.86
C LEU A 47 -5.25 7.23 5.72
N LEU A 48 -4.34 8.07 5.24
CA LEU A 48 -3.97 9.29 5.95
C LEU A 48 -5.10 10.32 5.89
N LYS A 49 -5.14 11.20 6.89
CA LYS A 49 -6.16 12.24 6.94
C LYS A 49 -5.54 13.60 7.27
N ASP A 50 -6.26 14.66 6.94
CA ASP A 50 -5.78 16.02 7.21
C ASP A 50 -5.67 16.27 8.71
N HIS A 51 -5.33 17.50 9.07
CA HIS A 51 -5.18 17.87 10.47
C HIS A 51 -6.48 17.65 11.23
N VAL A 52 -7.60 17.78 10.54
CA VAL A 52 -8.91 17.60 11.16
C VAL A 52 -9.38 16.15 11.00
N GLY A 53 -8.87 15.47 9.97
CA GLY A 53 -9.25 14.10 9.74
C GLY A 53 -10.08 13.93 8.48
N ARG A 54 -9.63 14.55 7.39
CA ARG A 54 -10.34 14.46 6.12
C ARG A 54 -9.53 13.68 5.10
N ASN A 55 -10.21 12.85 4.32
CA ASN A 55 -9.55 12.03 3.30
C ASN A 55 -8.94 12.91 2.22
N ASN A 56 -7.75 13.44 2.50
CA ASN A 56 -7.06 14.30 1.54
C ASN A 56 -6.77 13.55 0.24
N GLY A 57 -6.12 12.39 0.37
CA GLY A 57 -5.79 11.60 -0.80
C GLY A 57 -4.45 10.92 -0.67
N ASN A 58 -4.17 10.36 0.50
CA ASN A 58 -2.91 9.67 0.75
C ASN A 58 -3.11 8.51 1.72
N GLY A 59 -2.58 7.34 1.35
CA GLY A 59 -2.71 6.17 2.19
C GLY A 59 -1.79 5.05 1.77
N LEU A 60 -1.60 4.06 2.65
CA LEU A 60 -0.74 2.93 2.36
C LEU A 60 -1.55 1.64 2.27
N VAL A 61 -0.91 0.58 1.78
CA VAL A 61 -1.56 -0.71 1.65
C VAL A 61 -0.59 -1.85 1.93
N LYS A 62 -1.07 -2.85 2.67
CA LYS A 62 -0.24 -4.01 3.00
C LYS A 62 -0.93 -5.31 2.62
N PHE A 63 -0.14 -6.36 2.40
CA PHE A 63 -0.68 -7.66 2.03
C PHE A 63 0.06 -8.79 2.73
N LEU A 64 -0.34 -10.02 2.45
CA LEU A 64 0.29 -11.18 3.07
C LEU A 64 1.50 -11.64 2.26
N SER A 65 1.26 -12.03 1.00
CA SER A 65 2.33 -12.49 0.13
C SER A 65 2.79 -11.36 -0.80
N PRO A 66 4.06 -11.42 -1.19
CA PRO A 66 4.66 -10.41 -2.08
C PRO A 66 4.21 -10.59 -3.54
N GLN A 67 3.84 -11.81 -3.89
CA GLN A 67 3.39 -12.11 -5.25
C GLN A 67 2.17 -11.27 -5.61
N ASP A 68 1.19 -11.24 -4.72
CA ASP A 68 -0.03 -10.48 -4.94
C ASP A 68 0.25 -8.98 -4.96
N THR A 69 1.13 -8.55 -4.06
CA THR A 69 1.49 -7.14 -3.97
C THR A 69 2.08 -6.64 -5.28
N PHE A 70 3.10 -7.32 -5.76
CA PHE A 70 3.75 -6.95 -7.02
C PHE A 70 2.75 -6.38 -8.00
N GLU A 71 1.62 -7.06 -8.15
CA GLU A 71 0.57 -6.62 -9.07
C GLU A 71 0.25 -5.16 -8.87
N ALA A 72 0.07 -4.76 -7.60
CA ALA A 72 -0.23 -3.38 -7.27
C ALA A 72 0.82 -2.43 -7.82
N LEU A 73 2.09 -2.79 -7.65
CA LEU A 73 3.19 -1.97 -8.14
C LEU A 73 3.19 -1.89 -9.66
N LYS A 74 2.46 -2.80 -10.29
CA LYS A 74 2.37 -2.83 -11.74
C LYS A 74 1.24 -1.93 -12.23
N ARG A 75 0.26 -1.69 -11.36
CA ARG A 75 -0.87 -0.84 -11.71
C ARG A 75 -0.61 0.62 -11.32
N ASN A 76 0.66 0.95 -11.16
CA ASN A 76 1.05 2.31 -10.80
C ASN A 76 0.76 3.28 -11.93
N ARG A 77 0.64 4.56 -11.59
CA ARG A 77 0.36 5.60 -12.58
C ARG A 77 -0.89 5.26 -13.38
N MET A 78 -1.90 4.74 -12.69
CA MET A 78 -3.15 4.37 -13.35
C MET A 78 -4.24 5.42 -13.07
N LEU A 79 -5.42 5.21 -13.64
CA LEU A 79 -6.53 6.12 -13.46
C LEU A 79 -7.50 5.60 -12.40
N MET A 80 -8.19 6.52 -11.74
CA MET A 80 -9.15 6.15 -10.70
C MET A 80 -10.06 7.32 -10.36
N ILE A 81 -11.30 7.26 -10.81
CA ILE A 81 -12.28 8.32 -10.56
C ILE A 81 -11.78 9.66 -11.10
N GLN A 82 -11.27 9.65 -12.33
CA GLN A 82 -10.77 10.86 -12.96
C GLN A 82 -9.55 11.39 -12.22
N ARG A 83 -8.83 10.49 -11.55
CA ARG A 83 -7.63 10.88 -10.80
C ARG A 83 -6.53 9.86 -11.00
N TYR A 84 -5.28 10.33 -10.96
CA TYR A 84 -4.13 9.46 -11.14
C TYR A 84 -3.60 8.98 -9.79
N VAL A 85 -3.42 7.67 -9.66
CA VAL A 85 -2.91 7.08 -8.43
C VAL A 85 -1.47 6.63 -8.58
N GLU A 86 -0.67 6.85 -7.54
CA GLU A 86 0.73 6.47 -7.56
C GLU A 86 0.99 5.27 -6.64
N VAL A 87 1.29 4.13 -7.24
CA VAL A 87 1.56 2.91 -6.47
C VAL A 87 3.05 2.58 -6.47
N SER A 88 3.68 2.72 -5.31
CA SER A 88 5.11 2.43 -5.18
C SER A 88 5.42 1.88 -3.79
N PRO A 89 6.50 1.09 -3.71
CA PRO A 89 6.93 0.48 -2.45
C PRO A 89 7.07 1.50 -1.32
N ALA A 90 6.98 1.03 -0.08
CA ALA A 90 7.09 1.90 1.08
C ALA A 90 7.99 1.27 2.15
N THR A 91 8.17 2.00 3.25
CA THR A 91 9.01 1.51 4.34
C THR A 91 8.26 1.58 5.67
N GLU A 92 8.36 0.51 6.45
CA GLU A 92 7.69 0.45 7.75
C GLU A 92 7.70 1.80 8.43
N ARG A 93 8.86 2.45 8.44
CA ARG A 93 9.00 3.76 9.06
C ARG A 93 7.84 4.67 8.69
N GLN A 94 7.52 4.71 7.39
CA GLN A 94 6.42 5.55 6.91
C GLN A 94 5.08 5.04 7.44
N TRP A 95 4.88 3.73 7.37
CA TRP A 95 3.64 3.13 7.85
C TRP A 95 3.38 3.49 9.31
N VAL A 96 4.39 3.30 10.15
CA VAL A 96 4.26 3.61 11.57
C VAL A 96 3.91 5.07 11.79
N ALA A 97 4.75 5.96 11.27
CA ALA A 97 4.52 7.40 11.40
C ALA A 97 3.13 7.79 10.93
N ALA A 98 2.75 7.31 9.74
CA ALA A 98 1.44 7.60 9.18
C ALA A 98 0.34 7.29 10.19
N GLY A 99 0.50 6.19 10.92
CA GLY A 99 -0.50 5.81 11.90
C GLY A 99 -1.05 4.41 11.64
N GLY A 100 -0.17 3.48 11.28
CA GLY A 100 -0.61 2.13 11.01
C GLY A 100 -0.14 1.15 12.07
N HIS A 101 -1.09 0.46 12.70
CA HIS A 101 -0.77 -0.51 13.73
C HIS A 101 -1.08 -1.93 13.26
N ILE A 102 -0.05 -2.62 12.79
CA ILE A 102 -0.20 -3.99 12.31
C ILE A 102 0.25 -5.00 13.37
N THR A 103 -0.39 -6.16 13.39
CA THR A 103 -0.06 -7.21 14.34
C THR A 103 0.30 -8.50 13.63
N SER A 104 0.17 -8.51 12.30
CA SER A 104 0.48 -9.69 11.51
C SER A 104 1.94 -9.68 11.06
N GLY A 105 2.71 -10.62 11.58
CA GLY A 105 4.12 -10.70 11.23
C GLY A 105 4.78 -11.96 11.77
N PRO A 106 4.72 -13.04 10.99
CA PRO A 106 5.31 -14.33 11.38
C PRO A 106 6.83 -14.34 11.22
N SER A 107 7.35 -13.38 10.47
CA SER A 107 8.79 -13.28 10.24
C SER A 107 9.50 -12.72 11.46
N SER A 108 10.48 -13.46 11.96
CA SER A 108 11.24 -13.05 13.14
C SER A 108 11.66 -11.59 13.01
N GLY A 1 18.94 -6.82 -10.02
CA GLY A 1 19.80 -8.00 -9.92
C GLY A 1 19.82 -8.56 -8.52
N SER A 2 21.01 -8.60 -7.91
CA SER A 2 21.15 -9.14 -6.57
C SER A 2 20.52 -10.52 -6.46
N SER A 3 20.63 -11.30 -7.52
CA SER A 3 20.06 -12.64 -7.55
C SER A 3 20.90 -13.60 -6.70
N GLY A 4 20.33 -14.77 -6.41
CA GLY A 4 21.03 -15.75 -5.61
C GLY A 4 20.18 -16.31 -4.49
N SER A 5 20.60 -16.08 -3.25
CA SER A 5 19.85 -16.58 -2.09
C SER A 5 19.58 -18.07 -2.21
N SER A 6 20.61 -18.82 -2.62
CA SER A 6 20.49 -20.26 -2.78
C SER A 6 21.16 -21.00 -1.62
N GLY A 7 20.36 -21.75 -0.87
CA GLY A 7 20.89 -22.50 0.25
C GLY A 7 19.93 -22.54 1.42
N LYS A 8 19.38 -21.39 1.78
CA LYS A 8 18.44 -21.30 2.89
C LYS A 8 17.23 -20.45 2.52
N PRO A 9 16.06 -20.81 3.05
CA PRO A 9 14.81 -20.10 2.80
C PRO A 9 14.71 -18.78 3.56
N LEU A 10 14.83 -17.68 2.85
CA LEU A 10 14.76 -16.35 3.47
C LEU A 10 13.31 -15.95 3.73
N PRO A 11 13.10 -15.11 4.75
CA PRO A 11 11.77 -14.63 5.12
C PRO A 11 11.21 -13.61 4.13
N ILE A 12 9.91 -13.37 4.18
CA ILE A 12 9.27 -12.41 3.29
C ILE A 12 9.62 -10.98 3.69
N ASN A 13 9.90 -10.15 2.68
CA ASN A 13 10.26 -8.76 2.93
C ASN A 13 9.00 -7.90 3.11
N PRO A 14 9.05 -6.96 4.05
CA PRO A 14 7.94 -6.06 4.35
C PRO A 14 7.84 -4.91 3.35
N ASP A 15 8.98 -4.27 3.08
CA ASP A 15 9.03 -3.15 2.15
C ASP A 15 8.03 -3.36 1.01
N ASP A 16 8.02 -4.55 0.44
CA ASP A 16 7.13 -4.87 -0.66
C ASP A 16 5.67 -4.86 -0.20
N LEU A 17 5.32 -5.83 0.65
CA LEU A 17 3.97 -5.94 1.16
C LEU A 17 3.44 -4.57 1.59
N TYR A 18 4.36 -3.69 2.01
CA TYR A 18 3.98 -2.35 2.45
C TYR A 18 4.25 -1.33 1.35
N VAL A 19 3.18 -0.96 0.63
CA VAL A 19 3.29 0.01 -0.46
C VAL A 19 2.58 1.31 -0.09
N SER A 20 2.66 2.29 -1.00
CA SER A 20 2.01 3.58 -0.78
C SER A 20 1.28 4.03 -2.03
N VAL A 21 0.12 4.67 -1.82
CA VAL A 21 -0.69 5.16 -2.93
C VAL A 21 -0.92 6.66 -2.82
N HIS A 22 -0.44 7.41 -3.82
CA HIS A 22 -0.60 8.86 -3.84
C HIS A 22 -1.32 9.32 -5.10
N GLY A 23 -2.43 10.02 -4.91
CA GLY A 23 -3.20 10.50 -6.06
C GLY A 23 -4.64 10.05 -6.02
N MET A 24 -5.24 10.09 -4.83
CA MET A 24 -6.63 9.68 -4.66
C MET A 24 -7.52 10.88 -4.33
N PRO A 25 -8.73 10.90 -4.91
CA PRO A 25 -9.68 11.99 -4.69
C PRO A 25 -9.85 12.33 -3.21
N PHE A 26 -10.65 13.36 -2.94
CA PHE A 26 -10.87 13.79 -1.57
C PHE A 26 -11.96 12.95 -0.91
N SER A 27 -12.85 12.40 -1.73
CA SER A 27 -13.94 11.57 -1.22
C SER A 27 -13.51 10.10 -1.11
N ALA A 28 -12.40 9.78 -1.76
CA ALA A 28 -11.88 8.41 -1.73
C ALA A 28 -11.80 7.89 -0.29
N MET A 29 -12.37 6.70 -0.07
CA MET A 29 -12.36 6.09 1.25
C MET A 29 -11.86 4.65 1.18
N GLU A 30 -11.79 4.00 2.33
CA GLU A 30 -11.34 2.62 2.41
C GLU A 30 -11.91 1.79 1.26
N ASN A 31 -13.24 1.71 1.21
CA ASN A 31 -13.92 0.95 0.18
C ASN A 31 -13.31 1.23 -1.20
N ASP A 32 -13.23 2.52 -1.54
CA ASP A 32 -12.67 2.92 -2.82
C ASP A 32 -11.35 2.21 -3.09
N VAL A 33 -10.44 2.28 -2.13
CA VAL A 33 -9.14 1.64 -2.26
C VAL A 33 -9.29 0.17 -2.68
N ARG A 34 -10.04 -0.59 -1.89
CA ARG A 34 -10.25 -1.99 -2.18
C ARG A 34 -10.50 -2.22 -3.67
N ASP A 35 -11.48 -1.51 -4.21
CA ASP A 35 -11.83 -1.62 -5.62
C ASP A 35 -10.57 -1.77 -6.48
N PHE A 36 -9.52 -1.05 -6.10
CA PHE A 36 -8.26 -1.09 -6.83
C PHE A 36 -7.57 -2.44 -6.64
N PHE A 37 -7.21 -2.74 -5.39
CA PHE A 37 -6.54 -4.00 -5.08
C PHE A 37 -7.52 -5.02 -4.52
N HIS A 38 -8.68 -5.13 -5.15
CA HIS A 38 -9.71 -6.06 -4.71
C HIS A 38 -9.44 -7.46 -5.26
N GLY A 39 -9.14 -7.54 -6.56
CA GLY A 39 -8.87 -8.82 -7.17
C GLY A 39 -7.73 -9.57 -6.50
N LEU A 40 -7.02 -8.88 -5.63
CA LEU A 40 -5.89 -9.48 -4.91
C LEU A 40 -6.24 -9.69 -3.44
N ARG A 41 -5.33 -10.36 -2.73
CA ARG A 41 -5.54 -10.63 -1.30
C ARG A 41 -5.16 -9.42 -0.47
N VAL A 42 -6.15 -8.85 0.23
CA VAL A 42 -5.92 -7.69 1.08
C VAL A 42 -5.78 -8.08 2.53
N ASP A 43 -4.76 -7.56 3.20
CA ASP A 43 -4.52 -7.86 4.60
C ASP A 43 -4.83 -6.65 5.48
N ALA A 44 -4.32 -5.48 5.08
CA ALA A 44 -4.55 -4.26 5.82
C ALA A 44 -4.54 -3.04 4.91
N VAL A 45 -5.20 -1.97 5.33
CA VAL A 45 -5.26 -0.75 4.54
C VAL A 45 -5.26 0.49 5.44
N HIS A 46 -4.38 1.44 5.13
CA HIS A 46 -4.28 2.67 5.90
C HIS A 46 -4.54 3.89 5.02
N LEU A 47 -5.16 4.91 5.60
CA LEU A 47 -5.46 6.13 4.87
C LEU A 47 -5.22 7.36 5.74
N LEU A 48 -4.37 8.27 5.25
CA LEU A 48 -4.05 9.49 5.98
C LEU A 48 -5.18 10.50 5.86
N LYS A 49 -5.46 11.19 6.97
CA LYS A 49 -6.52 12.18 7.00
C LYS A 49 -5.96 13.56 7.35
N ASP A 50 -6.76 14.60 7.17
CA ASP A 50 -6.36 15.96 7.47
C ASP A 50 -6.72 16.32 8.91
N HIS A 51 -6.44 17.58 9.28
CA HIS A 51 -6.74 18.05 10.62
C HIS A 51 -8.24 18.00 10.89
N VAL A 52 -9.03 17.96 9.83
CA VAL A 52 -10.49 17.91 9.96
C VAL A 52 -11.00 16.47 9.84
N GLY A 53 -10.09 15.56 9.49
CA GLY A 53 -10.48 14.17 9.34
C GLY A 53 -11.01 13.84 7.96
N ARG A 54 -10.38 14.40 6.93
CA ARG A 54 -10.81 14.17 5.56
C ARG A 54 -9.64 13.69 4.70
N ASN A 55 -9.93 12.77 3.79
CA ASN A 55 -8.90 12.23 2.90
C ASN A 55 -8.24 13.34 2.09
N ASN A 56 -6.92 13.43 2.20
CA ASN A 56 -6.17 14.46 1.47
C ASN A 56 -5.66 13.91 0.14
N GLY A 57 -5.20 12.66 0.16
CA GLY A 57 -4.69 12.04 -1.06
C GLY A 57 -3.39 11.31 -0.83
N ASN A 58 -3.34 10.50 0.23
CA ASN A 58 -2.14 9.74 0.56
C ASN A 58 -2.46 8.64 1.56
N GLY A 59 -2.14 7.40 1.18
CA GLY A 59 -2.40 6.27 2.05
C GLY A 59 -1.45 5.12 1.81
N LEU A 60 -1.53 4.10 2.66
CA LEU A 60 -0.66 2.92 2.53
C LEU A 60 -1.49 1.65 2.42
N VAL A 61 -0.91 0.62 1.82
CA VAL A 61 -1.59 -0.66 1.67
C VAL A 61 -0.71 -1.81 2.13
N LYS A 62 -1.34 -2.87 2.62
CA LYS A 62 -0.61 -4.04 3.11
C LYS A 62 -1.25 -5.33 2.59
N PHE A 63 -0.41 -6.32 2.29
CA PHE A 63 -0.89 -7.60 1.78
C PHE A 63 -0.22 -8.76 2.51
N LEU A 64 -0.70 -9.97 2.27
CA LEU A 64 -0.15 -11.15 2.90
C LEU A 64 1.14 -11.59 2.22
N SER A 65 1.03 -11.97 0.95
CA SER A 65 2.19 -12.41 0.17
C SER A 65 2.71 -11.29 -0.73
N PRO A 66 4.01 -11.33 -1.02
CA PRO A 66 4.65 -10.32 -1.88
C PRO A 66 4.33 -10.53 -3.35
N GLN A 67 3.69 -11.64 -3.67
CA GLN A 67 3.33 -11.96 -5.05
C GLN A 67 2.15 -11.11 -5.50
N ASP A 68 1.09 -11.08 -4.70
CA ASP A 68 -0.10 -10.31 -5.03
C ASP A 68 0.23 -8.82 -5.09
N THR A 69 1.01 -8.34 -4.13
CA THR A 69 1.39 -6.93 -4.08
C THR A 69 2.03 -6.50 -5.39
N PHE A 70 3.05 -7.24 -5.83
CA PHE A 70 3.74 -6.92 -7.07
C PHE A 70 2.77 -6.38 -8.12
N GLU A 71 1.66 -7.08 -8.30
CA GLU A 71 0.65 -6.68 -9.27
C GLU A 71 0.31 -5.19 -9.12
N ALA A 72 0.14 -4.76 -7.88
CA ALA A 72 -0.18 -3.37 -7.59
C ALA A 72 0.88 -2.43 -8.15
N LEU A 73 2.14 -2.71 -7.79
CA LEU A 73 3.26 -1.89 -8.24
C LEU A 73 3.27 -1.78 -9.76
N LYS A 74 2.67 -2.76 -10.42
CA LYS A 74 2.60 -2.78 -11.88
C LYS A 74 1.50 -1.86 -12.40
N ARG A 75 0.51 -1.61 -11.55
CA ARG A 75 -0.61 -0.76 -11.91
C ARG A 75 -0.31 0.70 -11.58
N ASN A 76 0.95 0.99 -11.30
CA ASN A 76 1.38 2.34 -10.96
C ASN A 76 1.05 3.31 -12.09
N ARG A 77 0.79 4.56 -11.73
CA ARG A 77 0.45 5.59 -12.71
C ARG A 77 -0.82 5.23 -13.47
N MET A 78 -1.79 4.68 -12.73
CA MET A 78 -3.07 4.29 -13.34
C MET A 78 -4.15 5.33 -13.04
N LEU A 79 -5.34 5.09 -13.58
CA LEU A 79 -6.46 6.01 -13.37
C LEU A 79 -7.38 5.51 -12.26
N MET A 80 -8.12 6.43 -11.66
CA MET A 80 -9.04 6.08 -10.58
C MET A 80 -9.96 7.26 -10.24
N ILE A 81 -11.21 7.15 -10.66
CA ILE A 81 -12.19 8.21 -10.41
C ILE A 81 -11.74 9.54 -11.03
N GLN A 82 -11.24 9.46 -12.25
CA GLN A 82 -10.79 10.65 -12.97
C GLN A 82 -9.56 11.25 -12.29
N ARG A 83 -8.81 10.41 -11.57
CA ARG A 83 -7.61 10.86 -10.87
C ARG A 83 -6.50 9.82 -10.99
N TYR A 84 -5.28 10.31 -11.22
CA TYR A 84 -4.13 9.42 -11.36
C TYR A 84 -3.59 9.01 -9.99
N VAL A 85 -3.28 7.72 -9.85
CA VAL A 85 -2.76 7.19 -8.60
C VAL A 85 -1.31 6.73 -8.76
N GLU A 86 -0.51 6.94 -7.72
CA GLU A 86 0.89 6.54 -7.74
C GLU A 86 1.14 5.38 -6.78
N VAL A 87 1.40 4.20 -7.36
CA VAL A 87 1.65 3.01 -6.56
C VAL A 87 3.15 2.69 -6.51
N SER A 88 3.71 2.67 -5.30
CA SER A 88 5.13 2.37 -5.13
C SER A 88 5.39 1.80 -3.73
N PRO A 89 6.39 0.91 -3.64
CA PRO A 89 6.77 0.28 -2.38
C PRO A 89 6.94 1.28 -1.25
N ALA A 90 6.83 0.81 -0.01
CA ALA A 90 6.97 1.66 1.16
C ALA A 90 7.87 1.02 2.21
N THR A 91 8.10 1.74 3.30
CA THR A 91 8.95 1.24 4.38
C THR A 91 8.24 1.34 5.72
N GLU A 92 8.39 0.30 6.55
CA GLU A 92 7.77 0.29 7.86
C GLU A 92 7.83 1.66 8.52
N ARG A 93 9.00 2.28 8.48
CA ARG A 93 9.21 3.59 9.08
C ARG A 93 8.08 4.54 8.67
N GLN A 94 7.85 4.66 7.36
CA GLN A 94 6.81 5.54 6.84
C GLN A 94 5.44 5.11 7.35
N TRP A 95 5.24 3.80 7.47
CA TRP A 95 3.97 3.26 7.94
C TRP A 95 3.69 3.69 9.38
N VAL A 96 4.70 3.54 10.24
CA VAL A 96 4.57 3.91 11.64
C VAL A 96 4.25 5.39 11.78
N ALA A 97 5.11 6.24 11.23
CA ALA A 97 4.91 7.68 11.30
C ALA A 97 3.52 8.06 10.83
N ALA A 98 3.09 7.51 9.70
CA ALA A 98 1.79 7.80 9.15
C ALA A 98 0.70 7.64 10.20
N GLY A 99 0.83 6.61 11.03
CA GLY A 99 -0.15 6.36 12.08
C GLY A 99 -0.72 4.96 12.01
N GLY A 100 0.12 3.99 11.69
CA GLY A 100 -0.34 2.61 11.59
C GLY A 100 0.00 1.81 12.83
N HIS A 101 -0.80 0.78 13.11
CA HIS A 101 -0.58 -0.07 14.27
C HIS A 101 0.10 -1.38 13.87
N ILE A 102 1.36 -1.52 14.28
CA ILE A 102 2.12 -2.73 13.97
C ILE A 102 2.84 -3.26 15.20
N THR A 103 3.38 -2.35 15.99
CA THR A 103 4.10 -2.72 17.20
C THR A 103 4.82 -4.06 17.03
N SER A 104 5.65 -4.15 16.00
CA SER A 104 6.39 -5.37 15.72
C SER A 104 7.89 -5.10 15.71
N GLY A 105 8.57 -5.51 16.77
CA GLY A 105 10.00 -5.31 16.87
C GLY A 105 10.57 -5.77 18.19
N PRO A 106 11.76 -6.40 18.15
CA PRO A 106 12.43 -6.91 19.35
C PRO A 106 12.46 -5.88 20.47
N SER A 107 11.98 -6.28 21.65
CA SER A 107 11.95 -5.39 22.80
C SER A 107 12.71 -6.00 23.97
N SER A 108 14.03 -5.90 23.94
CA SER A 108 14.87 -6.45 24.99
C SER A 108 15.29 -5.36 25.97
N GLY A 1 14.46 6.77 -10.16
CA GLY A 1 15.87 6.49 -9.99
C GLY A 1 16.11 5.32 -9.04
N SER A 2 16.63 4.23 -9.59
CA SER A 2 16.90 3.03 -8.79
C SER A 2 18.03 2.22 -9.40
N SER A 3 18.85 1.62 -8.54
CA SER A 3 19.98 0.81 -8.99
C SER A 3 20.34 -0.24 -7.95
N GLY A 4 20.21 -1.51 -8.34
CA GLY A 4 20.54 -2.60 -7.43
C GLY A 4 19.44 -3.64 -7.35
N SER A 5 19.81 -4.91 -7.52
CA SER A 5 18.85 -6.00 -7.49
C SER A 5 19.56 -7.35 -7.37
N SER A 6 18.78 -8.40 -7.16
CA SER A 6 19.34 -9.75 -7.02
C SER A 6 18.41 -10.78 -7.65
N GLY A 7 18.99 -11.88 -8.11
CA GLY A 7 18.20 -12.94 -8.72
C GLY A 7 18.28 -14.24 -7.96
N LYS A 8 17.95 -14.20 -6.68
CA LYS A 8 17.99 -15.38 -5.83
C LYS A 8 16.76 -15.44 -4.92
N PRO A 9 16.45 -16.65 -4.42
CA PRO A 9 15.30 -16.87 -3.53
C PRO A 9 15.59 -16.41 -2.10
N LEU A 10 15.07 -15.26 -1.74
CA LEU A 10 15.27 -14.70 -0.40
C LEU A 10 13.93 -14.49 0.30
N PRO A 11 13.96 -14.52 1.64
CA PRO A 11 12.76 -14.33 2.46
C PRO A 11 11.91 -13.15 1.99
N ILE A 12 10.64 -13.14 2.39
CA ILE A 12 9.74 -12.07 2.00
C ILE A 12 10.26 -10.71 2.46
N ASN A 13 10.23 -9.73 1.57
CA ASN A 13 10.69 -8.39 1.88
C ASN A 13 9.54 -7.49 2.34
N PRO A 14 9.54 -7.14 3.63
CA PRO A 14 8.51 -6.29 4.23
C PRO A 14 8.24 -5.04 3.39
N ASP A 15 9.31 -4.36 2.98
CA ASP A 15 9.19 -3.15 2.19
C ASP A 15 8.18 -3.35 1.05
N ASP A 16 8.13 -4.58 0.53
CA ASP A 16 7.21 -4.90 -0.56
C ASP A 16 5.76 -4.90 -0.08
N LEU A 17 5.43 -5.84 0.79
CA LEU A 17 4.08 -5.94 1.33
C LEU A 17 3.55 -4.57 1.76
N TYR A 18 4.47 -3.68 2.11
CA TYR A 18 4.10 -2.34 2.55
C TYR A 18 4.29 -1.34 1.42
N VAL A 19 3.20 -0.98 0.75
CA VAL A 19 3.25 -0.02 -0.34
C VAL A 19 2.47 1.25 -0.01
N SER A 20 2.58 2.25 -0.88
CA SER A 20 1.89 3.52 -0.67
C SER A 20 1.13 3.93 -1.93
N VAL A 21 0.05 4.69 -1.74
CA VAL A 21 -0.77 5.15 -2.86
C VAL A 21 -0.99 6.66 -2.77
N HIS A 22 -0.46 7.38 -3.77
CA HIS A 22 -0.61 8.84 -3.81
C HIS A 22 -1.33 9.26 -5.08
N GLY A 23 -2.38 10.07 -4.92
CA GLY A 23 -3.13 10.54 -6.07
C GLY A 23 -4.57 10.06 -6.05
N MET A 24 -5.24 10.24 -4.92
CA MET A 24 -6.63 9.82 -4.78
C MET A 24 -7.53 11.03 -4.47
N PRO A 25 -8.72 11.04 -5.07
CA PRO A 25 -9.70 12.12 -4.87
C PRO A 25 -9.88 12.47 -3.40
N PHE A 26 -10.28 13.72 -3.14
CA PHE A 26 -10.49 14.17 -1.77
C PHE A 26 -11.53 13.31 -1.07
N SER A 27 -12.53 12.87 -1.81
CA SER A 27 -13.60 12.04 -1.26
C SER A 27 -13.12 10.60 -1.07
N ALA A 28 -12.11 10.22 -1.83
CA ALA A 28 -11.56 8.87 -1.75
C ALA A 28 -11.63 8.34 -0.33
N MET A 29 -12.15 7.12 -0.17
CA MET A 29 -12.26 6.51 1.14
C MET A 29 -11.78 5.06 1.10
N GLU A 30 -11.83 4.39 2.25
CA GLU A 30 -11.40 3.00 2.35
C GLU A 30 -12.06 2.15 1.26
N ASN A 31 -13.38 2.20 1.20
CA ASN A 31 -14.13 1.43 0.21
C ASN A 31 -13.57 1.64 -1.19
N ASP A 32 -13.27 2.90 -1.51
CA ASP A 32 -12.71 3.24 -2.81
C ASP A 32 -11.42 2.47 -3.08
N VAL A 33 -10.55 2.41 -2.07
CA VAL A 33 -9.29 1.70 -2.20
C VAL A 33 -9.49 0.28 -2.70
N ARG A 34 -10.26 -0.50 -1.96
CA ARG A 34 -10.54 -1.89 -2.32
C ARG A 34 -10.79 -2.00 -3.82
N ASP A 35 -11.79 -1.27 -4.31
CA ASP A 35 -12.14 -1.29 -5.72
C ASP A 35 -10.89 -1.46 -6.59
N PHE A 36 -9.81 -0.79 -6.19
CA PHE A 36 -8.56 -0.86 -6.92
C PHE A 36 -7.94 -2.25 -6.82
N PHE A 37 -7.54 -2.63 -5.61
CA PHE A 37 -6.92 -3.93 -5.39
C PHE A 37 -7.98 -4.96 -4.97
N HIS A 38 -9.12 -4.92 -5.64
CA HIS A 38 -10.22 -5.84 -5.34
C HIS A 38 -10.06 -7.14 -6.12
N GLY A 39 -8.81 -7.52 -6.36
CA GLY A 39 -8.54 -8.75 -7.09
C GLY A 39 -7.30 -9.47 -6.59
N LEU A 40 -6.89 -9.15 -5.36
CA LEU A 40 -5.72 -9.77 -4.77
C LEU A 40 -5.97 -10.14 -3.31
N ARG A 41 -4.93 -10.62 -2.64
CA ARG A 41 -5.05 -11.01 -1.24
C ARG A 41 -4.80 -9.82 -0.32
N VAL A 42 -5.88 -9.11 0.03
CA VAL A 42 -5.79 -7.95 0.90
C VAL A 42 -5.73 -8.36 2.36
N ASP A 43 -4.80 -7.78 3.10
CA ASP A 43 -4.65 -8.08 4.52
C ASP A 43 -5.08 -6.90 5.39
N ALA A 44 -4.62 -5.70 5.02
CA ALA A 44 -4.96 -4.50 5.76
C ALA A 44 -4.85 -3.26 4.87
N VAL A 45 -5.52 -2.18 5.27
CA VAL A 45 -5.50 -0.94 4.51
C VAL A 45 -5.41 0.27 5.45
N HIS A 46 -4.50 1.18 5.13
CA HIS A 46 -4.31 2.38 5.94
C HIS A 46 -4.47 3.63 5.09
N LEU A 47 -5.10 4.66 5.66
CA LEU A 47 -5.33 5.91 4.95
C LEU A 47 -5.04 7.11 5.85
N LEU A 48 -4.24 8.04 5.34
CA LEU A 48 -3.88 9.24 6.10
C LEU A 48 -5.00 10.27 6.05
N LYS A 49 -5.02 11.15 7.03
CA LYS A 49 -6.04 12.20 7.11
C LYS A 49 -5.39 13.58 7.23
N ASP A 50 -6.20 14.62 7.06
CA ASP A 50 -5.71 15.99 7.15
C ASP A 50 -5.97 16.56 8.53
N HIS A 51 -5.64 17.85 8.70
CA HIS A 51 -5.83 18.51 9.99
C HIS A 51 -7.28 18.37 10.46
N VAL A 52 -8.21 18.36 9.50
CA VAL A 52 -9.62 18.23 9.82
C VAL A 52 -10.08 16.77 9.73
N GLY A 53 -9.12 15.85 9.84
CA GLY A 53 -9.45 14.44 9.77
C GLY A 53 -10.08 14.06 8.44
N ARG A 54 -9.56 14.61 7.36
CA ARG A 54 -10.08 14.33 6.03
C ARG A 54 -8.98 13.82 5.11
N ASN A 55 -9.30 12.79 4.32
CA ASN A 55 -8.33 12.19 3.41
C ASN A 55 -7.85 13.23 2.40
N ASN A 56 -6.54 13.48 2.39
CA ASN A 56 -5.95 14.44 1.46
C ASN A 56 -5.62 13.78 0.13
N GLY A 57 -5.02 12.59 0.19
CA GLY A 57 -4.67 11.88 -1.02
C GLY A 57 -3.40 11.06 -0.86
N ASN A 58 -3.26 10.41 0.29
CA ASN A 58 -2.08 9.60 0.56
C ASN A 58 -2.40 8.52 1.60
N GLY A 59 -2.14 7.26 1.24
CA GLY A 59 -2.41 6.16 2.14
C GLY A 59 -1.44 5.01 1.95
N LEU A 60 -1.58 3.98 2.78
CA LEU A 60 -0.71 2.81 2.70
C LEU A 60 -1.52 1.53 2.65
N VAL A 61 -0.96 0.49 2.04
CA VAL A 61 -1.63 -0.80 1.93
C VAL A 61 -0.69 -1.94 2.29
N LYS A 62 -1.25 -2.98 2.91
CA LYS A 62 -0.47 -4.14 3.31
C LYS A 62 -1.03 -5.43 2.69
N PHE A 63 -0.15 -6.37 2.40
CA PHE A 63 -0.56 -7.64 1.81
C PHE A 63 0.07 -8.81 2.54
N LEU A 64 -0.33 -10.02 2.18
CA LEU A 64 0.19 -11.23 2.81
C LEU A 64 1.51 -11.64 2.17
N SER A 65 1.46 -12.00 0.89
CA SER A 65 2.64 -12.41 0.16
C SER A 65 3.19 -11.27 -0.69
N PRO A 66 4.50 -11.32 -0.97
CA PRO A 66 5.18 -10.29 -1.78
C PRO A 66 4.84 -10.41 -3.26
N GLN A 67 4.12 -11.46 -3.61
CA GLN A 67 3.73 -11.69 -5.01
C GLN A 67 2.56 -10.79 -5.40
N ASP A 68 1.41 -11.03 -4.78
CA ASP A 68 0.22 -10.24 -5.06
C ASP A 68 0.54 -8.75 -5.08
N THR A 69 1.29 -8.30 -4.09
CA THR A 69 1.68 -6.90 -3.99
C THR A 69 2.20 -6.37 -5.33
N PHE A 70 3.16 -7.09 -5.90
CA PHE A 70 3.75 -6.71 -7.18
C PHE A 70 2.66 -6.34 -8.18
N GLU A 71 1.64 -7.19 -8.30
CA GLU A 71 0.55 -6.95 -9.22
C GLU A 71 0.05 -5.52 -9.12
N ALA A 72 0.12 -4.95 -7.92
CA ALA A 72 -0.32 -3.59 -7.67
C ALA A 72 0.75 -2.59 -8.11
N LEU A 73 1.98 -2.81 -7.68
CA LEU A 73 3.09 -1.93 -8.02
C LEU A 73 3.19 -1.74 -9.53
N LYS A 74 2.83 -2.79 -10.27
CA LYS A 74 2.87 -2.73 -11.73
C LYS A 74 1.71 -1.92 -12.28
N ARG A 75 0.69 -1.71 -11.45
CA ARG A 75 -0.49 -0.96 -11.87
C ARG A 75 -0.31 0.53 -11.55
N ASN A 76 0.92 0.92 -11.27
CA ASN A 76 1.22 2.32 -10.95
C ASN A 76 0.84 3.23 -12.11
N ARG A 77 0.63 4.50 -11.80
CA ARG A 77 0.26 5.48 -12.82
C ARG A 77 -1.04 5.07 -13.52
N MET A 78 -1.99 4.56 -12.75
CA MET A 78 -3.27 4.12 -13.30
C MET A 78 -4.35 5.17 -13.04
N LEU A 79 -5.53 4.93 -13.60
CA LEU A 79 -6.65 5.85 -13.43
C LEU A 79 -7.59 5.38 -12.32
N MET A 80 -8.24 6.32 -11.65
CA MET A 80 -9.16 6.00 -10.58
C MET A 80 -10.08 7.18 -10.28
N ILE A 81 -11.33 7.07 -10.71
CA ILE A 81 -12.31 8.14 -10.48
C ILE A 81 -11.82 9.46 -11.04
N GLN A 82 -11.41 9.43 -12.32
CA GLN A 82 -10.92 10.64 -12.98
C GLN A 82 -9.70 11.19 -12.26
N ARG A 83 -8.96 10.31 -11.59
CA ARG A 83 -7.76 10.73 -10.86
C ARG A 83 -6.63 9.71 -11.06
N TYR A 84 -5.40 10.21 -11.10
CA TYR A 84 -4.24 9.34 -11.28
C TYR A 84 -3.68 8.90 -9.94
N VAL A 85 -3.50 7.59 -9.78
CA VAL A 85 -2.97 7.03 -8.53
C VAL A 85 -1.53 6.59 -8.71
N GLU A 86 -0.71 6.80 -7.68
CA GLU A 86 0.69 6.42 -7.72
C GLU A 86 0.98 5.28 -6.75
N VAL A 87 1.24 4.10 -7.31
CA VAL A 87 1.53 2.92 -6.50
C VAL A 87 3.03 2.64 -6.45
N SER A 88 3.59 2.67 -5.25
CA SER A 88 5.02 2.41 -5.06
C SER A 88 5.29 1.85 -3.67
N PRO A 89 6.32 0.99 -3.58
CA PRO A 89 6.72 0.37 -2.31
C PRO A 89 6.85 1.38 -1.18
N ALA A 90 6.81 0.89 0.05
CA ALA A 90 6.93 1.75 1.22
C ALA A 90 7.79 1.09 2.29
N THR A 91 8.32 1.91 3.20
CA THR A 91 9.16 1.41 4.28
C THR A 91 8.43 1.43 5.61
N GLU A 92 8.63 0.40 6.42
CA GLU A 92 7.98 0.29 7.71
C GLU A 92 7.95 1.65 8.41
N ARG A 93 9.10 2.32 8.44
CA ARG A 93 9.20 3.63 9.08
C ARG A 93 8.05 4.53 8.66
N GLN A 94 7.69 4.47 7.38
CA GLN A 94 6.60 5.29 6.85
C GLN A 94 5.26 4.79 7.38
N TRP A 95 5.10 3.48 7.45
CA TRP A 95 3.87 2.88 7.93
C TRP A 95 3.61 3.24 9.40
N VAL A 96 4.67 3.22 10.19
CA VAL A 96 4.56 3.55 11.61
C VAL A 96 4.34 5.04 11.82
N ALA A 97 5.26 5.84 11.28
CA ALA A 97 5.16 7.29 11.40
C ALA A 97 3.84 7.80 10.85
N ALA A 98 3.39 7.21 9.74
CA ALA A 98 2.14 7.60 9.12
C ALA A 98 0.97 7.48 10.10
N GLY A 99 0.99 6.42 10.90
CA GLY A 99 -0.07 6.20 11.86
C GLY A 99 -0.70 4.83 11.73
N GLY A 100 0.13 3.81 11.54
CA GLY A 100 -0.38 2.45 11.39
C GLY A 100 -0.71 1.82 12.72
N HIS A 101 -1.21 0.59 12.68
CA HIS A 101 -1.57 -0.14 13.89
C HIS A 101 -0.97 -1.53 13.89
N ILE A 102 0.22 -1.65 14.48
CA ILE A 102 0.91 -2.94 14.55
C ILE A 102 1.59 -3.13 15.90
N THR A 103 1.91 -4.37 16.22
CA THR A 103 2.56 -4.69 17.49
C THR A 103 3.79 -5.57 17.27
N SER A 104 4.82 -5.36 18.09
CA SER A 104 6.05 -6.14 17.98
C SER A 104 6.01 -7.36 18.91
N GLY A 105 6.57 -8.46 18.42
CA GLY A 105 6.58 -9.68 19.21
C GLY A 105 5.56 -10.70 18.73
N PRO A 106 5.91 -11.99 18.82
CA PRO A 106 5.03 -13.08 18.38
C PRO A 106 3.96 -13.39 19.42
N SER A 107 2.70 -13.20 19.03
CA SER A 107 1.58 -13.46 19.94
C SER A 107 0.78 -14.67 19.47
N SER A 108 0.68 -15.67 20.34
CA SER A 108 -0.06 -16.89 20.02
C SER A 108 -1.11 -17.20 21.08
N GLY A 1 21.23 -3.96 -6.66
CA GLY A 1 21.07 -5.34 -7.09
C GLY A 1 19.62 -5.70 -7.33
N SER A 2 19.29 -6.03 -8.57
CA SER A 2 17.93 -6.40 -8.93
C SER A 2 17.78 -7.91 -9.06
N SER A 3 17.15 -8.52 -8.05
CA SER A 3 16.95 -9.96 -8.05
C SER A 3 18.17 -10.69 -8.59
N GLY A 4 19.35 -10.27 -8.15
CA GLY A 4 20.59 -10.88 -8.61
C GLY A 4 21.33 -11.61 -7.50
N SER A 5 20.61 -12.47 -6.78
CA SER A 5 21.21 -13.22 -5.69
C SER A 5 20.72 -14.66 -5.69
N SER A 6 21.65 -15.60 -5.59
CA SER A 6 21.32 -17.02 -5.58
C SER A 6 21.78 -17.68 -4.29
N GLY A 7 20.95 -18.57 -3.76
CA GLY A 7 21.29 -19.26 -2.52
C GLY A 7 20.55 -18.70 -1.32
N LYS A 8 21.29 -18.10 -0.39
CA LYS A 8 20.70 -17.53 0.81
C LYS A 8 19.32 -16.96 0.51
N PRO A 9 18.28 -17.76 0.80
CA PRO A 9 16.89 -17.36 0.59
C PRO A 9 16.39 -16.36 1.63
N LEU A 10 16.76 -15.10 1.45
CA LEU A 10 16.35 -14.05 2.38
C LEU A 10 14.84 -14.07 2.60
N PRO A 11 14.41 -13.58 3.78
CA PRO A 11 12.99 -13.53 4.13
C PRO A 11 12.25 -12.41 3.41
N ILE A 12 10.98 -12.63 3.13
CA ILE A 12 10.16 -11.64 2.44
C ILE A 12 10.46 -10.23 2.96
N ASN A 13 10.54 -9.28 2.03
CA ASN A 13 10.82 -7.89 2.38
C ASN A 13 9.54 -7.10 2.54
N PRO A 14 9.20 -6.75 3.78
CA PRO A 14 7.99 -5.98 4.10
C PRO A 14 7.77 -4.82 3.13
N ASP A 15 8.82 -4.05 2.89
CA ASP A 15 8.75 -2.91 1.99
C ASP A 15 7.86 -3.22 0.80
N ASP A 16 8.00 -4.43 0.26
CA ASP A 16 7.20 -4.86 -0.89
C ASP A 16 5.72 -4.95 -0.52
N LEU A 17 5.43 -5.72 0.52
CA LEU A 17 4.06 -5.89 0.99
C LEU A 17 3.47 -4.58 1.48
N TYR A 18 4.35 -3.62 1.79
CA TYR A 18 3.92 -2.31 2.27
C TYR A 18 4.15 -1.24 1.20
N VAL A 19 3.09 -0.90 0.49
CA VAL A 19 3.17 0.12 -0.55
C VAL A 19 2.26 1.31 -0.24
N SER A 20 2.59 2.46 -0.82
CA SER A 20 1.81 3.67 -0.60
C SER A 20 1.08 4.09 -1.88
N VAL A 21 -0.02 4.81 -1.72
CA VAL A 21 -0.80 5.28 -2.86
C VAL A 21 -1.07 6.78 -2.77
N HIS A 22 -0.50 7.53 -3.71
CA HIS A 22 -0.68 8.98 -3.74
C HIS A 22 -1.34 9.41 -5.04
N GLY A 23 -2.46 10.13 -4.91
CA GLY A 23 -3.18 10.60 -6.08
C GLY A 23 -4.62 10.12 -6.11
N MET A 24 -5.32 10.30 -5.00
CA MET A 24 -6.72 9.88 -4.90
C MET A 24 -7.62 11.08 -4.59
N PRO A 25 -8.82 11.07 -5.21
CA PRO A 25 -9.80 12.14 -5.01
C PRO A 25 -9.99 12.51 -3.55
N PHE A 26 -10.45 13.73 -3.31
CA PHE A 26 -10.68 14.21 -1.95
C PHE A 26 -11.80 13.45 -1.28
N SER A 27 -12.51 12.64 -2.06
CA SER A 27 -13.62 11.85 -1.54
C SER A 27 -13.22 10.39 -1.37
N ALA A 28 -12.05 10.03 -1.92
CA ALA A 28 -11.55 8.66 -1.83
C ALA A 28 -11.46 8.22 -0.37
N MET A 29 -11.89 6.98 -0.11
CA MET A 29 -11.85 6.44 1.24
C MET A 29 -11.36 4.99 1.22
N GLU A 30 -11.15 4.43 2.40
CA GLU A 30 -10.68 3.06 2.53
C GLU A 30 -11.42 2.14 1.56
N ASN A 31 -12.72 2.35 1.43
CA ASN A 31 -13.54 1.54 0.54
C ASN A 31 -13.06 1.66 -0.90
N ASP A 32 -13.07 2.89 -1.42
CA ASP A 32 -12.63 3.14 -2.78
C ASP A 32 -11.31 2.42 -3.08
N VAL A 33 -10.37 2.56 -2.16
CA VAL A 33 -9.06 1.93 -2.31
C VAL A 33 -9.20 0.47 -2.74
N ARG A 34 -9.88 -0.32 -1.92
CA ARG A 34 -10.09 -1.72 -2.22
C ARG A 34 -10.37 -1.94 -3.70
N ASP A 35 -11.38 -1.24 -4.21
CA ASP A 35 -11.75 -1.34 -5.61
C ASP A 35 -10.52 -1.56 -6.49
N PHE A 36 -9.44 -0.85 -6.17
CA PHE A 36 -8.20 -0.96 -6.92
C PHE A 36 -7.58 -2.35 -6.75
N PHE A 37 -7.18 -2.66 -5.52
CA PHE A 37 -6.57 -3.95 -5.21
C PHE A 37 -7.58 -4.90 -4.60
N HIS A 38 -8.76 -4.97 -5.21
CA HIS A 38 -9.82 -5.85 -4.71
C HIS A 38 -9.66 -7.26 -5.26
N GLY A 39 -9.16 -7.36 -6.49
CA GLY A 39 -8.98 -8.65 -7.12
C GLY A 39 -7.66 -9.31 -6.70
N LEU A 40 -7.18 -8.95 -5.52
CA LEU A 40 -5.93 -9.51 -5.01
C LEU A 40 -6.06 -9.86 -3.53
N ARG A 41 -5.01 -10.45 -2.97
CA ARG A 41 -5.00 -10.84 -1.57
C ARG A 41 -4.75 -9.63 -0.67
N VAL A 42 -5.84 -9.05 -0.16
CA VAL A 42 -5.74 -7.89 0.71
C VAL A 42 -5.59 -8.31 2.17
N ASP A 43 -4.67 -7.64 2.87
CA ASP A 43 -4.43 -7.95 4.27
C ASP A 43 -4.92 -6.81 5.17
N ALA A 44 -4.52 -5.58 4.83
CA ALA A 44 -4.90 -4.41 5.60
C ALA A 44 -4.89 -3.16 4.73
N VAL A 45 -5.56 -2.11 5.20
CA VAL A 45 -5.62 -0.85 4.47
C VAL A 45 -5.56 0.34 5.42
N HIS A 46 -4.63 1.25 5.15
CA HIS A 46 -4.46 2.44 5.99
C HIS A 46 -4.63 3.70 5.17
N LEU A 47 -5.19 4.74 5.79
CA LEU A 47 -5.41 6.02 5.11
C LEU A 47 -4.97 7.18 5.99
N LEU A 48 -4.64 8.30 5.36
CA LEU A 48 -4.21 9.49 6.08
C LEU A 48 -5.24 10.60 5.98
N LYS A 49 -5.11 11.61 6.82
CA LYS A 49 -6.04 12.75 6.82
C LYS A 49 -5.32 14.04 6.44
N ASP A 50 -6.05 15.14 6.45
CA ASP A 50 -5.48 16.44 6.11
C ASP A 50 -5.56 17.39 7.30
N HIS A 51 -5.06 18.61 7.11
CA HIS A 51 -5.07 19.62 8.16
C HIS A 51 -6.43 19.66 8.86
N VAL A 52 -7.49 19.72 8.06
CA VAL A 52 -8.85 19.77 8.61
C VAL A 52 -9.28 18.40 9.13
N GLY A 53 -8.58 17.36 8.70
CA GLY A 53 -8.90 16.02 9.13
C GLY A 53 -9.72 15.26 8.11
N ARG A 54 -9.52 15.58 6.83
CA ARG A 54 -10.26 14.93 5.75
C ARG A 54 -9.30 14.26 4.78
N ASN A 55 -9.73 13.13 4.21
CA ASN A 55 -8.91 12.39 3.27
C ASN A 55 -8.41 13.30 2.15
N ASN A 56 -7.10 13.53 2.12
CA ASN A 56 -6.50 14.38 1.10
C ASN A 56 -6.15 13.58 -0.16
N GLY A 57 -5.46 12.47 0.03
CA GLY A 57 -5.08 11.64 -1.10
C GLY A 57 -3.79 10.88 -0.86
N ASN A 58 -3.69 10.26 0.31
CA ASN A 58 -2.49 9.49 0.67
C ASN A 58 -2.85 8.34 1.60
N GLY A 59 -2.57 7.12 1.17
CA GLY A 59 -2.86 5.96 1.98
C GLY A 59 -1.86 4.84 1.77
N LEU A 60 -1.75 3.95 2.75
CA LEU A 60 -0.82 2.82 2.68
C LEU A 60 -1.57 1.50 2.62
N VAL A 61 -1.13 0.61 1.74
CA VAL A 61 -1.74 -0.70 1.59
C VAL A 61 -0.80 -1.82 2.01
N LYS A 62 -1.35 -2.86 2.61
CA LYS A 62 -0.56 -4.00 3.06
C LYS A 62 -1.12 -5.31 2.50
N PHE A 63 -0.22 -6.20 2.12
CA PHE A 63 -0.61 -7.49 1.57
C PHE A 63 0.06 -8.64 2.33
N LEU A 64 -0.44 -9.86 2.12
CA LEU A 64 0.10 -11.03 2.78
C LEU A 64 1.36 -11.51 2.08
N SER A 65 1.20 -12.01 0.85
CA SER A 65 2.32 -12.51 0.07
C SER A 65 2.85 -11.43 -0.87
N PRO A 66 4.14 -11.54 -1.23
CA PRO A 66 4.80 -10.59 -2.12
C PRO A 66 4.40 -10.79 -3.58
N GLN A 67 3.80 -11.94 -3.87
CA GLN A 67 3.37 -12.26 -5.22
C GLN A 67 2.17 -11.40 -5.64
N ASP A 68 1.18 -11.31 -4.76
CA ASP A 68 -0.01 -10.52 -5.03
C ASP A 68 0.32 -9.05 -5.13
N THR A 69 0.98 -8.51 -4.10
CA THR A 69 1.36 -7.11 -4.08
C THR A 69 2.12 -6.73 -5.34
N PHE A 70 3.09 -7.55 -5.71
CA PHE A 70 3.89 -7.29 -6.90
C PHE A 70 3.03 -6.79 -8.05
N GLU A 71 1.78 -7.24 -8.09
CA GLU A 71 0.84 -6.82 -9.13
C GLU A 71 0.46 -5.36 -8.97
N ALA A 72 0.16 -4.96 -7.75
CA ALA A 72 -0.23 -3.58 -7.46
C ALA A 72 0.86 -2.61 -7.92
N LEU A 73 2.11 -2.97 -7.69
CA LEU A 73 3.24 -2.13 -8.07
C LEU A 73 3.26 -1.91 -9.58
N LYS A 74 2.70 -2.88 -10.32
CA LYS A 74 2.66 -2.80 -11.78
C LYS A 74 1.46 -1.97 -12.24
N ARG A 75 0.61 -1.60 -11.29
CA ARG A 75 -0.58 -0.82 -11.60
C ARG A 75 -0.36 0.66 -11.24
N ASN A 76 0.88 1.02 -11.01
CA ASN A 76 1.23 2.40 -10.67
C ASN A 76 0.92 3.34 -11.82
N ARG A 77 0.70 4.62 -11.49
CA ARG A 77 0.39 5.62 -12.51
C ARG A 77 -0.86 5.25 -13.28
N MET A 78 -1.83 4.65 -12.59
CA MET A 78 -3.07 4.23 -13.22
C MET A 78 -4.19 5.23 -12.93
N LEU A 79 -5.37 4.97 -13.47
CA LEU A 79 -6.52 5.85 -13.28
C LEU A 79 -7.44 5.31 -12.19
N MET A 80 -8.23 6.19 -11.59
CA MET A 80 -9.16 5.80 -10.54
C MET A 80 -10.13 6.93 -10.21
N ILE A 81 -11.38 6.78 -10.62
CA ILE A 81 -12.40 7.80 -10.38
C ILE A 81 -12.00 9.14 -10.99
N GLN A 82 -11.47 9.08 -12.22
CA GLN A 82 -11.06 10.28 -12.93
C GLN A 82 -9.84 10.91 -12.27
N ARG A 83 -9.05 10.09 -11.59
CA ARG A 83 -7.86 10.56 -10.91
C ARG A 83 -6.70 9.57 -11.08
N TYR A 84 -5.48 10.09 -11.04
CA TYR A 84 -4.29 9.25 -11.20
C TYR A 84 -3.71 8.87 -9.84
N VAL A 85 -3.49 7.58 -9.64
CA VAL A 85 -2.94 7.08 -8.39
C VAL A 85 -1.47 6.71 -8.54
N GLU A 86 -0.70 6.91 -7.48
CA GLU A 86 0.73 6.60 -7.51
C GLU A 86 1.04 5.43 -6.56
N VAL A 87 1.18 4.24 -7.12
CA VAL A 87 1.49 3.06 -6.33
C VAL A 87 2.98 2.76 -6.31
N SER A 88 3.59 2.89 -5.14
CA SER A 88 5.02 2.65 -5.00
C SER A 88 5.33 2.00 -3.66
N PRO A 89 6.40 1.20 -3.62
CA PRO A 89 6.83 0.50 -2.39
C PRO A 89 6.97 1.45 -1.20
N ALA A 90 6.89 0.90 0.00
CA ALA A 90 7.00 1.69 1.22
C ALA A 90 7.98 1.05 2.19
N THR A 91 8.12 1.66 3.37
CA THR A 91 9.03 1.15 4.39
C THR A 91 8.34 1.09 5.75
N GLU A 92 8.77 0.16 6.59
CA GLU A 92 8.21 -0.01 7.92
C GLU A 92 8.07 1.34 8.62
N ARG A 93 9.07 2.20 8.45
CA ARG A 93 9.06 3.52 9.06
C ARG A 93 7.88 4.35 8.56
N GLN A 94 7.72 4.42 7.24
CA GLN A 94 6.63 5.17 6.63
C GLN A 94 5.28 4.66 7.12
N TRP A 95 5.17 3.34 7.26
CA TRP A 95 3.93 2.72 7.72
C TRP A 95 3.60 3.15 9.15
N VAL A 96 4.58 3.07 10.03
CA VAL A 96 4.39 3.45 11.42
C VAL A 96 4.09 4.94 11.54
N ALA A 97 4.96 5.77 10.97
CA ALA A 97 4.78 7.21 11.02
C ALA A 97 3.36 7.60 10.63
N ALA A 98 2.91 7.13 9.46
CA ALA A 98 1.57 7.43 8.98
C ALA A 98 0.53 7.23 10.07
N GLY A 99 0.68 6.14 10.83
CA GLY A 99 -0.26 5.85 11.90
C GLY A 99 -0.72 4.40 11.88
N GLY A 100 0.19 3.49 11.59
CA GLY A 100 -0.15 2.08 11.55
C GLY A 100 0.08 1.39 12.87
N HIS A 101 -0.08 0.06 12.88
CA HIS A 101 0.13 -0.72 14.09
C HIS A 101 0.75 -2.07 13.77
N ILE A 102 2.00 -2.24 14.18
CA ILE A 102 2.72 -3.50 13.93
C ILE A 102 3.39 -4.01 15.20
N THR A 103 3.43 -5.32 15.36
CA THR A 103 4.04 -5.94 16.53
C THR A 103 4.51 -7.36 16.21
N SER A 104 5.58 -7.78 16.90
CA SER A 104 6.12 -9.12 16.68
C SER A 104 5.90 -9.99 17.91
N GLY A 105 4.80 -10.73 17.91
CA GLY A 105 4.48 -11.60 19.02
C GLY A 105 3.01 -11.99 19.07
N PRO A 106 2.74 -13.23 19.51
CA PRO A 106 1.37 -13.75 19.61
C PRO A 106 0.63 -13.22 20.84
N SER A 107 1.26 -13.34 22.00
CA SER A 107 0.66 -12.88 23.25
C SER A 107 1.72 -12.29 24.17
N SER A 108 1.27 -11.75 25.31
CA SER A 108 2.18 -11.16 26.28
C SER A 108 2.10 -11.89 27.61
N GLY A 1 11.76 -0.02 -23.20
CA GLY A 1 12.00 -1.21 -22.42
C GLY A 1 13.04 -1.00 -21.33
N SER A 2 12.94 -1.78 -20.26
CA SER A 2 13.87 -1.65 -19.15
C SER A 2 13.93 -2.95 -18.35
N SER A 3 15.09 -3.23 -17.75
CA SER A 3 15.28 -4.43 -16.95
C SER A 3 16.52 -4.32 -16.07
N GLY A 4 16.54 -5.09 -14.99
CA GLY A 4 17.67 -5.07 -14.08
C GLY A 4 17.28 -5.43 -12.66
N SER A 5 18.11 -6.24 -12.02
CA SER A 5 17.85 -6.67 -10.65
C SER A 5 19.11 -7.25 -10.00
N SER A 6 19.21 -7.09 -8.69
CA SER A 6 20.37 -7.59 -7.95
C SER A 6 20.14 -7.49 -6.45
N GLY A 7 20.70 -8.45 -5.71
CA GLY A 7 20.53 -8.46 -4.27
C GLY A 7 20.87 -9.81 -3.66
N LYS A 8 20.99 -9.84 -2.33
CA LYS A 8 21.31 -11.08 -1.62
C LYS A 8 20.04 -11.83 -1.25
N PRO A 9 20.16 -13.16 -1.08
CA PRO A 9 19.03 -14.02 -0.72
C PRO A 9 18.66 -13.89 0.75
N LEU A 10 17.54 -13.21 1.01
CA LEU A 10 17.06 -13.01 2.38
C LEU A 10 15.54 -13.00 2.42
N PRO A 11 14.98 -13.27 3.61
CA PRO A 11 13.53 -13.28 3.82
C PRO A 11 12.83 -12.10 3.17
N ILE A 12 11.62 -12.33 2.67
CA ILE A 12 10.86 -11.27 2.03
C ILE A 12 10.82 -10.00 2.88
N ASN A 13 11.30 -8.90 2.31
CA ASN A 13 11.33 -7.63 3.03
C ASN A 13 9.97 -6.94 2.97
N PRO A 14 9.42 -6.62 4.15
CA PRO A 14 8.12 -5.96 4.25
C PRO A 14 7.99 -4.77 3.31
N ASP A 15 9.13 -4.19 2.95
CA ASP A 15 9.15 -3.03 2.05
C ASP A 15 8.13 -3.21 0.93
N ASP A 16 8.13 -4.38 0.32
CA ASP A 16 7.21 -4.66 -0.78
C ASP A 16 5.77 -4.71 -0.28
N LEU A 17 5.45 -5.70 0.56
CA LEU A 17 4.11 -5.84 1.10
C LEU A 17 3.56 -4.50 1.56
N TYR A 18 4.45 -3.62 2.01
CA TYR A 18 4.05 -2.30 2.48
C TYR A 18 4.30 -1.24 1.39
N VAL A 19 3.25 -0.92 0.65
CA VAL A 19 3.35 0.07 -0.42
C VAL A 19 2.59 1.35 -0.06
N SER A 20 2.64 2.33 -0.94
CA SER A 20 1.95 3.60 -0.72
C SER A 20 1.21 4.04 -1.97
N VAL A 21 0.04 4.64 -1.77
CA VAL A 21 -0.78 5.12 -2.89
C VAL A 21 -1.02 6.61 -2.80
N HIS A 22 -0.44 7.36 -3.73
CA HIS A 22 -0.59 8.81 -3.75
C HIS A 22 -1.27 9.27 -5.04
N GLY A 23 -2.38 9.99 -4.90
CA GLY A 23 -3.09 10.47 -6.06
C GLY A 23 -4.55 10.03 -6.07
N MET A 24 -5.23 10.22 -4.94
CA MET A 24 -6.63 9.84 -4.83
C MET A 24 -7.50 11.04 -4.46
N PRO A 25 -8.69 11.12 -5.06
CA PRO A 25 -9.64 12.22 -4.81
C PRO A 25 -9.81 12.51 -3.32
N PHE A 26 -10.40 13.66 -3.02
CA PHE A 26 -10.62 14.05 -1.63
C PHE A 26 -11.65 13.15 -0.96
N SER A 27 -12.61 12.67 -1.75
CA SER A 27 -13.65 11.80 -1.24
C SER A 27 -13.14 10.36 -1.10
N ALA A 28 -12.12 10.03 -1.89
CA ALA A 28 -11.54 8.69 -1.84
C ALA A 28 -11.55 8.13 -0.43
N MET A 29 -12.32 7.06 -0.22
CA MET A 29 -12.41 6.43 1.09
C MET A 29 -11.82 5.02 1.05
N GLU A 30 -11.87 4.34 2.19
CA GLU A 30 -11.35 2.98 2.29
C GLU A 30 -11.91 2.10 1.17
N ASN A 31 -13.24 2.03 1.10
CA ASN A 31 -13.90 1.23 0.07
C ASN A 31 -13.27 1.44 -1.29
N ASP A 32 -13.14 2.70 -1.69
CA ASP A 32 -12.55 3.05 -2.97
C ASP A 32 -11.26 2.29 -3.20
N VAL A 33 -10.40 2.28 -2.17
CA VAL A 33 -9.11 1.59 -2.26
C VAL A 33 -9.29 0.16 -2.76
N ARG A 34 -10.10 -0.61 -2.05
CA ARG A 34 -10.36 -2.00 -2.43
C ARG A 34 -10.73 -2.10 -3.90
N ASP A 35 -11.57 -1.19 -4.36
CA ASP A 35 -12.01 -1.18 -5.75
C ASP A 35 -10.83 -1.36 -6.69
N PHE A 36 -9.69 -0.76 -6.33
CA PHE A 36 -8.48 -0.86 -7.15
C PHE A 36 -7.84 -2.23 -7.00
N PHE A 37 -7.46 -2.57 -5.78
CA PHE A 37 -6.83 -3.86 -5.51
C PHE A 37 -7.87 -4.92 -5.14
N HIS A 38 -9.03 -4.82 -5.77
CA HIS A 38 -10.12 -5.77 -5.52
C HIS A 38 -9.93 -7.04 -6.33
N GLY A 39 -9.42 -8.09 -5.67
CA GLY A 39 -9.19 -9.35 -6.35
C GLY A 39 -7.91 -10.02 -5.90
N LEU A 40 -7.08 -9.29 -5.18
CA LEU A 40 -5.81 -9.83 -4.70
C LEU A 40 -5.91 -10.18 -3.21
N ARG A 41 -4.77 -10.58 -2.64
CA ARG A 41 -4.73 -10.95 -1.23
C ARG A 41 -4.56 -9.71 -0.35
N VAL A 42 -5.68 -9.18 0.14
CA VAL A 42 -5.66 -8.00 0.98
C VAL A 42 -5.58 -8.38 2.46
N ASP A 43 -4.68 -7.75 3.19
CA ASP A 43 -4.50 -8.02 4.61
C ASP A 43 -4.98 -6.83 5.45
N ALA A 44 -4.68 -5.63 4.98
CA ALA A 44 -5.09 -4.42 5.69
C ALA A 44 -4.86 -3.18 4.84
N VAL A 45 -5.56 -2.10 5.17
CA VAL A 45 -5.43 -0.85 4.42
C VAL A 45 -5.48 0.36 5.36
N HIS A 46 -4.55 1.28 5.16
CA HIS A 46 -4.49 2.49 5.99
C HIS A 46 -4.70 3.74 5.14
N LEU A 47 -5.33 4.75 5.74
CA LEU A 47 -5.57 6.01 5.04
C LEU A 47 -5.21 7.20 5.91
N LEU A 48 -4.44 8.13 5.35
CA LEU A 48 -4.01 9.32 6.09
C LEU A 48 -5.13 10.35 6.12
N LYS A 49 -5.19 11.12 7.20
CA LYS A 49 -6.21 12.16 7.35
C LYS A 49 -5.60 13.54 7.16
N ASP A 50 -6.47 14.54 6.98
CA ASP A 50 -6.02 15.91 6.79
C ASP A 50 -6.23 16.73 8.05
N HIS A 51 -5.96 18.03 7.97
CA HIS A 51 -6.12 18.93 9.10
C HIS A 51 -7.53 18.84 9.67
N VAL A 52 -8.48 18.45 8.82
CA VAL A 52 -9.87 18.33 9.23
C VAL A 52 -10.34 16.88 9.15
N GLY A 53 -9.39 15.95 9.25
CA GLY A 53 -9.72 14.54 9.19
C GLY A 53 -9.95 14.06 7.77
N ARG A 54 -10.61 14.88 6.96
CA ARG A 54 -10.90 14.52 5.57
C ARG A 54 -9.69 13.86 4.93
N ASN A 55 -9.94 13.02 3.93
CA ASN A 55 -8.87 12.31 3.23
C ASN A 55 -8.08 13.28 2.35
N ASN A 56 -6.81 13.48 2.70
CA ASN A 56 -5.94 14.37 1.93
C ASN A 56 -5.67 13.81 0.54
N GLY A 57 -5.19 12.57 0.50
CA GLY A 57 -4.89 11.94 -0.78
C GLY A 57 -3.65 11.05 -0.71
N ASN A 58 -3.48 10.37 0.42
CA ASN A 58 -2.33 9.50 0.60
C ASN A 58 -2.66 8.37 1.58
N GLY A 59 -2.38 7.14 1.16
CA GLY A 59 -2.66 5.99 2.01
C GLY A 59 -1.65 4.87 1.82
N LEU A 60 -1.59 3.95 2.78
CA LEU A 60 -0.67 2.82 2.70
C LEU A 60 -1.44 1.50 2.66
N VAL A 61 -0.92 0.56 1.87
CA VAL A 61 -1.54 -0.75 1.74
C VAL A 61 -0.59 -1.86 2.19
N LYS A 62 -1.16 -2.90 2.78
CA LYS A 62 -0.36 -4.03 3.26
C LYS A 62 -1.01 -5.35 2.86
N PHE A 63 -0.20 -6.28 2.38
CA PHE A 63 -0.69 -7.59 1.96
C PHE A 63 0.04 -8.71 2.71
N LEU A 64 -0.29 -9.95 2.37
CA LEU A 64 0.33 -11.11 3.01
C LEU A 64 1.61 -11.52 2.28
N SER A 65 1.46 -11.92 1.03
CA SER A 65 2.61 -12.34 0.23
C SER A 65 3.06 -11.22 -0.70
N PRO A 66 4.35 -11.22 -1.03
CA PRO A 66 4.95 -10.21 -1.92
C PRO A 66 4.60 -10.45 -3.38
N GLN A 67 4.05 -11.63 -3.67
CA GLN A 67 3.67 -11.98 -5.03
C GLN A 67 2.44 -11.19 -5.48
N ASP A 68 1.39 -11.22 -4.65
CA ASP A 68 0.17 -10.50 -4.95
C ASP A 68 0.40 -9.00 -5.02
N THR A 69 1.22 -8.50 -4.10
CA THR A 69 1.53 -7.07 -4.05
C THR A 69 2.11 -6.59 -5.38
N PHE A 70 3.12 -7.30 -5.86
CA PHE A 70 3.77 -6.95 -7.13
C PHE A 70 2.76 -6.39 -8.11
N GLU A 71 1.65 -7.11 -8.30
CA GLU A 71 0.61 -6.68 -9.22
C GLU A 71 0.29 -5.21 -9.03
N ALA A 72 0.03 -4.82 -7.79
CA ALA A 72 -0.29 -3.43 -7.47
C ALA A 72 0.75 -2.48 -8.03
N LEU A 73 2.02 -2.84 -7.86
CA LEU A 73 3.12 -2.02 -8.35
C LEU A 73 3.01 -1.80 -9.86
N LYS A 74 2.53 -2.83 -10.56
CA LYS A 74 2.38 -2.75 -12.01
C LYS A 74 1.23 -1.81 -12.38
N ARG A 75 0.25 -1.70 -11.49
CA ARG A 75 -0.90 -0.83 -11.73
C ARG A 75 -0.57 0.62 -11.39
N ASN A 76 0.72 0.91 -11.27
CA ASN A 76 1.17 2.26 -10.95
C ASN A 76 0.80 3.24 -12.05
N ARG A 77 0.62 4.51 -11.68
CA ARG A 77 0.27 5.54 -12.65
C ARG A 77 -1.00 5.17 -13.41
N MET A 78 -1.98 4.63 -12.69
CA MET A 78 -3.24 4.23 -13.30
C MET A 78 -4.33 5.27 -13.04
N LEU A 79 -5.52 5.03 -13.58
CA LEU A 79 -6.64 5.95 -13.41
C LEU A 79 -7.55 5.49 -12.28
N MET A 80 -8.21 6.45 -11.63
CA MET A 80 -9.11 6.15 -10.53
C MET A 80 -9.99 7.35 -10.21
N ILE A 81 -11.25 7.27 -10.60
CA ILE A 81 -12.20 8.35 -10.35
C ILE A 81 -11.71 9.67 -10.95
N GLN A 82 -11.25 9.60 -12.20
CA GLN A 82 -10.75 10.78 -12.89
C GLN A 82 -9.51 11.33 -12.20
N ARG A 83 -8.75 10.45 -11.55
CA ARG A 83 -7.54 10.85 -10.85
C ARG A 83 -6.43 9.82 -11.06
N TYR A 84 -5.19 10.30 -11.08
CA TYR A 84 -4.05 9.42 -11.27
C TYR A 84 -3.48 8.96 -9.93
N VAL A 85 -3.37 7.64 -9.76
CA VAL A 85 -2.85 7.07 -8.52
C VAL A 85 -1.40 6.62 -8.69
N GLU A 86 -0.60 6.82 -7.64
CA GLU A 86 0.81 6.44 -7.68
C GLU A 86 1.07 5.25 -6.75
N VAL A 87 1.35 4.09 -7.34
CA VAL A 87 1.61 2.89 -6.58
C VAL A 87 3.11 2.60 -6.49
N SER A 88 3.67 2.76 -5.30
CA SER A 88 5.10 2.52 -5.10
C SER A 88 5.36 1.93 -3.72
N PRO A 89 6.41 1.10 -3.62
CA PRO A 89 6.79 0.45 -2.36
C PRO A 89 6.87 1.44 -1.20
N ALA A 90 6.77 0.92 0.02
CA ALA A 90 6.84 1.77 1.21
C ALA A 90 7.79 1.17 2.24
N THR A 91 8.01 1.91 3.33
CA THR A 91 8.90 1.46 4.39
C THR A 91 8.17 1.40 5.73
N GLU A 92 8.37 0.30 6.46
CA GLU A 92 7.73 0.12 7.75
C GLU A 92 7.69 1.43 8.53
N ARG A 93 8.83 2.10 8.61
CA ARG A 93 8.93 3.37 9.32
C ARG A 93 7.76 4.28 8.97
N GLN A 94 7.49 4.42 7.68
CA GLN A 94 6.40 5.27 7.21
C GLN A 94 5.05 4.72 7.67
N TRP A 95 4.88 3.41 7.55
CA TRP A 95 3.63 2.77 7.95
C TRP A 95 3.29 3.10 9.40
N VAL A 96 4.31 3.13 10.25
CA VAL A 96 4.12 3.44 11.67
C VAL A 96 3.78 4.92 11.87
N ALA A 97 4.61 5.79 11.28
CA ALA A 97 4.40 7.22 11.39
C ALA A 97 2.99 7.62 10.94
N ALA A 98 2.58 7.09 9.79
CA ALA A 98 1.26 7.38 9.25
C ALA A 98 0.18 7.14 10.29
N GLY A 99 0.34 6.07 11.07
CA GLY A 99 -0.64 5.75 12.09
C GLY A 99 -1.26 4.37 11.88
N GLY A 100 -0.46 3.43 11.40
CA GLY A 100 -0.97 2.09 11.17
C GLY A 100 -1.45 1.42 12.43
N HIS A 101 -1.97 0.20 12.30
CA HIS A 101 -2.47 -0.55 13.45
C HIS A 101 -1.59 -1.77 13.73
N ILE A 102 -0.71 -1.64 14.71
CA ILE A 102 0.19 -2.72 15.08
C ILE A 102 0.19 -2.95 16.58
N THR A 103 -0.27 -4.13 16.99
CA THR A 103 -0.32 -4.47 18.41
C THR A 103 -0.65 -5.95 18.60
N SER A 104 -0.02 -6.57 19.60
CA SER A 104 -0.25 -7.98 19.89
C SER A 104 -1.72 -8.25 20.16
N GLY A 105 -2.05 -9.52 20.35
CA GLY A 105 -3.43 -9.90 20.61
C GLY A 105 -3.81 -11.21 19.94
N PRO A 106 -3.73 -12.31 20.69
CA PRO A 106 -4.08 -13.64 20.18
C PRO A 106 -5.58 -13.84 20.05
N SER A 107 -5.96 -14.90 19.34
CA SER A 107 -7.38 -15.20 19.12
C SER A 107 -7.91 -16.10 20.23
N SER A 108 -7.00 -16.63 21.05
CA SER A 108 -7.39 -17.51 22.15
C SER A 108 -6.63 -17.14 23.43
N GLY A 1 16.78 1.70 -19.69
CA GLY A 1 17.48 0.72 -18.89
C GLY A 1 16.66 -0.54 -18.68
N SER A 2 16.85 -1.16 -17.51
CA SER A 2 16.12 -2.39 -17.18
C SER A 2 15.02 -2.12 -16.16
N SER A 3 14.07 -3.03 -16.06
CA SER A 3 12.97 -2.89 -15.12
C SER A 3 13.47 -2.85 -13.68
N GLY A 4 14.24 -3.87 -13.30
CA GLY A 4 14.78 -3.93 -11.95
C GLY A 4 14.90 -5.35 -11.45
N SER A 5 15.70 -5.53 -10.40
CA SER A 5 15.91 -6.86 -9.82
C SER A 5 14.57 -7.53 -9.52
N SER A 6 14.27 -8.60 -10.27
CA SER A 6 13.02 -9.33 -10.09
C SER A 6 13.15 -10.75 -10.64
N GLY A 7 12.79 -11.73 -9.82
CA GLY A 7 12.87 -13.11 -10.24
C GLY A 7 14.06 -13.83 -9.65
N LYS A 8 13.95 -14.19 -8.37
CA LYS A 8 15.03 -14.88 -7.68
C LYS A 8 14.51 -15.59 -6.43
N PRO A 9 15.07 -16.78 -6.16
CA PRO A 9 14.67 -17.59 -5.00
C PRO A 9 15.28 -17.07 -3.70
N LEU A 10 14.64 -16.06 -3.12
CA LEU A 10 15.12 -15.48 -1.87
C LEU A 10 13.96 -15.16 -0.93
N PRO A 11 14.24 -15.15 0.38
CA PRO A 11 13.23 -14.86 1.40
C PRO A 11 12.35 -13.67 1.04
N ILE A 12 11.05 -13.83 1.21
CA ILE A 12 10.10 -12.77 0.90
C ILE A 12 10.53 -11.45 1.52
N ASN A 13 10.62 -10.41 0.70
CA ASN A 13 11.02 -9.09 1.16
C ASN A 13 9.85 -8.37 1.83
N PRO A 14 10.14 -7.69 2.96
CA PRO A 14 9.14 -6.94 3.72
C PRO A 14 8.82 -5.59 3.09
N ASP A 15 9.86 -4.80 2.84
CA ASP A 15 9.69 -3.48 2.24
C ASP A 15 8.69 -3.54 1.07
N ASP A 16 8.52 -4.73 0.51
CA ASP A 16 7.60 -4.91 -0.61
C ASP A 16 6.15 -4.92 -0.14
N LEU A 17 5.80 -5.92 0.67
CA LEU A 17 4.45 -6.04 1.20
C LEU A 17 3.90 -4.68 1.60
N TYR A 18 4.80 -3.77 1.97
CA TYR A 18 4.41 -2.42 2.38
C TYR A 18 4.58 -1.43 1.25
N VAL A 19 3.47 -0.97 0.68
CA VAL A 19 3.50 -0.01 -0.42
C VAL A 19 2.68 1.22 -0.09
N SER A 20 3.01 2.34 -0.74
CA SER A 20 2.31 3.59 -0.51
C SER A 20 1.50 3.99 -1.74
N VAL A 21 0.37 4.64 -1.51
CA VAL A 21 -0.50 5.08 -2.60
C VAL A 21 -0.77 6.59 -2.52
N HIS A 22 -0.43 7.29 -3.59
CA HIS A 22 -0.64 8.73 -3.65
C HIS A 22 -1.35 9.13 -4.94
N GLY A 23 -2.44 9.88 -4.81
CA GLY A 23 -3.19 10.31 -5.98
C GLY A 23 -4.64 9.87 -5.93
N MET A 24 -5.29 10.11 -4.80
CA MET A 24 -6.69 9.74 -4.62
C MET A 24 -7.56 10.97 -4.39
N PRO A 25 -8.77 10.96 -4.95
CA PRO A 25 -9.72 12.07 -4.81
C PRO A 25 -10.31 12.15 -3.41
N PHE A 26 -11.03 13.24 -3.13
CA PHE A 26 -11.65 13.44 -1.83
C PHE A 26 -12.71 12.37 -1.56
N SER A 27 -13.39 11.95 -2.62
CA SER A 27 -14.43 10.92 -2.49
C SER A 27 -13.83 9.55 -2.22
N ALA A 28 -12.61 9.34 -2.70
CA ALA A 28 -11.91 8.07 -2.51
C ALA A 28 -11.85 7.71 -1.03
N MET A 29 -12.71 6.78 -0.61
CA MET A 29 -12.74 6.34 0.78
C MET A 29 -12.30 4.89 0.90
N GLU A 30 -12.16 4.42 2.14
CA GLU A 30 -11.75 3.05 2.39
C GLU A 30 -12.31 2.11 1.34
N ASN A 31 -13.57 2.32 0.97
CA ASN A 31 -14.24 1.49 -0.03
C ASN A 31 -13.59 1.67 -1.40
N ASP A 32 -13.46 2.92 -1.83
CA ASP A 32 -12.86 3.23 -3.12
C ASP A 32 -11.53 2.50 -3.29
N VAL A 33 -10.63 2.70 -2.33
CA VAL A 33 -9.32 2.07 -2.38
C VAL A 33 -9.42 0.60 -2.81
N ARG A 34 -10.19 -0.17 -2.05
CA ARG A 34 -10.38 -1.58 -2.36
C ARG A 34 -10.61 -1.79 -3.85
N ASP A 35 -11.57 -1.07 -4.40
CA ASP A 35 -11.90 -1.17 -5.82
C ASP A 35 -10.65 -1.42 -6.65
N PHE A 36 -9.56 -0.74 -6.29
CA PHE A 36 -8.29 -0.89 -7.01
C PHE A 36 -7.66 -2.24 -6.70
N PHE A 37 -7.37 -2.48 -5.43
CA PHE A 37 -6.75 -3.73 -5.01
C PHE A 37 -7.80 -4.70 -4.49
N HIS A 38 -8.93 -4.76 -5.18
CA HIS A 38 -10.03 -5.65 -4.79
C HIS A 38 -9.79 -7.07 -5.32
N GLY A 39 -9.28 -7.16 -6.54
CA GLY A 39 -9.01 -8.45 -7.15
C GLY A 39 -7.69 -9.04 -6.70
N LEU A 40 -7.24 -8.64 -5.51
CA LEU A 40 -5.97 -9.13 -4.97
C LEU A 40 -6.11 -9.49 -3.49
N ARG A 41 -5.09 -10.13 -2.95
CA ARG A 41 -5.10 -10.54 -1.55
C ARG A 41 -4.79 -9.35 -0.64
N VAL A 42 -5.83 -8.75 -0.08
CA VAL A 42 -5.67 -7.62 0.82
C VAL A 42 -5.59 -8.06 2.28
N ASP A 43 -4.70 -7.44 3.03
CA ASP A 43 -4.52 -7.76 4.44
C ASP A 43 -4.82 -6.55 5.32
N ALA A 44 -4.19 -5.42 5.00
CA ALA A 44 -4.38 -4.19 5.76
C ALA A 44 -4.38 -2.97 4.84
N VAL A 45 -5.03 -1.91 5.29
CA VAL A 45 -5.10 -0.67 4.50
C VAL A 45 -4.97 0.55 5.40
N HIS A 46 -3.87 1.29 5.23
CA HIS A 46 -3.63 2.49 6.02
C HIS A 46 -3.96 3.75 5.22
N LEU A 47 -4.60 4.70 5.88
CA LEU A 47 -4.98 5.96 5.23
C LEU A 47 -4.52 7.15 6.05
N LEU A 48 -3.86 8.10 5.40
CA LEU A 48 -3.36 9.29 6.06
C LEU A 48 -4.41 10.41 6.03
N LYS A 49 -4.05 11.57 6.56
CA LYS A 49 -4.95 12.72 6.58
C LYS A 49 -4.18 14.01 6.39
N ASP A 50 -4.92 15.12 6.25
CA ASP A 50 -4.30 16.42 6.07
C ASP A 50 -3.99 17.08 7.42
N HIS A 51 -3.51 18.31 7.36
CA HIS A 51 -3.18 19.05 8.58
C HIS A 51 -4.34 19.01 9.57
N VAL A 52 -5.51 19.43 9.12
CA VAL A 52 -6.70 19.45 9.97
C VAL A 52 -7.36 18.08 10.02
N GLY A 53 -7.23 17.33 8.92
CA GLY A 53 -7.82 16.00 8.86
C GLY A 53 -8.64 15.79 7.62
N ARG A 54 -8.10 16.16 6.47
CA ARG A 54 -8.79 16.01 5.20
C ARG A 54 -8.26 14.81 4.43
N ASN A 55 -9.12 14.21 3.61
CA ASN A 55 -8.74 13.05 2.82
C ASN A 55 -7.88 13.46 1.63
N ASN A 56 -6.79 14.18 1.90
CA ASN A 56 -5.89 14.64 0.85
C ASN A 56 -5.75 13.59 -0.25
N GLY A 57 -5.77 12.32 0.15
CA GLY A 57 -5.65 11.24 -0.81
C GLY A 57 -4.29 10.56 -0.75
N ASN A 58 -3.86 10.22 0.46
CA ASN A 58 -2.57 9.57 0.65
C ASN A 58 -2.65 8.52 1.76
N GLY A 59 -2.03 7.36 1.52
CA GLY A 59 -2.04 6.30 2.51
C GLY A 59 -1.18 5.12 2.10
N LEU A 60 -1.20 4.08 2.90
CA LEU A 60 -0.41 2.88 2.62
C LEU A 60 -1.29 1.64 2.59
N VAL A 61 -0.69 0.50 2.27
CA VAL A 61 -1.42 -0.77 2.20
C VAL A 61 -0.48 -1.96 2.31
N LYS A 62 -0.90 -2.98 3.03
CA LYS A 62 -0.09 -4.18 3.20
C LYS A 62 -0.78 -5.39 2.58
N PHE A 63 0.00 -6.45 2.35
CA PHE A 63 -0.54 -7.67 1.75
C PHE A 63 0.12 -8.90 2.35
N LEU A 64 -0.60 -10.01 2.39
CA LEU A 64 -0.09 -11.26 2.93
C LEU A 64 1.15 -11.72 2.16
N SER A 65 0.95 -12.09 0.90
CA SER A 65 2.05 -12.55 0.06
C SER A 65 2.56 -11.42 -0.83
N PRO A 66 3.83 -11.53 -1.23
CA PRO A 66 4.47 -10.53 -2.09
C PRO A 66 4.04 -10.64 -3.55
N GLN A 67 3.54 -11.82 -3.92
CA GLN A 67 3.10 -12.06 -5.28
C GLN A 67 1.92 -11.15 -5.64
N ASP A 68 0.93 -11.10 -4.75
CA ASP A 68 -0.25 -10.27 -4.97
C ASP A 68 0.12 -8.79 -4.96
N THR A 69 1.11 -8.44 -4.14
CA THR A 69 1.55 -7.05 -4.03
C THR A 69 2.11 -6.55 -5.36
N PHE A 70 3.07 -7.28 -5.90
CA PHE A 70 3.69 -6.92 -7.17
C PHE A 70 2.66 -6.29 -8.11
N GLU A 71 1.57 -7.00 -8.35
CA GLU A 71 0.51 -6.51 -9.23
C GLU A 71 0.21 -5.04 -8.95
N ALA A 72 0.04 -4.70 -7.67
CA ALA A 72 -0.25 -3.34 -7.27
C ALA A 72 0.79 -2.37 -7.83
N LEU A 73 2.06 -2.62 -7.52
CA LEU A 73 3.15 -1.77 -8.00
C LEU A 73 3.13 -1.67 -9.52
N LYS A 74 2.74 -2.75 -10.18
CA LYS A 74 2.67 -2.78 -11.63
C LYS A 74 1.54 -1.91 -12.15
N ARG A 75 0.53 -1.70 -11.31
CA ARG A 75 -0.62 -0.89 -11.67
C ARG A 75 -0.37 0.58 -11.38
N ASN A 76 0.89 0.93 -11.19
CA ASN A 76 1.27 2.31 -10.89
C ASN A 76 0.85 3.25 -12.02
N ARG A 77 0.67 4.52 -11.68
CA ARG A 77 0.26 5.51 -12.67
C ARG A 77 -1.03 5.09 -13.36
N MET A 78 -1.96 4.56 -12.58
CA MET A 78 -3.25 4.12 -13.12
C MET A 78 -4.34 5.15 -12.82
N LEU A 79 -5.48 5.00 -13.51
CA LEU A 79 -6.59 5.91 -13.32
C LEU A 79 -7.64 5.32 -12.39
N MET A 80 -8.35 6.18 -11.67
CA MET A 80 -9.38 5.74 -10.74
C MET A 80 -10.18 6.93 -10.22
N ILE A 81 -11.44 7.01 -10.64
CA ILE A 81 -12.32 8.10 -10.22
C ILE A 81 -11.86 9.43 -10.80
N GLN A 82 -11.34 9.38 -12.03
CA GLN A 82 -10.87 10.59 -12.70
C GLN A 82 -9.62 11.14 -12.03
N ARG A 83 -8.88 10.26 -11.35
CA ARG A 83 -7.66 10.65 -10.67
C ARG A 83 -6.57 9.61 -10.84
N TYR A 84 -5.33 10.06 -10.98
CA TYR A 84 -4.20 9.15 -11.16
C TYR A 84 -3.64 8.71 -9.81
N VAL A 85 -3.42 7.42 -9.66
CA VAL A 85 -2.89 6.86 -8.42
C VAL A 85 -1.43 6.45 -8.59
N GLU A 86 -0.62 6.71 -7.57
CA GLU A 86 0.79 6.36 -7.60
C GLU A 86 1.10 5.20 -6.66
N VAL A 87 1.50 4.07 -7.21
CA VAL A 87 1.81 2.89 -6.42
C VAL A 87 3.31 2.63 -6.39
N SER A 88 3.90 2.77 -5.20
CA SER A 88 5.33 2.55 -5.04
C SER A 88 5.64 1.95 -3.67
N PRO A 89 6.66 1.08 -3.62
CA PRO A 89 7.08 0.43 -2.37
C PRO A 89 7.28 1.41 -1.23
N ALA A 90 7.16 0.93 0.00
CA ALA A 90 7.33 1.77 1.17
C ALA A 90 8.36 1.17 2.13
N THR A 91 8.80 1.97 3.09
CA THR A 91 9.78 1.52 4.07
C THR A 91 9.22 1.60 5.49
N GLU A 92 9.73 0.76 6.37
CA GLU A 92 9.28 0.73 7.76
C GLU A 92 9.12 2.15 8.31
N ARG A 93 9.97 3.05 7.84
CA ARG A 93 9.91 4.44 8.29
C ARG A 93 8.64 5.13 7.79
N GLN A 94 8.24 4.81 6.57
CA GLN A 94 7.05 5.38 5.97
C GLN A 94 5.79 4.83 6.63
N TRP A 95 5.82 3.55 6.96
CA TRP A 95 4.68 2.89 7.59
C TRP A 95 4.54 3.33 9.05
N VAL A 96 5.65 3.33 9.77
CA VAL A 96 5.66 3.72 11.16
C VAL A 96 5.37 5.22 11.31
N ALA A 97 6.11 6.03 10.57
CA ALA A 97 5.92 7.48 10.62
C ALA A 97 4.53 7.88 10.16
N ALA A 98 4.00 7.13 9.19
CA ALA A 98 2.66 7.41 8.67
C ALA A 98 1.59 7.19 9.74
N GLY A 99 1.82 6.22 10.60
CA GLY A 99 0.87 5.92 11.65
C GLY A 99 0.37 4.49 11.61
N GLY A 100 1.21 3.59 11.12
CA GLY A 100 0.82 2.19 11.02
C GLY A 100 0.62 1.55 12.38
N HIS A 101 0.73 0.22 12.44
CA HIS A 101 0.55 -0.50 13.69
C HIS A 101 0.95 -1.96 13.53
N ILE A 102 1.98 -2.37 14.25
CA ILE A 102 2.47 -3.75 14.19
C ILE A 102 2.92 -4.23 15.56
N THR A 103 2.63 -5.50 15.85
CA THR A 103 3.00 -6.09 17.14
C THR A 103 2.71 -7.58 17.15
N SER A 104 3.56 -8.34 17.84
CA SER A 104 3.40 -9.78 17.94
C SER A 104 2.23 -10.13 18.86
N GLY A 105 1.67 -11.33 18.66
CA GLY A 105 0.55 -11.77 19.48
C GLY A 105 -0.72 -11.00 19.18
N PRO A 106 -1.52 -11.51 18.23
CA PRO A 106 -2.78 -10.88 17.83
C PRO A 106 -3.89 -11.13 18.85
N SER A 107 -3.74 -12.18 19.65
CA SER A 107 -4.73 -12.53 20.65
C SER A 107 -6.14 -12.47 20.06
N SER A 108 -6.28 -12.97 18.84
CA SER A 108 -7.57 -12.98 18.16
C SER A 108 -8.63 -13.66 19.01
N GLY A 1 -5.69 -26.18 -21.67
CA GLY A 1 -5.13 -24.99 -22.29
C GLY A 1 -4.75 -23.94 -21.27
N SER A 2 -3.46 -23.69 -21.15
CA SER A 2 -2.95 -22.71 -20.20
C SER A 2 -1.46 -22.46 -20.39
N SER A 3 -0.98 -21.31 -19.93
CA SER A 3 0.42 -20.96 -20.06
C SER A 3 0.77 -19.77 -19.17
N GLY A 4 1.97 -19.80 -18.59
CA GLY A 4 2.39 -18.72 -17.72
C GLY A 4 2.85 -19.21 -16.37
N SER A 5 4.14 -19.01 -16.07
CA SER A 5 4.70 -19.44 -14.80
C SER A 5 6.01 -18.72 -14.51
N SER A 6 6.16 -18.23 -13.29
CA SER A 6 7.37 -17.52 -12.89
C SER A 6 7.38 -17.26 -11.39
N GLY A 7 8.58 -17.22 -10.80
CA GLY A 7 8.70 -16.99 -9.38
C GLY A 7 9.88 -17.72 -8.76
N LYS A 8 10.33 -17.24 -7.61
CA LYS A 8 11.46 -17.86 -6.92
C LYS A 8 11.24 -17.86 -5.41
N PRO A 9 11.69 -18.95 -4.76
CA PRO A 9 11.55 -19.10 -3.30
C PRO A 9 12.60 -18.30 -2.54
N LEU A 10 12.28 -17.06 -2.21
CA LEU A 10 13.19 -16.19 -1.48
C LEU A 10 12.45 -15.44 -0.38
N PRO A 11 13.20 -15.02 0.66
CA PRO A 11 12.64 -14.29 1.79
C PRO A 11 11.69 -13.17 1.35
N ILE A 12 10.64 -12.97 2.13
CA ILE A 12 9.66 -11.93 1.82
C ILE A 12 10.19 -10.54 2.19
N ASN A 13 10.08 -9.61 1.24
CA ASN A 13 10.54 -8.24 1.46
C ASN A 13 9.40 -7.34 1.91
N PRO A 14 9.43 -6.94 3.19
CA PRO A 14 8.41 -6.07 3.77
C PRO A 14 8.07 -4.89 2.87
N ASP A 15 9.08 -4.11 2.51
CA ASP A 15 8.90 -2.95 1.64
C ASP A 15 7.87 -3.24 0.56
N ASP A 16 8.06 -4.36 -0.14
CA ASP A 16 7.16 -4.75 -1.22
C ASP A 16 5.72 -4.82 -0.71
N LEU A 17 5.51 -5.57 0.36
CA LEU A 17 4.18 -5.72 0.95
C LEU A 17 3.63 -4.37 1.42
N TYR A 18 4.54 -3.49 1.83
CA TYR A 18 4.15 -2.16 2.30
C TYR A 18 4.34 -1.12 1.20
N VAL A 19 3.27 -0.79 0.50
CA VAL A 19 3.32 0.20 -0.57
C VAL A 19 2.46 1.42 -0.24
N SER A 20 2.70 2.52 -0.94
CA SER A 20 1.95 3.74 -0.72
C SER A 20 1.30 4.23 -2.01
N VAL A 21 0.07 4.73 -1.90
CA VAL A 21 -0.65 5.23 -3.06
C VAL A 21 -0.92 6.73 -2.95
N HIS A 22 -0.41 7.49 -3.91
CA HIS A 22 -0.59 8.93 -3.92
C HIS A 22 -1.34 9.38 -5.17
N GLY A 23 -2.50 10.01 -4.97
CA GLY A 23 -3.29 10.48 -6.09
C GLY A 23 -4.72 9.97 -6.03
N MET A 24 -5.36 10.14 -4.88
CA MET A 24 -6.74 9.70 -4.70
C MET A 24 -7.64 10.87 -4.31
N PRO A 25 -8.86 10.88 -4.85
CA PRO A 25 -9.84 11.93 -4.57
C PRO A 25 -9.95 12.24 -3.07
N PHE A 26 -10.71 13.29 -2.75
CA PHE A 26 -10.90 13.69 -1.36
C PHE A 26 -11.90 12.78 -0.66
N SER A 27 -12.89 12.31 -1.42
CA SER A 27 -13.92 11.43 -0.87
C SER A 27 -13.44 9.99 -0.83
N ALA A 28 -12.36 9.71 -1.56
CA ALA A 28 -11.80 8.37 -1.60
C ALA A 28 -11.65 7.79 -0.20
N MET A 29 -12.13 6.56 -0.02
CA MET A 29 -12.05 5.90 1.29
C MET A 29 -11.70 4.42 1.12
N GLU A 30 -11.49 3.74 2.24
CA GLU A 30 -11.16 2.31 2.22
C GLU A 30 -11.94 1.59 1.12
N ASN A 31 -13.25 1.82 1.09
CA ASN A 31 -14.11 1.18 0.09
C ASN A 31 -13.57 1.42 -1.31
N ASP A 32 -13.28 2.68 -1.63
CA ASP A 32 -12.76 3.02 -2.94
C ASP A 32 -11.46 2.28 -3.23
N VAL A 33 -10.45 2.53 -2.41
CA VAL A 33 -9.15 1.88 -2.58
C VAL A 33 -9.31 0.41 -2.95
N ARG A 34 -10.09 -0.32 -2.15
CA ARG A 34 -10.32 -1.73 -2.39
C ARG A 34 -10.55 -1.99 -3.88
N ASP A 35 -11.53 -1.30 -4.47
CA ASP A 35 -11.83 -1.46 -5.88
C ASP A 35 -10.56 -1.69 -6.69
N PHE A 36 -9.50 -0.98 -6.33
CA PHE A 36 -8.22 -1.09 -7.03
C PHE A 36 -7.59 -2.46 -6.78
N PHE A 37 -7.27 -2.73 -5.52
CA PHE A 37 -6.65 -4.00 -5.15
C PHE A 37 -7.69 -4.95 -4.57
N HIS A 38 -8.83 -5.06 -5.24
CA HIS A 38 -9.91 -5.94 -4.79
C HIS A 38 -9.69 -7.36 -5.30
N GLY A 39 -9.18 -7.47 -6.52
CA GLY A 39 -8.94 -8.78 -7.11
C GLY A 39 -7.63 -9.39 -6.65
N LEU A 40 -7.21 -9.05 -5.43
CA LEU A 40 -5.97 -9.57 -4.88
C LEU A 40 -6.14 -9.91 -3.40
N ARG A 41 -5.07 -10.42 -2.79
CA ARG A 41 -5.09 -10.80 -1.38
C ARG A 41 -4.82 -9.58 -0.49
N VAL A 42 -5.88 -9.03 0.08
CA VAL A 42 -5.76 -7.85 0.95
C VAL A 42 -5.58 -8.28 2.41
N ASP A 43 -4.84 -7.49 3.16
CA ASP A 43 -4.60 -7.77 4.57
C ASP A 43 -4.99 -6.58 5.44
N ALA A 44 -4.75 -5.38 4.94
CA ALA A 44 -5.08 -4.16 5.67
C ALA A 44 -4.86 -2.92 4.80
N VAL A 45 -5.55 -1.84 5.15
CA VAL A 45 -5.44 -0.59 4.40
C VAL A 45 -5.43 0.61 5.34
N HIS A 46 -4.51 1.54 5.10
CA HIS A 46 -4.40 2.74 5.91
C HIS A 46 -4.61 3.99 5.08
N LEU A 47 -5.27 5.00 5.67
CA LEU A 47 -5.53 6.25 4.97
C LEU A 47 -5.13 7.44 5.83
N LEU A 48 -4.24 8.27 5.29
CA LEU A 48 -3.76 9.45 6.01
C LEU A 48 -4.87 10.49 6.14
N LYS A 49 -4.68 11.44 7.05
CA LYS A 49 -5.66 12.50 7.27
C LYS A 49 -5.06 13.87 7.03
N ASP A 50 -5.90 14.84 6.68
CA ASP A 50 -5.44 16.20 6.42
C ASP A 50 -5.76 17.10 7.61
N HIS A 51 -5.48 18.40 7.44
CA HIS A 51 -5.73 19.38 8.50
C HIS A 51 -6.96 18.99 9.32
N VAL A 52 -8.13 19.03 8.67
CA VAL A 52 -9.38 18.68 9.34
C VAL A 52 -9.51 17.17 9.49
N GLY A 53 -9.19 16.43 8.44
CA GLY A 53 -9.28 14.99 8.48
C GLY A 53 -9.64 14.39 7.13
N ARG A 54 -10.14 15.22 6.24
CA ARG A 54 -10.52 14.76 4.90
C ARG A 54 -9.36 14.02 4.23
N ASN A 55 -9.68 12.92 3.55
CA ASN A 55 -8.67 12.13 2.87
C ASN A 55 -7.85 13.00 1.91
N ASN A 56 -6.83 13.66 2.44
CA ASN A 56 -5.97 14.51 1.64
C ASN A 56 -5.73 13.90 0.26
N GLY A 57 -5.24 12.66 0.25
CA GLY A 57 -4.97 11.98 -1.01
C GLY A 57 -3.73 11.11 -0.93
N ASN A 58 -3.54 10.45 0.21
CA ASN A 58 -2.38 9.59 0.40
C ASN A 58 -2.70 8.47 1.40
N GLY A 59 -2.33 7.24 1.03
CA GLY A 59 -2.59 6.11 1.90
C GLY A 59 -1.63 4.96 1.67
N LEU A 60 -1.65 3.97 2.55
CA LEU A 60 -0.77 2.82 2.44
C LEU A 60 -1.57 1.53 2.31
N VAL A 61 -0.91 0.48 1.84
CA VAL A 61 -1.57 -0.82 1.68
C VAL A 61 -0.61 -1.97 2.02
N LYS A 62 -1.11 -2.94 2.77
CA LYS A 62 -0.31 -4.09 3.16
C LYS A 62 -0.91 -5.38 2.64
N PHE A 63 -0.06 -6.28 2.15
CA PHE A 63 -0.52 -7.56 1.61
C PHE A 63 0.16 -8.72 2.34
N LEU A 64 -0.50 -9.88 2.32
CA LEU A 64 0.03 -11.07 2.98
C LEU A 64 1.29 -11.56 2.27
N SER A 65 1.12 -12.01 1.02
CA SER A 65 2.23 -12.50 0.23
C SER A 65 2.73 -11.45 -0.75
N PRO A 66 4.01 -11.55 -1.13
CA PRO A 66 4.62 -10.60 -2.08
C PRO A 66 4.18 -10.83 -3.52
N GLN A 67 3.51 -11.97 -3.75
CA GLN A 67 3.03 -12.30 -5.08
C GLN A 67 1.78 -11.51 -5.43
N ASP A 68 1.16 -10.91 -4.42
CA ASP A 68 -0.05 -10.11 -4.62
C ASP A 68 0.31 -8.63 -4.77
N THR A 69 1.17 -8.14 -3.89
CA THR A 69 1.58 -6.74 -3.92
C THR A 69 2.18 -6.37 -5.27
N PHE A 70 2.93 -7.30 -5.85
CA PHE A 70 3.56 -7.08 -7.15
C PHE A 70 2.53 -6.68 -8.20
N GLU A 71 1.31 -7.20 -8.04
CA GLU A 71 0.23 -6.90 -8.97
C GLU A 71 -0.22 -5.45 -8.84
N ALA A 72 0.04 -4.86 -7.67
CA ALA A 72 -0.33 -3.48 -7.41
C ALA A 72 0.71 -2.51 -7.94
N LEU A 73 1.99 -2.85 -7.71
CA LEU A 73 3.09 -2.01 -8.16
C LEU A 73 3.07 -1.84 -9.68
N LYS A 74 2.68 -2.91 -10.38
CA LYS A 74 2.61 -2.88 -11.84
C LYS A 74 1.46 -1.99 -12.31
N ARG A 75 0.52 -1.72 -11.41
CA ARG A 75 -0.62 -0.89 -11.73
C ARG A 75 -0.35 0.57 -11.42
N ASN A 76 0.92 0.90 -11.20
CA ASN A 76 1.32 2.26 -10.88
C ASN A 76 0.98 3.22 -12.02
N ARG A 77 0.83 4.49 -11.70
CA ARG A 77 0.50 5.49 -12.70
C ARG A 77 -0.80 5.15 -13.42
N MET A 78 -1.75 4.58 -12.68
CA MET A 78 -3.04 4.20 -13.24
C MET A 78 -4.10 5.23 -12.91
N LEU A 79 -5.28 5.09 -13.53
CA LEU A 79 -6.38 6.02 -13.30
C LEU A 79 -7.28 5.51 -12.18
N MET A 80 -8.03 6.42 -11.57
CA MET A 80 -8.94 6.07 -10.48
C MET A 80 -9.83 7.25 -10.12
N ILE A 81 -11.10 7.16 -10.50
CA ILE A 81 -12.07 8.22 -10.20
C ILE A 81 -11.64 9.53 -10.85
N GLN A 82 -11.15 9.44 -12.08
CA GLN A 82 -10.72 10.63 -12.81
C GLN A 82 -9.47 11.23 -12.18
N ARG A 83 -8.68 10.38 -11.52
CA ARG A 83 -7.46 10.82 -10.88
C ARG A 83 -6.34 9.80 -11.07
N TYR A 84 -5.11 10.28 -11.18
CA TYR A 84 -3.95 9.41 -11.36
C TYR A 84 -3.38 8.98 -10.02
N VAL A 85 -3.26 7.66 -9.83
CA VAL A 85 -2.72 7.11 -8.58
C VAL A 85 -1.26 6.71 -8.76
N GLU A 86 -0.47 6.89 -7.70
CA GLU A 86 0.94 6.55 -7.74
C GLU A 86 1.23 5.39 -6.77
N VAL A 87 1.40 4.19 -7.33
CA VAL A 87 1.67 3.00 -6.53
C VAL A 87 3.17 2.73 -6.48
N SER A 88 3.77 2.92 -5.31
CA SER A 88 5.20 2.70 -5.13
C SER A 88 5.48 2.11 -3.75
N PRO A 89 6.55 1.30 -3.66
CA PRO A 89 6.95 0.66 -2.40
C PRO A 89 7.07 1.67 -1.25
N ALA A 90 6.93 1.18 -0.03
CA ALA A 90 7.02 2.02 1.15
C ALA A 90 7.89 1.38 2.22
N THR A 91 8.22 2.16 3.26
CA THR A 91 9.06 1.66 4.34
C THR A 91 8.29 1.65 5.66
N GLU A 92 8.39 0.55 6.38
CA GLU A 92 7.70 0.40 7.66
C GLU A 92 7.71 1.72 8.43
N ARG A 93 8.89 2.33 8.53
CA ARG A 93 9.04 3.60 9.24
C ARG A 93 7.89 4.55 8.89
N GLN A 94 7.67 4.75 7.60
CA GLN A 94 6.60 5.64 7.15
C GLN A 94 5.23 5.14 7.60
N TRP A 95 5.04 3.83 7.52
CA TRP A 95 3.77 3.23 7.92
C TRP A 95 3.46 3.53 9.38
N VAL A 96 4.50 3.50 10.22
CA VAL A 96 4.33 3.77 11.64
C VAL A 96 4.21 5.27 11.90
N ALA A 97 5.20 6.03 11.43
CA ALA A 97 5.21 7.47 11.61
C ALA A 97 3.89 8.09 11.17
N ALA A 98 3.46 7.75 9.95
CA ALA A 98 2.21 8.27 9.42
C ALA A 98 1.08 8.14 10.43
N GLY A 99 1.07 7.02 11.15
CA GLY A 99 0.03 6.80 12.14
C GLY A 99 -0.70 5.49 11.93
N GLY A 100 0.05 4.43 11.64
CA GLY A 100 -0.56 3.14 11.42
C GLY A 100 -0.89 2.42 12.71
N HIS A 101 -1.46 1.22 12.60
CA HIS A 101 -1.83 0.43 13.76
C HIS A 101 -1.15 -0.93 13.73
N ILE A 102 0.13 -0.95 13.36
CA ILE A 102 0.89 -2.18 13.28
C ILE A 102 1.35 -2.62 14.66
N THR A 103 1.15 -1.77 15.65
CA THR A 103 1.54 -2.06 17.03
C THR A 103 0.43 -1.70 18.00
N SER A 104 0.05 -2.67 18.84
CA SER A 104 -1.01 -2.45 19.82
C SER A 104 -0.60 -3.01 21.19
N GLY A 105 -1.08 -2.37 22.25
CA GLY A 105 -0.76 -2.82 23.59
C GLY A 105 -0.01 -1.76 24.39
N PRO A 106 -0.27 -1.72 25.70
CA PRO A 106 0.36 -0.75 26.60
C PRO A 106 1.79 -1.16 26.97
N SER A 107 2.53 -1.66 25.99
CA SER A 107 3.91 -2.09 26.22
C SER A 107 4.75 -0.94 26.75
N SER A 108 4.66 0.21 26.08
CA SER A 108 5.42 1.38 26.48
C SER A 108 4.52 2.62 26.53
N GLY A 1 12.69 1.98 -18.58
CA GLY A 1 13.91 1.42 -18.03
C GLY A 1 13.75 0.96 -16.60
N SER A 2 14.06 -0.30 -16.33
CA SER A 2 13.96 -0.85 -14.99
C SER A 2 14.99 -1.96 -14.77
N SER A 3 15.38 -2.15 -13.51
CA SER A 3 16.36 -3.17 -13.17
C SER A 3 16.21 -3.60 -11.71
N GLY A 4 16.55 -4.85 -11.42
CA GLY A 4 16.44 -5.37 -10.08
C GLY A 4 17.64 -6.20 -9.67
N SER A 5 17.62 -6.72 -8.45
CA SER A 5 18.72 -7.53 -7.95
C SER A 5 18.22 -8.47 -6.85
N SER A 6 19.05 -9.47 -6.53
CA SER A 6 18.70 -10.44 -5.49
C SER A 6 19.91 -10.77 -4.62
N GLY A 7 19.65 -11.18 -3.38
CA GLY A 7 20.73 -11.53 -2.48
C GLY A 7 20.41 -12.73 -1.63
N LYS A 8 20.90 -12.74 -0.40
CA LYS A 8 20.66 -13.84 0.53
C LYS A 8 19.17 -14.04 0.77
N PRO A 9 18.78 -15.28 1.10
CA PRO A 9 17.38 -15.63 1.37
C PRO A 9 16.92 -15.15 2.74
N LEU A 10 15.99 -14.20 2.75
CA LEU A 10 15.46 -13.65 4.00
C LEU A 10 13.94 -13.59 3.96
N PRO A 11 13.32 -13.58 5.14
CA PRO A 11 11.86 -13.52 5.28
C PRO A 11 11.24 -12.48 4.35
N ILE A 12 9.98 -12.72 3.95
CA ILE A 12 9.28 -11.81 3.07
C ILE A 12 9.65 -10.36 3.35
N ASN A 13 10.16 -9.67 2.35
CA ASN A 13 10.57 -8.28 2.49
C ASN A 13 9.34 -7.38 2.70
N PRO A 14 9.22 -6.81 3.91
CA PRO A 14 8.11 -5.92 4.26
C PRO A 14 7.92 -4.79 3.25
N ASP A 15 9.00 -4.08 2.96
CA ASP A 15 8.96 -2.98 2.00
C ASP A 15 7.96 -3.27 0.89
N ASP A 16 7.95 -4.50 0.41
CA ASP A 16 7.04 -4.91 -0.65
C ASP A 16 5.59 -4.87 -0.18
N LEU A 17 5.25 -5.74 0.75
CA LEU A 17 3.89 -5.79 1.29
C LEU A 17 3.42 -4.40 1.70
N TYR A 18 4.36 -3.56 2.12
CA TYR A 18 4.02 -2.20 2.54
C TYR A 18 4.31 -1.20 1.43
N VAL A 19 3.26 -0.80 0.72
CA VAL A 19 3.39 0.15 -0.38
C VAL A 19 2.69 1.46 -0.05
N SER A 20 2.91 2.47 -0.88
CA SER A 20 2.30 3.78 -0.68
C SER A 20 1.59 4.26 -1.95
N VAL A 21 0.44 4.88 -1.77
CA VAL A 21 -0.35 5.38 -2.90
C VAL A 21 -0.58 6.88 -2.79
N HIS A 22 0.00 7.64 -3.72
CA HIS A 22 -0.16 9.09 -3.72
C HIS A 22 -0.86 9.56 -4.98
N GLY A 23 -2.00 10.22 -4.81
CA GLY A 23 -2.75 10.71 -5.94
C GLY A 23 -4.19 10.24 -5.93
N MET A 24 -4.86 10.38 -4.79
CA MET A 24 -6.24 9.95 -4.65
C MET A 24 -7.18 11.16 -4.54
N PRO A 25 -8.41 11.00 -5.03
CA PRO A 25 -9.42 12.07 -4.98
C PRO A 25 -9.97 12.29 -3.57
N PHE A 26 -10.44 13.51 -3.32
CA PHE A 26 -10.99 13.85 -2.01
C PHE A 26 -12.08 12.86 -1.60
N SER A 27 -12.71 12.24 -2.58
CA SER A 27 -13.77 11.27 -2.32
C SER A 27 -13.18 9.91 -1.97
N ALA A 28 -11.96 9.66 -2.43
CA ALA A 28 -11.28 8.40 -2.18
C ALA A 28 -11.50 7.94 -0.74
N MET A 29 -12.27 6.87 -0.58
CA MET A 29 -12.57 6.33 0.74
C MET A 29 -12.14 4.87 0.84
N GLU A 30 -12.44 4.24 1.98
CA GLU A 30 -12.07 2.85 2.20
C GLU A 30 -12.43 1.99 0.99
N ASN A 31 -13.73 1.95 0.67
CA ASN A 31 -14.20 1.16 -0.47
C ASN A 31 -13.35 1.42 -1.71
N ASP A 32 -13.13 2.70 -2.00
CA ASP A 32 -12.32 3.09 -3.16
C ASP A 32 -10.98 2.36 -3.15
N VAL A 33 -10.29 2.43 -2.02
CA VAL A 33 -8.98 1.77 -1.89
C VAL A 33 -9.06 0.31 -2.29
N ARG A 34 -9.90 -0.44 -1.58
CA ARG A 34 -10.06 -1.86 -1.86
C ARG A 34 -10.41 -2.10 -3.33
N ASP A 35 -11.35 -1.30 -3.84
CA ASP A 35 -11.78 -1.42 -5.23
C ASP A 35 -10.57 -1.58 -6.16
N PHE A 36 -9.49 -0.89 -5.84
CA PHE A 36 -8.27 -0.96 -6.64
C PHE A 36 -7.62 -2.33 -6.53
N PHE A 37 -7.23 -2.70 -5.31
CA PHE A 37 -6.59 -3.98 -5.07
C PHE A 37 -7.59 -4.99 -4.50
N HIS A 38 -8.75 -5.08 -5.14
CA HIS A 38 -9.80 -6.00 -4.70
C HIS A 38 -9.60 -7.38 -5.32
N GLY A 39 -9.02 -7.41 -6.52
CA GLY A 39 -8.79 -8.67 -7.19
C GLY A 39 -7.48 -9.32 -6.77
N LEU A 40 -7.02 -8.98 -5.57
CA LEU A 40 -5.77 -9.54 -5.06
C LEU A 40 -5.92 -9.90 -3.57
N ARG A 41 -4.86 -10.50 -3.01
CA ARG A 41 -4.88 -10.89 -1.61
C ARG A 41 -4.65 -9.69 -0.70
N VAL A 42 -5.74 -9.14 -0.18
CA VAL A 42 -5.66 -7.98 0.71
C VAL A 42 -5.46 -8.41 2.16
N ASP A 43 -4.71 -7.61 2.91
CA ASP A 43 -4.43 -7.91 4.32
C ASP A 43 -4.90 -6.77 5.21
N ALA A 44 -4.55 -5.54 4.83
CA ALA A 44 -4.93 -4.36 5.60
C ALA A 44 -4.88 -3.11 4.73
N VAL A 45 -5.53 -2.04 5.21
CA VAL A 45 -5.56 -0.78 4.48
C VAL A 45 -5.39 0.41 5.42
N HIS A 46 -4.58 1.37 5.03
CA HIS A 46 -4.33 2.56 5.84
C HIS A 46 -4.54 3.82 5.02
N LEU A 47 -5.24 4.80 5.59
CA LEU A 47 -5.50 6.05 4.91
C LEU A 47 -5.12 7.24 5.80
N LEU A 48 -4.39 8.19 5.22
CA LEU A 48 -3.95 9.38 5.95
C LEU A 48 -4.91 10.54 5.72
N LYS A 49 -4.65 11.65 6.39
CA LYS A 49 -5.49 12.84 6.26
C LYS A 49 -4.63 14.09 6.08
N ASP A 50 -5.29 15.23 5.89
CA ASP A 50 -4.59 16.50 5.72
C ASP A 50 -4.20 17.10 7.06
N HIS A 51 -3.45 18.19 7.02
CA HIS A 51 -3.01 18.87 8.23
C HIS A 51 -4.16 19.03 9.21
N VAL A 52 -5.35 19.30 8.68
CA VAL A 52 -6.53 19.48 9.51
C VAL A 52 -7.20 18.13 9.81
N GLY A 53 -7.33 17.31 8.78
CA GLY A 53 -7.95 16.01 8.96
C GLY A 53 -8.86 15.63 7.80
N ARG A 54 -8.44 15.98 6.58
CA ARG A 54 -9.22 15.68 5.39
C ARG A 54 -8.40 14.83 4.41
N ASN A 55 -9.10 13.95 3.70
CA ASN A 55 -8.45 13.08 2.72
C ASN A 55 -7.81 13.89 1.60
N ASN A 56 -6.49 14.07 1.70
CA ASN A 56 -5.75 14.83 0.70
C ASN A 56 -5.41 13.95 -0.51
N GLY A 57 -4.96 12.74 -0.24
CA GLY A 57 -4.59 11.83 -1.31
C GLY A 57 -3.33 11.05 -1.01
N ASN A 58 -3.22 10.54 0.21
CA ASN A 58 -2.05 9.78 0.63
C ASN A 58 -2.44 8.63 1.55
N GLY A 59 -2.09 7.42 1.15
CA GLY A 59 -2.42 6.25 1.95
C GLY A 59 -1.46 5.09 1.71
N LEU A 60 -1.56 4.06 2.54
CA LEU A 60 -0.70 2.89 2.41
C LEU A 60 -1.52 1.62 2.30
N VAL A 61 -0.90 0.56 1.81
CA VAL A 61 -1.58 -0.72 1.65
C VAL A 61 -0.70 -1.88 2.11
N LYS A 62 -1.29 -2.84 2.80
CA LYS A 62 -0.57 -4.01 3.30
C LYS A 62 -1.19 -5.30 2.79
N PHE A 63 -0.34 -6.18 2.24
CA PHE A 63 -0.81 -7.46 1.72
C PHE A 63 -0.17 -8.61 2.48
N LEU A 64 -0.61 -9.83 2.16
CA LEU A 64 -0.08 -11.03 2.80
C LEU A 64 1.14 -11.56 2.05
N SER A 65 0.94 -11.89 0.77
CA SER A 65 2.02 -12.41 -0.05
C SER A 65 2.62 -11.31 -0.93
N PRO A 66 3.91 -11.44 -1.27
CA PRO A 66 4.62 -10.48 -2.10
C PRO A 66 4.19 -10.56 -3.57
N GLN A 67 3.78 -11.74 -3.99
CA GLN A 67 3.35 -11.95 -5.38
C GLN A 67 2.15 -11.06 -5.70
N ASP A 68 1.08 -11.21 -4.94
CA ASP A 68 -0.13 -10.42 -5.15
C ASP A 68 0.16 -8.93 -5.04
N THR A 69 1.12 -8.58 -4.19
CA THR A 69 1.50 -7.19 -3.98
C THR A 69 2.03 -6.57 -5.27
N PHE A 70 2.93 -7.29 -5.93
CA PHE A 70 3.52 -6.81 -7.18
C PHE A 70 2.43 -6.35 -8.15
N GLU A 71 1.33 -7.10 -8.18
CA GLU A 71 0.22 -6.76 -9.07
C GLU A 71 -0.20 -5.30 -8.91
N ALA A 72 -0.01 -4.77 -7.70
CA ALA A 72 -0.35 -3.39 -7.41
C ALA A 72 0.74 -2.44 -7.89
N LEU A 73 1.97 -2.74 -7.55
CA LEU A 73 3.11 -1.92 -7.95
C LEU A 73 3.13 -1.70 -9.46
N LYS A 74 2.63 -2.69 -10.20
CA LYS A 74 2.57 -2.62 -11.65
C LYS A 74 1.41 -1.76 -12.12
N ARG A 75 0.41 -1.62 -11.25
CA ARG A 75 -0.78 -0.82 -11.58
C ARG A 75 -0.59 0.63 -11.16
N ASN A 76 0.67 1.04 -11.03
CA ASN A 76 0.99 2.40 -10.63
C ASN A 76 0.63 3.39 -11.74
N ARG A 77 0.20 4.58 -11.35
CA ARG A 77 -0.17 5.62 -12.30
C ARG A 77 -1.38 5.17 -13.13
N MET A 78 -2.37 4.61 -12.45
CA MET A 78 -3.59 4.14 -13.12
C MET A 78 -4.73 5.13 -12.92
N LEU A 79 -5.88 4.83 -13.52
CA LEU A 79 -7.05 5.69 -13.41
C LEU A 79 -7.97 5.23 -12.29
N MET A 80 -8.23 6.12 -11.34
CA MET A 80 -9.10 5.79 -10.21
C MET A 80 -10.06 6.95 -9.90
N ILE A 81 -11.33 6.76 -10.25
CA ILE A 81 -12.34 7.79 -10.01
C ILE A 81 -11.91 9.13 -10.60
N GLN A 82 -11.35 9.08 -11.81
CA GLN A 82 -10.91 10.29 -12.49
C GLN A 82 -9.69 10.89 -11.78
N ARG A 83 -8.88 10.03 -11.18
CA ARG A 83 -7.69 10.47 -10.46
C ARG A 83 -6.52 9.53 -10.72
N TYR A 84 -5.31 10.08 -10.75
CA TYR A 84 -4.12 9.28 -10.98
C TYR A 84 -3.41 8.94 -9.67
N VAL A 85 -3.33 7.64 -9.39
CA VAL A 85 -2.69 7.18 -8.16
C VAL A 85 -1.26 6.70 -8.43
N GLU A 86 -0.37 6.97 -7.49
CA GLU A 86 1.03 6.57 -7.62
C GLU A 86 1.36 5.42 -6.67
N VAL A 87 1.40 4.21 -7.21
CA VAL A 87 1.70 3.03 -6.40
C VAL A 87 3.20 2.73 -6.43
N SER A 88 3.80 2.66 -5.25
CA SER A 88 5.23 2.38 -5.13
C SER A 88 5.56 1.82 -3.74
N PRO A 89 6.57 0.93 -3.69
CA PRO A 89 7.01 0.32 -2.43
C PRO A 89 7.26 1.35 -1.34
N ALA A 90 6.81 1.02 -0.13
CA ALA A 90 6.99 1.92 1.01
C ALA A 90 7.94 1.32 2.04
N THR A 91 8.13 2.03 3.16
CA THR A 91 9.01 1.57 4.21
C THR A 91 8.28 1.45 5.54
N GLU A 92 8.34 0.27 6.14
CA GLU A 92 7.68 0.03 7.42
C GLU A 92 7.75 1.26 8.31
N ARG A 93 8.92 1.88 8.37
CA ARG A 93 9.12 3.07 9.18
C ARG A 93 8.03 4.11 8.90
N GLN A 94 7.81 4.39 7.63
CA GLN A 94 6.79 5.36 7.22
C GLN A 94 5.41 4.91 7.64
N TRP A 95 5.14 3.61 7.49
CA TRP A 95 3.85 3.05 7.86
C TRP A 95 3.57 3.24 9.35
N VAL A 96 4.54 2.89 10.18
CA VAL A 96 4.40 3.02 11.63
C VAL A 96 4.31 4.49 12.03
N ALA A 97 5.19 5.31 11.47
CA ALA A 97 5.21 6.74 11.78
C ALA A 97 3.87 7.39 11.43
N ALA A 98 3.36 7.08 10.24
CA ALA A 98 2.09 7.64 9.79
C ALA A 98 0.99 7.43 10.84
N GLY A 99 1.00 6.25 11.46
CA GLY A 99 0.00 5.95 12.48
C GLY A 99 -0.74 4.66 12.19
N GLY A 100 0.01 3.61 11.88
CA GLY A 100 -0.59 2.33 11.59
C GLY A 100 -0.98 1.57 12.85
N HIS A 101 -1.51 0.36 12.67
CA HIS A 101 -1.93 -0.46 13.80
C HIS A 101 -1.15 -1.77 13.84
N ILE A 102 0.16 -1.68 13.62
CA ILE A 102 1.01 -2.86 13.63
C ILE A 102 1.53 -3.16 15.04
N THR A 103 2.07 -4.37 15.22
CA THR A 103 2.60 -4.77 16.51
C THR A 103 3.49 -6.00 16.38
N SER A 104 4.49 -6.10 17.25
CA SER A 104 5.42 -7.23 17.22
C SER A 104 5.00 -8.29 18.23
N GLY A 105 3.69 -8.57 18.27
CA GLY A 105 3.18 -9.57 19.19
C GLY A 105 2.43 -10.68 18.47
N PRO A 106 3.17 -11.74 18.08
CA PRO A 106 2.58 -12.88 17.39
C PRO A 106 1.82 -13.81 18.32
N SER A 107 0.80 -14.48 17.78
CA SER A 107 -0.01 -15.40 18.58
C SER A 107 -0.39 -16.63 17.77
N SER A 108 -0.75 -17.71 18.46
CA SER A 108 -1.12 -18.95 17.80
C SER A 108 -2.61 -18.96 17.47
N GLY A 1 15.11 -2.72 -21.00
CA GLY A 1 13.71 -2.83 -20.61
C GLY A 1 13.51 -3.85 -19.51
N SER A 2 12.25 -4.10 -19.17
CA SER A 2 11.91 -5.06 -18.11
C SER A 2 11.77 -6.46 -18.69
N SER A 3 11.76 -7.45 -17.80
CA SER A 3 11.64 -8.85 -18.21
C SER A 3 10.62 -9.59 -17.34
N GLY A 4 10.03 -10.63 -17.90
CA GLY A 4 9.05 -11.41 -17.15
C GLY A 4 9.34 -12.90 -17.17
N SER A 5 9.64 -13.45 -16.01
CA SER A 5 9.95 -14.88 -15.90
C SER A 5 10.07 -15.29 -14.43
N SER A 6 9.07 -16.03 -13.96
CA SER A 6 9.05 -16.50 -12.58
C SER A 6 8.21 -17.77 -12.44
N GLY A 7 8.33 -18.42 -11.30
CA GLY A 7 7.57 -19.64 -11.06
C GLY A 7 7.57 -20.05 -9.60
N LYS A 8 8.62 -20.76 -9.19
CA LYS A 8 8.74 -21.21 -7.81
C LYS A 8 8.63 -20.04 -6.83
N PRO A 9 8.37 -20.35 -5.55
CA PRO A 9 8.23 -19.34 -4.50
C PRO A 9 9.58 -18.79 -4.06
N LEU A 10 9.64 -17.48 -3.81
CA LEU A 10 10.86 -16.84 -3.38
C LEU A 10 10.66 -16.12 -2.05
N PRO A 11 11.76 -15.87 -1.33
CA PRO A 11 11.73 -15.19 -0.04
C PRO A 11 10.82 -13.96 -0.05
N ILE A 12 9.93 -13.89 0.93
CA ILE A 12 8.99 -12.76 1.03
C ILE A 12 9.69 -11.51 1.56
N ASN A 13 9.58 -10.41 0.82
CA ASN A 13 10.21 -9.16 1.22
C ASN A 13 9.17 -8.23 1.86
N PRO A 14 9.21 -8.13 3.20
CA PRO A 14 8.29 -7.28 3.95
C PRO A 14 8.09 -5.92 3.30
N ASP A 15 9.18 -5.18 3.12
CA ASP A 15 9.13 -3.86 2.50
C ASP A 15 8.22 -3.88 1.27
N ASP A 16 8.26 -4.98 0.54
CA ASP A 16 7.46 -5.13 -0.67
C ASP A 16 5.97 -5.15 -0.33
N LEU A 17 5.64 -5.83 0.77
CA LEU A 17 4.25 -5.94 1.20
C LEU A 17 3.69 -4.56 1.60
N TYR A 18 4.59 -3.66 1.98
CA TYR A 18 4.19 -2.32 2.38
C TYR A 18 4.41 -1.33 1.24
N VAL A 19 3.30 -0.85 0.67
CA VAL A 19 3.37 0.11 -0.43
C VAL A 19 2.47 1.31 -0.17
N SER A 20 2.89 2.47 -0.65
CA SER A 20 2.12 3.70 -0.47
C SER A 20 1.36 4.06 -1.74
N VAL A 21 0.30 4.85 -1.59
CA VAL A 21 -0.51 5.28 -2.72
C VAL A 21 -0.83 6.77 -2.65
N HIS A 22 -0.48 7.49 -3.71
CA HIS A 22 -0.72 8.93 -3.76
C HIS A 22 -1.41 9.32 -5.07
N GLY A 23 -2.59 9.93 -4.95
CA GLY A 23 -3.34 10.33 -6.12
C GLY A 23 -4.79 9.91 -6.08
N MET A 24 -5.39 10.00 -4.89
CA MET A 24 -6.79 9.62 -4.72
C MET A 24 -7.65 10.84 -4.43
N PRO A 25 -8.82 10.91 -5.08
CA PRO A 25 -9.77 12.01 -4.91
C PRO A 25 -9.97 12.37 -3.44
N PHE A 26 -10.71 13.46 -3.21
CA PHE A 26 -10.98 13.91 -1.85
C PHE A 26 -12.06 13.06 -1.19
N SER A 27 -13.02 12.61 -2.00
CA SER A 27 -14.11 11.78 -1.50
C SER A 27 -13.67 10.34 -1.31
N ALA A 28 -12.60 9.96 -2.01
CA ALA A 28 -12.06 8.61 -1.91
C ALA A 28 -12.11 8.10 -0.47
N MET A 29 -12.83 7.01 -0.26
CA MET A 29 -12.95 6.42 1.08
C MET A 29 -12.37 5.02 1.11
N GLU A 30 -12.18 4.49 2.31
CA GLU A 30 -11.63 3.14 2.47
C GLU A 30 -12.20 2.19 1.43
N ASN A 31 -13.53 2.16 1.33
CA ASN A 31 -14.22 1.30 0.38
C ASN A 31 -13.66 1.49 -1.02
N ASP A 32 -13.63 2.74 -1.48
CA ASP A 32 -13.12 3.06 -2.80
C ASP A 32 -11.77 2.39 -3.05
N VAL A 33 -10.90 2.46 -2.05
CA VAL A 33 -9.57 1.87 -2.16
C VAL A 33 -9.66 0.41 -2.64
N ARG A 34 -10.35 -0.42 -1.87
CA ARG A 34 -10.51 -1.82 -2.21
C ARG A 34 -10.73 -1.99 -3.71
N ASP A 35 -11.70 -1.27 -4.24
CA ASP A 35 -12.01 -1.34 -5.67
C ASP A 35 -10.75 -1.54 -6.50
N PHE A 36 -9.68 -0.85 -6.11
CA PHE A 36 -8.41 -0.95 -6.81
C PHE A 36 -7.77 -2.32 -6.58
N PHE A 37 -7.35 -2.57 -5.36
CA PHE A 37 -6.72 -3.84 -5.00
C PHE A 37 -7.76 -4.85 -4.52
N HIS A 38 -8.93 -4.85 -5.16
CA HIS A 38 -10.00 -5.77 -4.79
C HIS A 38 -9.75 -7.16 -5.36
N GLY A 39 -9.18 -7.20 -6.56
CA GLY A 39 -8.89 -8.48 -7.20
C GLY A 39 -7.60 -9.10 -6.71
N LEU A 40 -7.18 -8.71 -5.51
CA LEU A 40 -5.94 -9.24 -4.92
C LEU A 40 -6.15 -9.58 -3.45
N ARG A 41 -5.12 -10.16 -2.84
CA ARG A 41 -5.18 -10.54 -1.43
C ARG A 41 -4.91 -9.34 -0.53
N VAL A 42 -5.97 -8.80 0.07
CA VAL A 42 -5.84 -7.65 0.95
C VAL A 42 -5.73 -8.08 2.41
N ASP A 43 -4.74 -7.55 3.10
CA ASP A 43 -4.52 -7.88 4.51
C ASP A 43 -4.87 -6.70 5.41
N ALA A 44 -4.35 -5.53 5.07
CA ALA A 44 -4.61 -4.32 5.84
C ALA A 44 -4.59 -3.08 4.95
N VAL A 45 -5.31 -2.03 5.37
CA VAL A 45 -5.38 -0.80 4.61
C VAL A 45 -5.27 0.42 5.54
N HIS A 46 -4.20 1.18 5.37
CA HIS A 46 -3.98 2.37 6.18
C HIS A 46 -4.15 3.64 5.34
N LEU A 47 -4.80 4.64 5.91
CA LEU A 47 -5.04 5.90 5.23
C LEU A 47 -4.48 7.07 6.03
N LEU A 48 -4.14 8.16 5.34
CA LEU A 48 -3.61 9.35 6.00
C LEU A 48 -4.52 10.55 5.77
N LYS A 49 -4.71 11.34 6.82
CA LYS A 49 -5.56 12.52 6.74
C LYS A 49 -4.72 13.79 6.82
N ASP A 50 -5.24 14.88 6.26
CA ASP A 50 -4.55 16.15 6.27
C ASP A 50 -4.84 16.93 7.55
N HIS A 51 -4.54 16.31 8.69
CA HIS A 51 -4.78 16.93 9.99
C HIS A 51 -6.17 17.56 10.04
N VAL A 52 -7.11 16.98 9.31
CA VAL A 52 -8.48 17.49 9.27
C VAL A 52 -9.48 16.36 9.46
N GLY A 53 -9.13 15.17 8.98
CA GLY A 53 -10.01 14.02 9.11
C GLY A 53 -10.78 13.74 7.82
N ARG A 54 -10.14 14.01 6.68
CA ARG A 54 -10.76 13.78 5.38
C ARG A 54 -9.76 13.17 4.40
N ASN A 55 -10.25 12.28 3.55
CA ASN A 55 -9.41 11.63 2.55
C ASN A 55 -8.83 12.64 1.58
N ASN A 56 -7.51 12.79 1.59
CA ASN A 56 -6.83 13.72 0.70
C ASN A 56 -6.23 13.00 -0.49
N GLY A 57 -5.45 11.95 -0.23
CA GLY A 57 -4.83 11.19 -1.29
C GLY A 57 -3.45 10.67 -0.91
N ASN A 58 -3.39 9.90 0.17
CA ASN A 58 -2.12 9.35 0.64
C ASN A 58 -2.37 8.28 1.70
N GLY A 59 -2.00 7.04 1.38
CA GLY A 59 -2.18 5.95 2.32
C GLY A 59 -1.24 4.79 2.06
N LEU A 60 -1.30 3.77 2.91
CA LEU A 60 -0.44 2.61 2.76
C LEU A 60 -1.26 1.32 2.73
N VAL A 61 -0.80 0.34 1.98
CA VAL A 61 -1.50 -0.94 1.87
C VAL A 61 -0.56 -2.10 2.20
N LYS A 62 -1.11 -3.13 2.82
CA LYS A 62 -0.33 -4.30 3.20
C LYS A 62 -0.97 -5.58 2.67
N PHE A 63 -0.16 -6.47 2.10
CA PHE A 63 -0.66 -7.72 1.56
C PHE A 63 0.09 -8.91 2.16
N LEU A 64 -0.63 -10.01 2.36
CA LEU A 64 -0.03 -11.21 2.93
C LEU A 64 1.22 -11.62 2.16
N SER A 65 1.05 -11.96 0.89
CA SER A 65 2.16 -12.37 0.05
C SER A 65 2.62 -11.21 -0.84
N PRO A 66 3.89 -11.29 -1.29
CA PRO A 66 4.48 -10.26 -2.16
C PRO A 66 4.04 -10.40 -3.61
N GLN A 67 3.58 -11.59 -3.97
CA GLN A 67 3.12 -11.87 -5.33
C GLN A 67 1.87 -11.06 -5.66
N ASP A 68 1.07 -10.78 -4.63
CA ASP A 68 -0.17 -10.02 -4.80
C ASP A 68 0.13 -8.54 -5.02
N THR A 69 0.97 -7.98 -4.16
CA THR A 69 1.34 -6.57 -4.26
C THR A 69 2.12 -6.29 -5.54
N PHE A 70 3.07 -7.17 -5.85
CA PHE A 70 3.88 -7.01 -7.06
C PHE A 70 3.05 -6.43 -8.20
N GLU A 71 1.78 -6.80 -8.26
CA GLU A 71 0.89 -6.32 -9.30
C GLU A 71 0.57 -4.84 -9.09
N ALA A 72 0.18 -4.49 -7.88
CA ALA A 72 -0.15 -3.11 -7.54
C ALA A 72 0.95 -2.16 -8.00
N LEU A 73 2.16 -2.68 -8.10
CA LEU A 73 3.30 -1.86 -8.53
C LEU A 73 3.25 -1.58 -10.03
N LYS A 74 3.15 -2.65 -10.82
CA LYS A 74 3.08 -2.51 -12.27
C LYS A 74 1.84 -1.73 -12.69
N ARG A 75 0.86 -1.65 -11.79
CA ARG A 75 -0.36 -0.93 -12.07
C ARG A 75 -0.19 0.57 -11.81
N ASN A 76 0.87 0.91 -11.09
CA ASN A 76 1.15 2.31 -10.76
C ASN A 76 0.92 3.20 -11.98
N ARG A 77 0.58 4.46 -11.72
CA ARG A 77 0.33 5.41 -12.78
C ARG A 77 -0.90 5.01 -13.60
N MET A 78 -1.90 4.44 -12.93
CA MET A 78 -3.11 4.01 -13.59
C MET A 78 -4.25 5.00 -13.33
N LEU A 79 -5.44 4.67 -13.82
CA LEU A 79 -6.61 5.53 -13.63
C LEU A 79 -7.45 5.07 -12.45
N MET A 80 -8.07 6.02 -11.77
CA MET A 80 -8.91 5.71 -10.61
C MET A 80 -9.86 6.87 -10.30
N ILE A 81 -11.14 6.69 -10.60
CA ILE A 81 -12.14 7.71 -10.35
C ILE A 81 -11.74 9.03 -11.00
N GLN A 82 -11.29 8.96 -12.25
CA GLN A 82 -10.89 10.16 -12.98
C GLN A 82 -9.65 10.79 -12.34
N ARG A 83 -8.86 9.97 -11.66
CA ARG A 83 -7.65 10.46 -11.00
C ARG A 83 -6.50 9.47 -11.18
N TYR A 84 -5.28 9.98 -11.16
CA TYR A 84 -4.09 9.16 -11.31
C TYR A 84 -3.49 8.79 -9.95
N VAL A 85 -3.34 7.49 -9.71
CA VAL A 85 -2.79 7.01 -8.46
C VAL A 85 -1.31 6.64 -8.62
N GLU A 86 -0.53 6.86 -7.57
CA GLU A 86 0.90 6.55 -7.60
C GLU A 86 1.23 5.49 -6.57
N VAL A 87 1.41 4.26 -7.02
CA VAL A 87 1.74 3.15 -6.14
C VAL A 87 3.23 2.87 -6.16
N SER A 88 3.82 2.75 -4.96
CA SER A 88 5.24 2.49 -4.82
C SER A 88 5.54 1.85 -3.47
N PRO A 89 6.64 1.05 -3.43
CA PRO A 89 7.05 0.36 -2.21
C PRO A 89 7.19 1.31 -1.02
N ALA A 90 7.14 0.76 0.19
CA ALA A 90 7.26 1.55 1.40
C ALA A 90 8.15 0.87 2.41
N THR A 91 8.57 1.62 3.43
CA THR A 91 9.45 1.10 4.47
C THR A 91 8.78 1.17 5.84
N GLU A 92 9.16 0.26 6.73
CA GLU A 92 8.59 0.23 8.07
C GLU A 92 8.46 1.63 8.64
N ARG A 93 9.53 2.42 8.54
CA ARG A 93 9.54 3.78 9.04
C ARG A 93 8.32 4.55 8.55
N GLN A 94 8.02 4.41 7.25
CA GLN A 94 6.89 5.10 6.65
C GLN A 94 5.58 4.62 7.28
N TRP A 95 5.41 3.31 7.35
CA TRP A 95 4.20 2.73 7.92
C TRP A 95 4.00 3.19 9.36
N VAL A 96 5.04 3.06 10.17
CA VAL A 96 4.98 3.46 11.57
C VAL A 96 4.52 4.91 11.70
N ALA A 97 5.27 5.83 11.08
CA ALA A 97 4.93 7.25 11.12
C ALA A 97 3.52 7.49 10.60
N ALA A 98 3.13 6.73 9.58
CA ALA A 98 1.80 6.87 8.99
C ALA A 98 0.71 6.63 10.04
N GLY A 99 0.91 5.64 10.89
CA GLY A 99 -0.05 5.33 11.92
C GLY A 99 -0.30 3.84 12.06
N GLY A 100 0.76 3.05 11.90
CA GLY A 100 0.64 1.61 12.01
C GLY A 100 0.54 1.15 13.44
N HIS A 101 0.37 -0.16 13.64
CA HIS A 101 0.27 -0.73 14.98
C HIS A 101 1.25 -1.89 15.16
N ILE A 102 2.49 -1.55 15.49
CA ILE A 102 3.52 -2.56 15.69
C ILE A 102 4.59 -2.07 16.67
N THR A 103 5.22 -3.00 17.36
CA THR A 103 6.26 -2.67 18.32
C THR A 103 7.56 -2.27 17.62
N SER A 104 7.98 -1.02 17.80
CA SER A 104 9.19 -0.52 17.17
C SER A 104 10.42 -0.84 18.04
N GLY A 105 10.44 -0.32 19.25
CA GLY A 105 11.55 -0.56 20.14
C GLY A 105 12.54 0.60 20.18
N PRO A 106 12.30 1.54 21.11
CA PRO A 106 13.17 2.72 21.27
C PRO A 106 14.47 2.39 21.98
N SER A 107 15.26 3.42 22.27
CA SER A 107 16.53 3.24 22.95
C SER A 107 16.85 4.44 23.84
N SER A 108 17.66 4.22 24.86
CA SER A 108 18.04 5.27 25.79
C SER A 108 18.95 6.29 25.11
N GLY A 1 26.75 6.78 -7.24
CA GLY A 1 26.93 5.65 -8.13
C GLY A 1 27.23 4.37 -7.39
N SER A 2 26.86 3.24 -7.99
CA SER A 2 27.10 1.94 -7.38
C SER A 2 27.02 0.83 -8.43
N SER A 3 27.49 -0.36 -8.05
CA SER A 3 27.47 -1.51 -8.96
C SER A 3 27.72 -2.80 -8.18
N GLY A 4 27.46 -3.93 -8.84
CA GLY A 4 27.66 -5.23 -8.20
C GLY A 4 26.44 -6.11 -8.30
N SER A 5 26.58 -7.36 -7.87
CA SER A 5 25.48 -8.31 -7.90
C SER A 5 25.27 -8.96 -6.53
N SER A 6 24.01 -9.29 -6.23
CA SER A 6 23.68 -9.90 -4.95
C SER A 6 23.64 -11.42 -5.07
N GLY A 7 23.77 -12.10 -3.94
CA GLY A 7 23.75 -13.55 -3.94
C GLY A 7 23.61 -14.13 -2.55
N LYS A 8 22.64 -13.62 -1.80
CA LYS A 8 22.39 -14.09 -0.44
C LYS A 8 20.92 -14.43 -0.24
N PRO A 9 20.66 -15.55 0.45
CA PRO A 9 19.29 -16.00 0.73
C PRO A 9 18.64 -15.22 1.86
N LEU A 10 17.69 -14.35 1.51
CA LEU A 10 16.99 -13.54 2.50
C LEU A 10 15.49 -13.76 2.42
N PRO A 11 14.79 -13.52 3.54
CA PRO A 11 13.33 -13.68 3.61
C PRO A 11 12.58 -12.54 2.92
N ILE A 12 11.35 -12.81 2.51
CA ILE A 12 10.53 -11.81 1.85
C ILE A 12 10.76 -10.42 2.44
N ASN A 13 10.91 -9.43 1.57
CA ASN A 13 11.15 -8.07 1.99
C ASN A 13 9.83 -7.37 2.30
N PRO A 14 9.61 -7.05 3.59
CA PRO A 14 8.39 -6.36 4.03
C PRO A 14 8.01 -5.19 3.14
N ASP A 15 8.98 -4.32 2.86
CA ASP A 15 8.75 -3.16 2.01
C ASP A 15 7.74 -3.48 0.92
N ASP A 16 8.00 -4.55 0.18
CA ASP A 16 7.11 -4.97 -0.90
C ASP A 16 5.66 -4.99 -0.44
N LEU A 17 5.40 -5.74 0.62
CA LEU A 17 4.05 -5.85 1.17
C LEU A 17 3.51 -4.48 1.56
N TYR A 18 4.40 -3.58 1.96
CA TYR A 18 4.02 -2.24 2.36
C TYR A 18 4.26 -1.24 1.23
N VAL A 19 3.20 -0.92 0.50
CA VAL A 19 3.28 0.02 -0.61
C VAL A 19 2.41 1.25 -0.35
N SER A 20 2.92 2.41 -0.75
CA SER A 20 2.19 3.66 -0.56
C SER A 20 1.46 4.06 -1.84
N VAL A 21 0.32 4.73 -1.66
CA VAL A 21 -0.48 5.17 -2.80
C VAL A 21 -0.77 6.68 -2.72
N HIS A 22 -0.29 7.42 -3.70
CA HIS A 22 -0.50 8.86 -3.74
C HIS A 22 -1.20 9.27 -5.03
N GLY A 23 -2.38 9.86 -4.90
CA GLY A 23 -3.13 10.29 -6.06
C GLY A 23 -4.60 9.89 -5.99
N MET A 24 -5.14 9.89 -4.78
CA MET A 24 -6.54 9.53 -4.59
C MET A 24 -7.40 10.76 -4.31
N PRO A 25 -8.60 10.79 -4.90
CA PRO A 25 -9.54 11.91 -4.73
C PRO A 25 -9.68 12.33 -3.26
N PHE A 26 -10.43 13.40 -3.05
CA PHE A 26 -10.64 13.92 -1.70
C PHE A 26 -11.72 13.11 -0.97
N SER A 27 -12.64 12.55 -1.74
CA SER A 27 -13.73 11.75 -1.18
C SER A 27 -13.31 10.30 -1.00
N ALA A 28 -12.27 9.90 -1.73
CA ALA A 28 -11.76 8.53 -1.66
C ALA A 28 -11.78 8.03 -0.22
N MET A 29 -12.30 6.82 -0.03
CA MET A 29 -12.37 6.21 1.30
C MET A 29 -11.84 4.79 1.27
N GLU A 30 -11.48 4.27 2.45
CA GLU A 30 -10.97 2.92 2.56
C GLU A 30 -11.65 1.99 1.56
N ASN A 31 -12.96 2.15 1.41
CA ASN A 31 -13.73 1.33 0.49
C ASN A 31 -13.21 1.47 -0.94
N ASP A 32 -13.34 2.68 -1.49
CA ASP A 32 -12.89 2.95 -2.85
C ASP A 32 -11.58 2.22 -3.14
N VAL A 33 -10.62 2.36 -2.23
CA VAL A 33 -9.32 1.72 -2.39
C VAL A 33 -9.48 0.29 -2.90
N ARG A 34 -10.24 -0.51 -2.16
CA ARG A 34 -10.47 -1.90 -2.53
C ARG A 34 -10.67 -2.04 -4.03
N ASP A 35 -11.61 -1.27 -4.58
CA ASP A 35 -11.88 -1.30 -6.01
C ASP A 35 -10.60 -1.50 -6.81
N PHE A 36 -9.53 -0.85 -6.38
CA PHE A 36 -8.24 -0.96 -7.05
C PHE A 36 -7.60 -2.32 -6.79
N PHE A 37 -7.37 -2.62 -5.52
CA PHE A 37 -6.76 -3.89 -5.13
C PHE A 37 -7.82 -4.89 -4.67
N HIS A 38 -8.94 -4.94 -5.39
CA HIS A 38 -10.03 -5.84 -5.06
C HIS A 38 -9.73 -7.25 -5.56
N GLY A 39 -9.25 -7.36 -6.79
CA GLY A 39 -8.93 -8.65 -7.36
C GLY A 39 -7.58 -9.17 -6.92
N LEU A 40 -7.19 -8.83 -5.70
CA LEU A 40 -5.90 -9.26 -5.15
C LEU A 40 -6.03 -9.65 -3.69
N ARG A 41 -4.94 -10.17 -3.12
CA ARG A 41 -4.93 -10.58 -1.73
C ARG A 41 -4.74 -9.38 -0.81
N VAL A 42 -5.85 -8.84 -0.31
CA VAL A 42 -5.81 -7.69 0.59
C VAL A 42 -5.72 -8.13 2.04
N ASP A 43 -4.84 -7.48 2.80
CA ASP A 43 -4.66 -7.81 4.21
C ASP A 43 -5.10 -6.64 5.09
N ALA A 44 -4.69 -5.43 4.71
CA ALA A 44 -5.04 -4.24 5.47
C ALA A 44 -4.93 -2.99 4.61
N VAL A 45 -5.51 -1.89 5.08
CA VAL A 45 -5.48 -0.63 4.35
C VAL A 45 -5.40 0.56 5.30
N HIS A 46 -4.44 1.45 5.05
CA HIS A 46 -4.25 2.63 5.89
C HIS A 46 -4.42 3.91 5.07
N LEU A 47 -5.10 4.89 5.63
CA LEU A 47 -5.32 6.17 4.97
C LEU A 47 -4.90 7.34 5.85
N LEU A 48 -4.62 8.47 5.22
CA LEU A 48 -4.20 9.67 5.95
C LEU A 48 -5.14 10.83 5.65
N LYS A 49 -5.03 11.89 6.46
CA LYS A 49 -5.87 13.07 6.30
C LYS A 49 -5.04 14.34 6.40
N ASP A 50 -5.68 15.48 6.18
CA ASP A 50 -5.01 16.77 6.26
C ASP A 50 -4.86 17.22 7.71
N HIS A 51 -4.24 18.39 7.91
CA HIS A 51 -4.03 18.93 9.24
C HIS A 51 -5.32 18.85 10.06
N VAL A 52 -6.45 19.19 9.43
CA VAL A 52 -7.74 19.16 10.10
C VAL A 52 -8.27 17.74 10.21
N GLY A 53 -8.12 16.97 9.13
CA GLY A 53 -8.59 15.60 9.13
C GLY A 53 -9.42 15.27 7.90
N ARG A 54 -9.01 15.81 6.75
CA ARG A 54 -9.73 15.57 5.50
C ARG A 54 -8.85 14.79 4.52
N ASN A 55 -9.37 13.65 4.07
CA ASN A 55 -8.64 12.81 3.12
C ASN A 55 -8.15 13.63 1.93
N ASN A 56 -6.83 13.79 1.82
CA ASN A 56 -6.24 14.55 0.73
C ASN A 56 -5.91 13.64 -0.46
N GLY A 57 -5.10 12.61 -0.20
CA GLY A 57 -4.72 11.69 -1.25
C GLY A 57 -3.44 10.94 -0.93
N ASN A 58 -3.35 10.43 0.29
CA ASN A 58 -2.16 9.69 0.73
C ASN A 58 -2.54 8.55 1.66
N GLY A 59 -2.21 7.32 1.26
CA GLY A 59 -2.52 6.16 2.08
C GLY A 59 -1.61 4.99 1.78
N LEU A 60 -1.51 4.07 2.74
CA LEU A 60 -0.66 2.89 2.58
C LEU A 60 -1.51 1.62 2.47
N VAL A 61 -0.94 0.61 1.83
CA VAL A 61 -1.64 -0.66 1.66
C VAL A 61 -0.75 -1.84 2.05
N LYS A 62 -1.33 -2.81 2.75
CA LYS A 62 -0.60 -3.99 3.18
C LYS A 62 -1.15 -5.25 2.51
N PHE A 63 -0.28 -6.23 2.30
CA PHE A 63 -0.68 -7.48 1.67
C PHE A 63 -0.05 -8.68 2.39
N LEU A 64 -0.72 -9.82 2.31
CA LEU A 64 -0.23 -11.03 2.95
C LEU A 64 1.06 -11.53 2.29
N SER A 65 0.93 -11.97 1.05
CA SER A 65 2.08 -12.47 0.30
C SER A 65 2.65 -11.37 -0.62
N PRO A 66 3.92 -11.54 -1.00
CA PRO A 66 4.61 -10.59 -1.88
C PRO A 66 4.18 -10.71 -3.33
N GLN A 67 4.14 -11.95 -3.82
CA GLN A 67 3.74 -12.21 -5.20
C GLN A 67 2.45 -11.48 -5.54
N ASP A 68 1.66 -11.18 -4.52
CA ASP A 68 0.39 -10.48 -4.71
C ASP A 68 0.63 -9.00 -4.96
N THR A 69 1.30 -8.34 -4.02
CA THR A 69 1.59 -6.92 -4.15
C THR A 69 2.33 -6.61 -5.44
N PHE A 70 3.29 -7.48 -5.79
CA PHE A 70 4.08 -7.29 -7.01
C PHE A 70 3.23 -6.73 -8.13
N GLU A 71 1.95 -7.13 -8.16
CA GLU A 71 1.02 -6.67 -9.19
C GLU A 71 0.63 -5.21 -8.94
N ALA A 72 0.25 -4.91 -7.70
CA ALA A 72 -0.15 -3.55 -7.34
C ALA A 72 0.88 -2.54 -7.79
N LEU A 73 2.16 -2.89 -7.66
CA LEU A 73 3.25 -2.01 -8.04
C LEU A 73 3.13 -1.60 -9.51
N LYS A 74 2.86 -2.58 -10.36
CA LYS A 74 2.70 -2.33 -11.79
C LYS A 74 1.47 -1.49 -12.07
N ARG A 75 0.38 -1.79 -11.36
CA ARG A 75 -0.87 -1.06 -11.53
C ARG A 75 -0.64 0.44 -11.43
N ASN A 76 0.41 0.84 -10.72
CA ASN A 76 0.74 2.24 -10.54
C ASN A 76 0.44 3.02 -11.82
N ARG A 77 0.13 4.31 -11.66
CA ARG A 77 -0.18 5.18 -12.79
C ARG A 77 -1.44 4.70 -13.51
N MET A 78 -2.45 4.33 -12.74
CA MET A 78 -3.71 3.86 -13.30
C MET A 78 -4.80 4.90 -13.15
N LEU A 79 -5.93 4.68 -13.81
CA LEU A 79 -7.05 5.60 -13.76
C LEU A 79 -8.11 5.13 -12.78
N MET A 80 -8.40 5.94 -11.77
CA MET A 80 -9.39 5.60 -10.76
C MET A 80 -10.10 6.85 -10.25
N ILE A 81 -11.35 7.03 -10.68
CA ILE A 81 -12.14 8.19 -10.25
C ILE A 81 -11.57 9.47 -10.84
N GLN A 82 -11.35 9.47 -12.14
CA GLN A 82 -10.81 10.64 -12.84
C GLN A 82 -9.59 11.19 -12.09
N ARG A 83 -8.86 10.31 -11.43
CA ARG A 83 -7.67 10.70 -10.68
C ARG A 83 -6.55 9.68 -10.87
N TYR A 84 -5.33 10.17 -11.04
CA TYR A 84 -4.17 9.31 -11.23
C TYR A 84 -3.54 8.95 -9.89
N VAL A 85 -3.37 7.64 -9.66
CA VAL A 85 -2.77 7.15 -8.42
C VAL A 85 -1.31 6.79 -8.62
N GLU A 86 -0.52 6.94 -7.55
CA GLU A 86 0.90 6.62 -7.61
C GLU A 86 1.27 5.56 -6.57
N VAL A 87 1.38 4.32 -7.01
CA VAL A 87 1.73 3.22 -6.12
C VAL A 87 3.22 2.92 -6.16
N SER A 88 3.83 2.77 -4.99
CA SER A 88 5.25 2.47 -4.90
C SER A 88 5.60 1.88 -3.54
N PRO A 89 6.66 1.05 -3.51
CA PRO A 89 7.13 0.40 -2.28
C PRO A 89 7.30 1.39 -1.13
N ALA A 90 7.17 0.89 0.10
CA ALA A 90 7.32 1.74 1.28
C ALA A 90 8.15 1.04 2.34
N THR A 91 8.38 1.73 3.45
CA THR A 91 9.16 1.17 4.55
C THR A 91 8.36 1.17 5.85
N GLU A 92 8.71 0.25 6.74
CA GLU A 92 8.02 0.14 8.02
C GLU A 92 7.99 1.48 8.74
N ARG A 93 9.06 2.24 8.59
CA ARG A 93 9.16 3.55 9.23
C ARG A 93 7.96 4.43 8.86
N GLN A 94 7.67 4.49 7.56
CA GLN A 94 6.56 5.30 7.07
C GLN A 94 5.23 4.77 7.61
N TRP A 95 5.02 3.47 7.49
CA TRP A 95 3.79 2.85 7.96
C TRP A 95 3.55 3.16 9.44
N VAL A 96 4.59 2.96 10.24
CA VAL A 96 4.49 3.22 11.68
C VAL A 96 4.16 4.69 11.95
N ALA A 97 5.06 5.58 11.54
CA ALA A 97 4.85 7.01 11.74
C ALA A 97 3.45 7.43 11.32
N ALA A 98 2.99 6.90 10.18
CA ALA A 98 1.66 7.22 9.68
C ALA A 98 0.60 6.92 10.71
N GLY A 99 0.73 5.79 11.40
CA GLY A 99 -0.23 5.40 12.40
C GLY A 99 -0.81 4.02 12.17
N GLY A 100 0.05 3.08 11.78
CA GLY A 100 -0.39 1.72 11.51
C GLY A 100 -0.86 1.01 12.77
N HIS A 101 -1.24 -0.25 12.63
CA HIS A 101 -1.70 -1.04 13.76
C HIS A 101 -0.90 -2.33 13.89
N ILE A 102 0.25 -2.24 14.55
CA ILE A 102 1.11 -3.41 14.74
C ILE A 102 1.39 -3.65 16.22
N THR A 103 1.92 -4.82 16.53
CA THR A 103 2.23 -5.18 17.91
C THR A 103 3.32 -6.24 17.97
N SER A 104 3.83 -6.49 19.16
CA SER A 104 4.88 -7.49 19.36
C SER A 104 4.36 -8.69 20.12
N GLY A 105 3.95 -9.72 19.38
CA GLY A 105 3.42 -10.92 20.01
C GLY A 105 2.72 -11.83 19.02
N PRO A 106 2.46 -13.08 19.44
CA PRO A 106 1.78 -14.08 18.60
C PRO A 106 0.27 -13.83 18.52
N SER A 107 -0.21 -13.55 17.31
CA SER A 107 -1.63 -13.29 17.10
C SER A 107 -2.34 -14.57 16.66
N SER A 108 -1.91 -15.12 15.54
CA SER A 108 -2.52 -16.35 15.01
C SER A 108 -1.52 -17.12 14.15
N GLY A 1 13.41 -11.23 -20.02
CA GLY A 1 13.94 -10.49 -18.89
C GLY A 1 14.76 -9.30 -19.31
N SER A 2 14.43 -8.12 -18.75
CA SER A 2 15.13 -6.90 -19.07
C SER A 2 15.59 -6.18 -17.80
N SER A 3 14.69 -6.12 -16.82
CA SER A 3 15.00 -5.46 -15.55
C SER A 3 14.65 -6.35 -14.38
N GLY A 4 15.56 -7.25 -14.04
CA GLY A 4 15.32 -8.16 -12.92
C GLY A 4 16.29 -7.93 -11.78
N SER A 5 16.72 -9.02 -11.13
CA SER A 5 17.64 -8.93 -10.02
C SER A 5 18.07 -10.32 -9.55
N SER A 6 19.39 -10.50 -9.40
CA SER A 6 19.92 -11.79 -8.97
C SER A 6 20.52 -11.68 -7.57
N GLY A 7 20.31 -12.72 -6.76
CA GLY A 7 20.84 -12.73 -5.41
C GLY A 7 20.80 -14.11 -4.78
N LYS A 8 20.93 -14.15 -3.46
CA LYS A 8 20.92 -15.42 -2.73
C LYS A 8 19.60 -15.60 -1.98
N PRO A 9 19.26 -16.87 -1.69
CA PRO A 9 18.03 -17.19 -0.98
C PRO A 9 17.79 -16.29 0.23
N LEU A 10 16.92 -15.29 0.06
CA LEU A 10 16.61 -14.36 1.13
C LEU A 10 15.13 -14.40 1.47
N PRO A 11 14.79 -13.97 2.69
CA PRO A 11 13.41 -13.95 3.18
C PRO A 11 12.61 -12.80 2.58
N ILE A 12 11.28 -12.96 2.53
CA ILE A 12 10.41 -11.93 1.98
C ILE A 12 10.73 -10.57 2.57
N ASN A 13 10.98 -9.59 1.71
CA ASN A 13 11.29 -8.23 2.15
C ASN A 13 10.02 -7.40 2.30
N PRO A 14 9.68 -7.06 3.55
CA PRO A 14 8.48 -6.26 3.86
C PRO A 14 8.33 -5.07 2.91
N ASP A 15 9.44 -4.43 2.59
CA ASP A 15 9.44 -3.27 1.70
C ASP A 15 8.39 -3.45 0.61
N ASP A 16 8.27 -4.67 0.08
CA ASP A 16 7.31 -4.96 -0.97
C ASP A 16 5.89 -4.98 -0.41
N LEU A 17 5.62 -5.91 0.49
CA LEU A 17 4.31 -6.04 1.10
C LEU A 17 3.79 -4.69 1.57
N TYR A 18 4.71 -3.80 1.95
CA TYR A 18 4.35 -2.48 2.42
C TYR A 18 4.54 -1.43 1.33
N VAL A 19 3.45 -1.07 0.67
CA VAL A 19 3.50 -0.09 -0.41
C VAL A 19 2.78 1.19 -0.01
N SER A 20 2.86 2.20 -0.87
CA SER A 20 2.22 3.48 -0.60
C SER A 20 1.41 3.94 -1.82
N VAL A 21 0.29 4.61 -1.56
CA VAL A 21 -0.58 5.11 -2.63
C VAL A 21 -0.78 6.61 -2.50
N HIS A 22 -0.41 7.34 -3.56
CA HIS A 22 -0.55 8.79 -3.58
C HIS A 22 -1.31 9.24 -4.81
N GLY A 23 -2.39 10.00 -4.60
CA GLY A 23 -3.18 10.49 -5.72
C GLY A 23 -4.59 9.93 -5.71
N MET A 24 -5.23 9.93 -4.54
CA MET A 24 -6.58 9.41 -4.41
C MET A 24 -7.57 10.53 -4.11
N PRO A 25 -8.76 10.46 -4.71
CA PRO A 25 -9.81 11.46 -4.53
C PRO A 25 -10.02 11.81 -3.06
N PHE A 26 -10.66 12.95 -2.81
CA PHE A 26 -10.93 13.39 -1.45
C PHE A 26 -11.83 12.40 -0.71
N SER A 27 -12.78 11.83 -1.43
CA SER A 27 -13.71 10.87 -0.86
C SER A 27 -13.07 9.49 -0.75
N ALA A 28 -12.02 9.27 -1.53
CA ALA A 28 -11.31 8.00 -1.53
C ALA A 28 -11.20 7.45 -0.11
N MET A 29 -11.86 6.31 0.13
CA MET A 29 -11.84 5.68 1.44
C MET A 29 -11.46 4.20 1.32
N GLU A 30 -11.23 3.56 2.46
CA GLU A 30 -10.86 2.15 2.50
C GLU A 30 -11.61 1.38 1.40
N ASN A 31 -12.87 1.73 1.18
CA ASN A 31 -13.68 1.06 0.17
C ASN A 31 -13.13 1.32 -1.23
N ASP A 32 -12.97 2.59 -1.57
CA ASP A 32 -12.45 2.97 -2.88
C ASP A 32 -11.22 2.14 -3.24
N VAL A 33 -10.34 1.96 -2.26
CA VAL A 33 -9.11 1.17 -2.47
C VAL A 33 -9.43 -0.17 -3.11
N ARG A 34 -10.35 -0.92 -2.50
CA ARG A 34 -10.74 -2.23 -3.01
C ARG A 34 -10.88 -2.20 -4.52
N ASP A 35 -11.79 -1.35 -5.01
CA ASP A 35 -12.03 -1.23 -6.44
C ASP A 35 -10.71 -1.26 -7.22
N PHE A 36 -9.67 -0.69 -6.62
CA PHE A 36 -8.36 -0.66 -7.26
C PHE A 36 -7.68 -2.02 -7.19
N PHE A 37 -7.49 -2.52 -5.97
CA PHE A 37 -6.84 -3.81 -5.77
C PHE A 37 -7.88 -4.90 -5.50
N HIS A 38 -8.97 -4.88 -6.26
CA HIS A 38 -10.04 -5.85 -6.10
C HIS A 38 -9.68 -7.17 -6.76
N GLY A 39 -9.37 -8.17 -5.95
CA GLY A 39 -9.00 -9.47 -6.47
C GLY A 39 -7.78 -10.06 -5.78
N LEU A 40 -6.96 -9.19 -5.19
CA LEU A 40 -5.75 -9.62 -4.50
C LEU A 40 -5.97 -9.65 -2.98
N ARG A 41 -5.25 -10.52 -2.30
CA ARG A 41 -5.36 -10.64 -0.86
C ARG A 41 -5.08 -9.30 -0.17
N VAL A 42 -6.05 -8.82 0.60
CA VAL A 42 -5.91 -7.56 1.30
C VAL A 42 -5.55 -7.79 2.77
N ASP A 43 -4.50 -7.11 3.23
CA ASP A 43 -4.06 -7.24 4.61
C ASP A 43 -4.50 -6.03 5.44
N ALA A 44 -4.35 -4.85 4.87
CA ALA A 44 -4.74 -3.62 5.54
C ALA A 44 -4.60 -2.41 4.62
N VAL A 45 -5.51 -1.45 4.76
CA VAL A 45 -5.48 -0.25 3.94
C VAL A 45 -5.52 1.01 4.81
N HIS A 46 -4.41 1.75 4.81
CA HIS A 46 -4.31 2.98 5.60
C HIS A 46 -4.51 4.20 4.71
N LEU A 47 -5.25 5.19 5.22
CA LEU A 47 -5.51 6.41 4.48
C LEU A 47 -5.40 7.63 5.39
N LEU A 48 -4.33 8.39 5.23
CA LEU A 48 -4.12 9.60 6.03
C LEU A 48 -5.32 10.53 5.95
N LYS A 49 -5.49 11.34 6.98
CA LYS A 49 -6.60 12.30 7.03
C LYS A 49 -6.09 13.72 7.17
N ASP A 50 -6.98 14.69 6.92
CA ASP A 50 -6.62 16.10 7.02
C ASP A 50 -6.28 16.48 8.46
N HIS A 51 -6.03 17.76 8.69
CA HIS A 51 -5.70 18.25 10.02
C HIS A 51 -6.84 18.00 10.99
N VAL A 52 -8.06 18.04 10.48
CA VAL A 52 -9.25 17.82 11.30
C VAL A 52 -9.58 16.33 11.39
N GLY A 53 -9.53 15.65 10.25
CA GLY A 53 -9.83 14.24 10.21
C GLY A 53 -10.65 13.84 9.00
N ARG A 54 -10.29 14.41 7.84
CA ARG A 54 -11.00 14.12 6.60
C ARG A 54 -10.03 13.71 5.50
N ASN A 55 -10.26 12.56 4.90
CA ASN A 55 -9.40 12.06 3.83
C ASN A 55 -8.95 13.20 2.93
N ASN A 56 -7.71 13.12 2.46
CA ASN A 56 -7.15 14.14 1.58
C ASN A 56 -6.77 13.55 0.23
N GLY A 57 -6.10 12.40 0.25
CA GLY A 57 -5.70 11.75 -0.98
C GLY A 57 -4.31 11.15 -0.88
N ASN A 58 -3.96 10.63 0.30
CA ASN A 58 -2.66 10.02 0.52
C ASN A 58 -2.73 8.95 1.60
N GLY A 59 -2.35 7.73 1.24
CA GLY A 59 -2.38 6.63 2.19
C GLY A 59 -1.45 5.50 1.80
N LEU A 60 -1.55 4.38 2.51
CA LEU A 60 -0.70 3.23 2.23
C LEU A 60 -1.54 1.96 2.12
N VAL A 61 -0.89 0.86 1.76
CA VAL A 61 -1.58 -0.42 1.61
C VAL A 61 -0.62 -1.58 1.84
N LYS A 62 -1.07 -2.59 2.58
CA LYS A 62 -0.26 -3.75 2.87
C LYS A 62 -0.94 -5.03 2.38
N PHE A 63 -0.14 -5.99 1.94
CA PHE A 63 -0.67 -7.26 1.44
C PHE A 63 0.01 -8.44 2.14
N LEU A 64 -0.80 -9.42 2.54
CA LEU A 64 -0.27 -10.61 3.21
C LEU A 64 0.88 -11.22 2.43
N SER A 65 0.60 -11.60 1.18
CA SER A 65 1.62 -12.20 0.33
C SER A 65 2.19 -11.17 -0.65
N PRO A 66 3.44 -11.40 -1.08
CA PRO A 66 4.14 -10.50 -2.00
C PRO A 66 3.67 -10.68 -3.45
N GLN A 67 3.55 -11.94 -3.87
CA GLN A 67 3.12 -12.24 -5.22
C GLN A 67 1.92 -11.40 -5.62
N ASP A 68 1.11 -11.03 -4.63
CA ASP A 68 -0.08 -10.22 -4.87
C ASP A 68 0.30 -8.74 -5.06
N THR A 69 1.08 -8.23 -4.12
CA THR A 69 1.52 -6.83 -4.18
C THR A 69 2.12 -6.51 -5.55
N PHE A 70 2.97 -7.39 -6.04
CA PHE A 70 3.62 -7.19 -7.33
C PHE A 70 2.65 -6.57 -8.33
N GLU A 71 1.45 -7.12 -8.41
CA GLU A 71 0.43 -6.61 -9.33
C GLU A 71 0.14 -5.15 -9.06
N ALA A 72 0.00 -4.80 -7.78
CA ALA A 72 -0.28 -3.42 -7.39
C ALA A 72 0.79 -2.47 -7.91
N LEU A 73 2.05 -2.84 -7.71
CA LEU A 73 3.17 -2.02 -8.16
C LEU A 73 3.13 -1.83 -9.67
N LYS A 74 2.47 -2.74 -10.36
CA LYS A 74 2.35 -2.68 -11.82
C LYS A 74 1.14 -1.84 -12.22
N ARG A 75 0.24 -1.60 -11.27
CA ARG A 75 -0.96 -0.81 -11.53
C ARG A 75 -0.73 0.65 -11.19
N ASN A 76 0.54 1.04 -11.07
CA ASN A 76 0.89 2.41 -10.75
C ASN A 76 0.52 3.36 -11.90
N ARG A 77 0.62 4.66 -11.63
CA ARG A 77 0.30 5.66 -12.64
C ARG A 77 -0.92 5.24 -13.46
N MET A 78 -1.98 4.82 -12.76
CA MET A 78 -3.20 4.39 -13.43
C MET A 78 -4.32 5.40 -13.20
N LEU A 79 -5.46 5.17 -13.85
CA LEU A 79 -6.61 6.06 -13.72
C LEU A 79 -7.60 5.54 -12.69
N MET A 80 -7.92 6.36 -11.71
CA MET A 80 -8.86 5.97 -10.66
C MET A 80 -9.83 7.11 -10.35
N ILE A 81 -11.09 6.92 -10.71
CA ILE A 81 -12.11 7.93 -10.47
C ILE A 81 -11.65 9.31 -10.95
N GLN A 82 -11.05 9.34 -12.13
CA GLN A 82 -10.56 10.59 -12.70
C GLN A 82 -9.38 11.13 -11.90
N ARG A 83 -8.63 10.23 -11.28
CA ARG A 83 -7.48 10.63 -10.47
C ARG A 83 -6.31 9.66 -10.68
N TYR A 84 -5.11 10.21 -10.77
CA TYR A 84 -3.92 9.40 -10.98
C TYR A 84 -3.36 8.90 -9.65
N VAL A 85 -3.30 7.59 -9.48
CA VAL A 85 -2.79 6.98 -8.26
C VAL A 85 -1.36 6.50 -8.44
N GLU A 86 -0.51 6.79 -7.47
CA GLU A 86 0.89 6.39 -7.53
C GLU A 86 1.16 5.22 -6.58
N VAL A 87 1.48 4.06 -7.15
CA VAL A 87 1.76 2.88 -6.36
C VAL A 87 3.26 2.57 -6.33
N SER A 88 3.85 2.68 -5.14
CA SER A 88 5.27 2.42 -4.97
C SER A 88 5.57 1.86 -3.59
N PRO A 89 6.57 0.97 -3.50
CA PRO A 89 6.98 0.34 -2.24
C PRO A 89 7.15 1.36 -1.12
N ALA A 90 7.14 0.88 0.12
CA ALA A 90 7.31 1.75 1.28
C ALA A 90 8.25 1.12 2.31
N THR A 91 8.46 1.84 3.42
CA THR A 91 9.33 1.34 4.48
C THR A 91 8.60 1.31 5.81
N GLU A 92 8.93 0.32 6.63
CA GLU A 92 8.31 0.17 7.95
C GLU A 92 8.11 1.54 8.61
N ARG A 93 9.14 2.37 8.54
CA ARG A 93 9.08 3.70 9.13
C ARG A 93 7.88 4.48 8.61
N GLN A 94 7.77 4.57 7.28
CA GLN A 94 6.65 5.29 6.66
C GLN A 94 5.32 4.75 7.16
N TRP A 95 5.16 3.44 7.15
CA TRP A 95 3.93 2.81 7.60
C TRP A 95 3.58 3.23 9.02
N VAL A 96 4.54 3.09 9.92
CA VAL A 96 4.35 3.47 11.32
C VAL A 96 4.04 4.96 11.45
N ALA A 97 4.94 5.79 10.95
CA ALA A 97 4.77 7.23 11.01
C ALA A 97 3.37 7.63 10.53
N ALA A 98 3.01 7.18 9.34
CA ALA A 98 1.70 7.48 8.77
C ALA A 98 0.58 7.19 9.77
N GLY A 99 0.72 6.08 10.49
CA GLY A 99 -0.30 5.72 11.47
C GLY A 99 -0.88 4.35 11.20
N GLY A 100 -0.03 3.39 10.86
CA GLY A 100 -0.50 2.04 10.58
C GLY A 100 -0.65 1.21 11.83
N HIS A 101 -1.52 0.21 11.77
CA HIS A 101 -1.76 -0.67 12.91
C HIS A 101 -1.08 -2.02 12.70
N ILE A 102 -0.19 -2.39 13.62
CA ILE A 102 0.52 -3.65 13.54
C ILE A 102 0.39 -4.44 14.84
N THR A 103 0.08 -5.73 14.73
CA THR A 103 -0.06 -6.59 15.89
C THR A 103 -0.05 -8.07 15.50
N SER A 104 0.80 -8.84 16.17
CA SER A 104 0.92 -10.27 15.88
C SER A 104 1.16 -11.06 17.16
N GLY A 105 1.21 -12.38 17.03
CA GLY A 105 1.44 -13.23 18.19
C GLY A 105 0.48 -14.41 18.24
N PRO A 106 0.19 -14.90 19.45
CA PRO A 106 -0.71 -16.03 19.65
C PRO A 106 -2.18 -15.63 19.53
N SER A 107 -2.43 -14.33 19.49
CA SER A 107 -3.79 -13.81 19.38
C SER A 107 -4.23 -13.76 17.92
N SER A 108 -5.53 -13.55 17.70
CA SER A 108 -6.07 -13.48 16.35
C SER A 108 -5.28 -12.50 15.50
N GLY A 1 14.74 2.68 -1.62
CA GLY A 1 14.13 1.92 -2.69
C GLY A 1 14.93 0.68 -3.05
N SER A 2 14.61 0.07 -4.19
CA SER A 2 15.30 -1.13 -4.63
C SER A 2 15.84 -0.94 -6.05
N SER A 3 16.64 -1.90 -6.50
CA SER A 3 17.23 -1.85 -7.84
C SER A 3 16.87 -3.10 -8.64
N GLY A 4 17.25 -4.26 -8.11
CA GLY A 4 16.96 -5.51 -8.79
C GLY A 4 18.13 -5.99 -9.64
N SER A 5 18.78 -7.06 -9.20
CA SER A 5 19.92 -7.61 -9.93
C SER A 5 20.35 -8.94 -9.34
N SER A 6 21.24 -9.64 -10.04
CA SER A 6 21.72 -10.94 -9.59
C SER A 6 21.91 -10.95 -8.07
N GLY A 7 21.69 -12.12 -7.47
CA GLY A 7 21.83 -12.25 -6.03
C GLY A 7 21.15 -13.48 -5.48
N LYS A 8 21.56 -13.91 -4.30
CA LYS A 8 20.99 -15.09 -3.67
C LYS A 8 19.55 -14.82 -3.22
N PRO A 9 18.79 -15.91 -3.01
CA PRO A 9 17.39 -15.82 -2.58
C PRO A 9 17.26 -15.47 -1.10
N LEU A 10 17.25 -14.17 -0.80
CA LEU A 10 17.12 -13.71 0.57
C LEU A 10 15.67 -13.55 0.97
N PRO A 11 15.40 -13.59 2.29
CA PRO A 11 14.04 -13.46 2.83
C PRO A 11 13.27 -12.32 2.16
N ILE A 12 12.00 -12.58 1.87
CA ILE A 12 11.15 -11.58 1.23
C ILE A 12 11.42 -10.19 1.79
N ASN A 13 11.22 -9.17 0.96
CA ASN A 13 11.44 -7.79 1.37
C ASN A 13 10.14 -7.13 1.81
N PRO A 14 10.02 -6.89 3.12
CA PRO A 14 8.82 -6.26 3.70
C PRO A 14 8.40 -5.02 2.94
N ASP A 15 9.35 -4.14 2.68
CA ASP A 15 9.07 -2.90 1.96
C ASP A 15 8.04 -3.14 0.85
N ASP A 16 8.22 -4.22 0.11
CA ASP A 16 7.32 -4.56 -0.98
C ASP A 16 5.88 -4.67 -0.47
N LEU A 17 5.64 -5.62 0.41
CA LEU A 17 4.31 -5.84 0.97
C LEU A 17 3.68 -4.51 1.37
N TYR A 18 4.52 -3.56 1.78
CA TYR A 18 4.04 -2.24 2.19
C TYR A 18 4.22 -1.22 1.08
N VAL A 19 3.13 -0.96 0.35
CA VAL A 19 3.17 0.00 -0.76
C VAL A 19 2.29 1.21 -0.45
N SER A 20 2.72 2.37 -0.93
CA SER A 20 1.97 3.61 -0.70
C SER A 20 1.23 4.03 -1.97
N VAL A 21 0.12 4.73 -1.79
CA VAL A 21 -0.68 5.20 -2.92
C VAL A 21 -0.99 6.69 -2.79
N HIS A 22 -0.48 7.48 -3.73
CA HIS A 22 -0.70 8.92 -3.73
C HIS A 22 -1.43 9.36 -4.99
N GLY A 23 -2.56 10.05 -4.81
CA GLY A 23 -3.34 10.51 -5.94
C GLY A 23 -4.76 9.98 -5.93
N MET A 24 -5.45 10.15 -4.80
CA MET A 24 -6.82 9.68 -4.66
C MET A 24 -7.76 10.84 -4.36
N PRO A 25 -8.95 10.82 -4.98
CA PRO A 25 -9.97 11.86 -4.81
C PRO A 25 -10.19 12.20 -3.33
N PHE A 26 -10.45 13.47 -3.05
CA PHE A 26 -10.68 13.92 -1.69
C PHE A 26 -11.76 13.09 -1.01
N SER A 27 -12.72 12.63 -1.81
CA SER A 27 -13.83 11.83 -1.30
C SER A 27 -13.39 10.37 -1.10
N ALA A 28 -12.36 9.96 -1.85
CA ALA A 28 -11.85 8.60 -1.76
C ALA A 28 -11.94 8.07 -0.34
N MET A 29 -12.32 6.81 -0.20
CA MET A 29 -12.45 6.18 1.11
C MET A 29 -11.92 4.75 1.08
N GLU A 30 -11.81 4.14 2.25
CA GLU A 30 -11.32 2.77 2.36
C GLU A 30 -11.94 1.89 1.28
N ASN A 31 -13.23 2.08 1.04
CA ASN A 31 -13.94 1.30 0.02
C ASN A 31 -13.33 1.51 -1.35
N ASP A 32 -13.32 2.75 -1.81
CA ASP A 32 -12.76 3.09 -3.11
C ASP A 32 -11.43 2.37 -3.34
N VAL A 33 -10.54 2.47 -2.35
CA VAL A 33 -9.23 1.83 -2.44
C VAL A 33 -9.37 0.35 -2.82
N ARG A 34 -10.14 -0.38 -2.04
CA ARG A 34 -10.35 -1.80 -2.28
C ARG A 34 -10.54 -2.07 -3.77
N ASP A 35 -11.52 -1.39 -4.36
CA ASP A 35 -11.82 -1.55 -5.78
C ASP A 35 -10.54 -1.73 -6.59
N PHE A 36 -9.50 -1.00 -6.21
CA PHE A 36 -8.22 -1.08 -6.90
C PHE A 36 -7.56 -2.44 -6.67
N PHE A 37 -7.22 -2.73 -5.42
CA PHE A 37 -6.59 -3.99 -5.08
C PHE A 37 -7.61 -4.96 -4.50
N HIS A 38 -8.75 -5.10 -5.16
CA HIS A 38 -9.81 -5.99 -4.71
C HIS A 38 -9.57 -7.41 -5.22
N GLY A 39 -9.08 -7.51 -6.46
CA GLY A 39 -8.82 -8.82 -7.05
C GLY A 39 -7.49 -9.38 -6.61
N LEU A 40 -7.06 -9.04 -5.40
CA LEU A 40 -5.79 -9.53 -4.87
C LEU A 40 -5.92 -9.89 -3.39
N ARG A 41 -4.82 -10.36 -2.80
CA ARG A 41 -4.82 -10.74 -1.40
C ARG A 41 -4.67 -9.52 -0.50
N VAL A 42 -5.80 -9.01 -0.02
CA VAL A 42 -5.80 -7.84 0.86
C VAL A 42 -5.68 -8.25 2.32
N ASP A 43 -4.75 -7.61 3.03
CA ASP A 43 -4.52 -7.89 4.44
C ASP A 43 -4.99 -6.75 5.31
N ALA A 44 -4.63 -5.52 4.92
CA ALA A 44 -5.02 -4.33 5.68
C ALA A 44 -4.88 -3.08 4.82
N VAL A 45 -5.50 -2.00 5.28
CA VAL A 45 -5.45 -0.73 4.55
C VAL A 45 -5.27 0.45 5.50
N HIS A 46 -4.46 1.42 5.09
CA HIS A 46 -4.20 2.60 5.91
C HIS A 46 -4.39 3.87 5.10
N LEU A 47 -5.05 4.86 5.70
CA LEU A 47 -5.31 6.13 5.03
C LEU A 47 -4.98 7.31 5.95
N LEU A 48 -4.23 8.27 5.43
CA LEU A 48 -3.86 9.45 6.21
C LEU A 48 -4.86 10.58 6.00
N LYS A 49 -5.10 11.34 7.06
CA LYS A 49 -6.04 12.46 6.99
C LYS A 49 -5.37 13.76 7.44
N ASP A 50 -5.82 14.88 6.88
CA ASP A 50 -5.27 16.18 7.22
C ASP A 50 -5.56 16.54 8.67
N HIS A 51 -4.90 17.58 9.16
CA HIS A 51 -5.08 18.02 10.54
C HIS A 51 -6.56 18.21 10.86
N VAL A 52 -7.38 18.38 9.83
CA VAL A 52 -8.81 18.56 10.00
C VAL A 52 -9.50 17.23 10.24
N GLY A 53 -9.15 16.23 9.44
CA GLY A 53 -9.76 14.91 9.60
C GLY A 53 -10.38 14.40 8.31
N ARG A 54 -9.82 14.82 7.19
CA ARG A 54 -10.32 14.41 5.88
C ARG A 54 -9.20 13.85 5.01
N ASN A 55 -9.57 13.17 3.94
CA ASN A 55 -8.60 12.59 3.02
C ASN A 55 -7.84 13.69 2.27
N ASN A 56 -6.51 13.61 2.30
CA ASN A 56 -5.67 14.59 1.62
C ASN A 56 -5.18 14.05 0.29
N GLY A 57 -4.65 12.83 0.31
CA GLY A 57 -4.15 12.21 -0.90
C GLY A 57 -2.91 11.38 -0.67
N ASN A 58 -2.96 10.54 0.37
CA ASN A 58 -1.82 9.68 0.71
C ASN A 58 -2.26 8.54 1.61
N GLY A 59 -1.97 7.32 1.19
CA GLY A 59 -2.34 6.15 1.97
C GLY A 59 -1.33 5.03 1.86
N LEU A 60 -1.53 3.96 2.63
CA LEU A 60 -0.63 2.82 2.61
C LEU A 60 -1.41 1.51 2.64
N VAL A 61 -1.05 0.60 1.74
CA VAL A 61 -1.72 -0.70 1.66
C VAL A 61 -0.75 -1.83 2.02
N LYS A 62 -1.26 -2.82 2.74
CA LYS A 62 -0.45 -3.96 3.15
C LYS A 62 -1.11 -5.27 2.74
N PHE A 63 -0.29 -6.22 2.29
CA PHE A 63 -0.81 -7.52 1.86
C PHE A 63 -0.10 -8.65 2.61
N LEU A 64 -0.53 -9.88 2.36
CA LEU A 64 0.07 -11.05 3.00
C LEU A 64 1.31 -11.51 2.25
N SER A 65 1.13 -11.91 0.99
CA SER A 65 2.23 -12.38 0.17
C SER A 65 2.70 -11.28 -0.78
N PRO A 66 3.98 -11.34 -1.17
CA PRO A 66 4.59 -10.35 -2.06
C PRO A 66 4.13 -10.54 -3.51
N GLN A 67 3.78 -11.76 -3.86
CA GLN A 67 3.32 -12.07 -5.21
C GLN A 67 2.11 -11.22 -5.59
N ASP A 68 1.09 -11.25 -4.74
CA ASP A 68 -0.12 -10.48 -4.98
C ASP A 68 0.16 -8.98 -4.94
N THR A 69 1.11 -8.59 -4.08
CA THR A 69 1.47 -7.18 -3.94
C THR A 69 2.08 -6.64 -5.22
N PHE A 70 3.13 -7.31 -5.70
CA PHE A 70 3.79 -6.89 -6.93
C PHE A 70 2.79 -6.30 -7.92
N GLU A 71 1.76 -7.07 -8.22
CA GLU A 71 0.72 -6.63 -9.17
C GLU A 71 0.39 -5.16 -8.95
N ALA A 72 0.04 -4.81 -7.71
CA ALA A 72 -0.30 -3.43 -7.37
C ALA A 72 0.72 -2.46 -7.93
N LEU A 73 1.99 -2.81 -7.83
CA LEU A 73 3.07 -1.97 -8.34
C LEU A 73 2.95 -1.78 -9.84
N LYS A 74 2.63 -2.85 -10.55
CA LYS A 74 2.49 -2.80 -12.00
C LYS A 74 1.32 -1.90 -12.39
N ARG A 75 0.47 -1.58 -11.42
CA ARG A 75 -0.68 -0.73 -11.67
C ARG A 75 -0.38 0.71 -11.30
N ASN A 76 0.89 1.03 -11.13
CA ASN A 76 1.31 2.37 -10.77
C ASN A 76 1.00 3.35 -11.89
N ARG A 77 0.79 4.62 -11.53
CA ARG A 77 0.48 5.65 -12.50
C ARG A 77 -0.77 5.29 -13.30
N MET A 78 -1.74 4.68 -12.62
CA MET A 78 -2.99 4.28 -13.26
C MET A 78 -4.10 5.29 -12.98
N LEU A 79 -5.28 5.06 -13.54
CA LEU A 79 -6.42 5.94 -13.34
C LEU A 79 -7.36 5.38 -12.27
N MET A 80 -8.12 6.26 -11.65
CA MET A 80 -9.07 5.86 -10.61
C MET A 80 -10.02 7.01 -10.26
N ILE A 81 -11.25 6.92 -10.72
CA ILE A 81 -12.25 7.95 -10.46
C ILE A 81 -11.82 9.29 -11.03
N GLN A 82 -11.25 9.26 -12.23
CA GLN A 82 -10.79 10.49 -12.89
C GLN A 82 -9.60 11.08 -12.16
N ARG A 83 -8.84 10.23 -11.49
CA ARG A 83 -7.66 10.68 -10.73
C ARG A 83 -6.51 9.69 -10.89
N TYR A 84 -5.30 10.22 -11.06
CA TYR A 84 -4.12 9.39 -11.22
C TYR A 84 -3.54 8.98 -9.87
N VAL A 85 -3.34 7.67 -9.69
CA VAL A 85 -2.80 7.15 -8.44
C VAL A 85 -1.34 6.76 -8.60
N GLU A 86 -0.56 6.92 -7.53
CA GLU A 86 0.85 6.58 -7.55
C GLU A 86 1.14 5.40 -6.64
N VAL A 87 1.22 4.21 -7.23
CA VAL A 87 1.49 2.99 -6.47
C VAL A 87 2.98 2.66 -6.48
N SER A 88 3.57 2.56 -5.30
CA SER A 88 4.98 2.24 -5.18
C SER A 88 5.30 1.68 -3.80
N PRO A 89 6.43 0.95 -3.70
CA PRO A 89 6.86 0.34 -2.45
C PRO A 89 6.95 1.35 -1.30
N ALA A 90 6.97 0.85 -0.07
CA ALA A 90 7.05 1.71 1.10
C ALA A 90 8.02 1.14 2.13
N THR A 91 8.10 1.79 3.28
CA THR A 91 8.99 1.36 4.35
C THR A 91 8.27 1.31 5.69
N GLU A 92 8.43 0.21 6.41
CA GLU A 92 7.80 0.03 7.71
C GLU A 92 7.77 1.35 8.47
N ARG A 93 8.91 2.03 8.50
CA ARG A 93 9.02 3.31 9.20
C ARG A 93 7.86 4.23 8.85
N GLN A 94 7.56 4.33 7.56
CA GLN A 94 6.47 5.18 7.08
C GLN A 94 5.12 4.66 7.57
N TRP A 95 4.97 3.33 7.57
CA TRP A 95 3.73 2.70 8.00
C TRP A 95 3.49 2.97 9.49
N VAL A 96 4.54 2.88 10.28
CA VAL A 96 4.44 3.11 11.72
C VAL A 96 4.18 4.58 12.02
N ALA A 97 5.01 5.46 11.46
CA ALA A 97 4.86 6.89 11.67
C ALA A 97 3.48 7.38 11.25
N ALA A 98 3.02 6.92 10.09
CA ALA A 98 1.71 7.30 9.58
C ALA A 98 0.63 7.06 10.62
N GLY A 99 0.77 5.97 11.38
CA GLY A 99 -0.21 5.64 12.40
C GLY A 99 -0.76 4.23 12.25
N GLY A 100 0.06 3.33 11.72
CA GLY A 100 -0.36 1.96 11.52
C GLY A 100 -0.71 1.27 12.83
N HIS A 101 -1.91 0.71 12.90
CA HIS A 101 -2.36 0.02 14.10
C HIS A 101 -1.28 -0.92 14.62
N ILE A 102 -0.56 -1.56 13.71
CA ILE A 102 0.50 -2.48 14.08
C ILE A 102 1.33 -1.93 15.23
N THR A 103 1.39 -2.68 16.32
CA THR A 103 2.16 -2.27 17.50
C THR A 103 2.63 -3.48 18.29
N SER A 104 3.76 -3.32 18.99
CA SER A 104 4.31 -4.40 19.79
C SER A 104 3.35 -4.83 20.88
N GLY A 105 2.80 -6.03 20.74
CA GLY A 105 1.87 -6.54 21.72
C GLY A 105 1.20 -7.83 21.28
N PRO A 106 1.84 -8.97 21.59
CA PRO A 106 1.32 -10.29 21.23
C PRO A 106 0.17 -10.73 22.13
N SER A 107 -0.98 -11.00 21.52
CA SER A 107 -2.15 -11.43 22.27
C SER A 107 -2.63 -12.80 21.81
N SER A 108 -3.20 -13.57 22.73
CA SER A 108 -3.69 -14.91 22.40
C SER A 108 -5.12 -15.09 22.89
N GLY A 1 22.53 -2.38 -17.16
CA GLY A 1 21.90 -3.57 -16.64
C GLY A 1 22.48 -4.01 -15.31
N SER A 2 21.65 -4.07 -14.29
CA SER A 2 22.10 -4.47 -12.95
C SER A 2 21.47 -5.80 -12.55
N SER A 3 22.13 -6.89 -12.91
CA SER A 3 21.64 -8.23 -12.59
C SER A 3 22.79 -9.17 -12.26
N GLY A 4 22.45 -10.35 -11.76
CA GLY A 4 23.47 -11.32 -11.40
C GLY A 4 22.89 -12.72 -11.18
N SER A 5 23.20 -13.29 -10.02
CA SER A 5 22.72 -14.63 -9.69
C SER A 5 22.81 -14.89 -8.19
N SER A 6 21.91 -15.72 -7.67
CA SER A 6 21.90 -16.05 -6.26
C SER A 6 21.08 -17.31 -5.99
N GLY A 7 21.25 -17.89 -4.81
CA GLY A 7 20.52 -19.08 -4.46
C GLY A 7 20.57 -19.39 -2.97
N LYS A 8 20.05 -18.47 -2.17
CA LYS A 8 20.05 -18.63 -0.72
C LYS A 8 18.65 -18.45 -0.16
N PRO A 9 18.31 -19.22 0.88
CA PRO A 9 17.00 -19.16 1.53
C PRO A 9 16.87 -17.95 2.46
N LEU A 10 16.39 -16.84 1.91
CA LEU A 10 16.22 -15.62 2.67
C LEU A 10 14.73 -15.31 2.89
N PRO A 11 14.43 -14.57 3.97
CA PRO A 11 13.05 -14.20 4.30
C PRO A 11 12.54 -13.04 3.45
N ILE A 12 11.23 -12.93 3.34
CA ILE A 12 10.62 -11.86 2.56
C ILE A 12 10.70 -10.52 3.27
N ASN A 13 11.11 -9.49 2.53
CA ASN A 13 11.24 -8.16 3.10
C ASN A 13 9.90 -7.40 3.05
N PRO A 14 9.32 -7.14 4.22
CA PRO A 14 8.04 -6.44 4.34
C PRO A 14 7.98 -5.21 3.44
N ASP A 15 9.14 -4.59 3.21
CA ASP A 15 9.21 -3.40 2.38
C ASP A 15 8.24 -3.49 1.21
N ASP A 16 8.12 -4.67 0.63
CA ASP A 16 7.23 -4.90 -0.50
C ASP A 16 5.77 -4.87 -0.04
N LEU A 17 5.43 -5.77 0.88
CA LEU A 17 4.07 -5.85 1.40
C LEU A 17 3.55 -4.47 1.80
N TYR A 18 4.46 -3.60 2.19
CA TYR A 18 4.10 -2.24 2.60
C TYR A 18 4.36 -1.25 1.47
N VAL A 19 3.28 -0.89 0.76
CA VAL A 19 3.39 0.05 -0.35
C VAL A 19 2.60 1.33 -0.05
N SER A 20 2.85 2.36 -0.85
CA SER A 20 2.16 3.64 -0.68
C SER A 20 1.40 4.02 -1.94
N VAL A 21 0.25 4.66 -1.77
CA VAL A 21 -0.58 5.08 -2.89
C VAL A 21 -0.91 6.58 -2.79
N HIS A 22 -0.42 7.35 -3.74
CA HIS A 22 -0.67 8.79 -3.77
C HIS A 22 -1.43 9.19 -5.02
N GLY A 23 -2.60 9.79 -4.84
CA GLY A 23 -3.41 10.21 -5.97
C GLY A 23 -4.85 9.75 -5.85
N MET A 24 -5.40 9.81 -4.65
CA MET A 24 -6.78 9.40 -4.40
C MET A 24 -7.64 10.59 -3.99
N PRO A 25 -8.83 10.69 -4.60
CA PRO A 25 -9.78 11.77 -4.32
C PRO A 25 -9.96 12.01 -2.82
N PHE A 26 -10.69 13.06 -2.47
CA PHE A 26 -10.95 13.38 -1.07
C PHE A 26 -11.85 12.34 -0.43
N SER A 27 -12.86 11.90 -1.17
CA SER A 27 -13.81 10.91 -0.68
C SER A 27 -13.16 9.53 -0.59
N ALA A 28 -12.12 9.32 -1.40
CA ALA A 28 -11.42 8.05 -1.42
C ALA A 28 -11.32 7.46 -0.02
N MET A 29 -11.82 6.24 0.16
CA MET A 29 -11.79 5.56 1.45
C MET A 29 -11.44 4.10 1.28
N GLU A 30 -11.25 3.40 2.40
CA GLU A 30 -10.91 1.99 2.38
C GLU A 30 -11.61 1.28 1.22
N ASN A 31 -12.92 1.49 1.10
CA ASN A 31 -13.70 0.87 0.04
C ASN A 31 -13.09 1.17 -1.33
N ASP A 32 -12.85 2.44 -1.59
CA ASP A 32 -12.26 2.85 -2.87
C ASP A 32 -11.06 1.99 -3.22
N VAL A 33 -10.08 1.96 -2.33
CA VAL A 33 -8.87 1.17 -2.55
C VAL A 33 -9.21 -0.20 -3.12
N ARG A 34 -10.08 -0.93 -2.43
CA ARG A 34 -10.48 -2.26 -2.89
C ARG A 34 -10.84 -2.24 -4.37
N ASP A 35 -11.59 -1.23 -4.78
CA ASP A 35 -12.00 -1.11 -6.18
C ASP A 35 -10.78 -1.20 -7.11
N PHE A 36 -9.64 -0.71 -6.64
CA PHE A 36 -8.42 -0.74 -7.42
C PHE A 36 -7.71 -2.08 -7.29
N PHE A 37 -7.59 -2.57 -6.06
CA PHE A 37 -6.94 -3.84 -5.80
C PHE A 37 -7.97 -4.95 -5.59
N HIS A 38 -9.07 -4.87 -6.34
CA HIS A 38 -10.13 -5.86 -6.23
C HIS A 38 -9.73 -7.17 -6.91
N GLY A 39 -9.41 -8.18 -6.11
CA GLY A 39 -9.02 -9.46 -6.67
C GLY A 39 -7.80 -10.03 -5.98
N LEU A 40 -7.07 -9.18 -5.27
CA LEU A 40 -5.86 -9.61 -4.56
C LEU A 40 -6.11 -9.69 -3.06
N ARG A 41 -5.43 -10.63 -2.40
CA ARG A 41 -5.59 -10.81 -0.97
C ARG A 41 -5.29 -9.52 -0.23
N VAL A 42 -6.25 -9.06 0.56
CA VAL A 42 -6.11 -7.83 1.33
C VAL A 42 -5.78 -8.14 2.79
N ASP A 43 -4.67 -7.58 3.27
CA ASP A 43 -4.23 -7.78 4.64
C ASP A 43 -4.60 -6.59 5.51
N ALA A 44 -4.36 -5.39 4.99
CA ALA A 44 -4.65 -4.16 5.72
C ALA A 44 -4.66 -2.96 4.79
N VAL A 45 -5.35 -1.89 5.21
CA VAL A 45 -5.43 -0.67 4.40
C VAL A 45 -5.28 0.57 5.28
N HIS A 46 -4.52 1.54 4.78
CA HIS A 46 -4.30 2.79 5.51
C HIS A 46 -4.47 4.00 4.60
N LEU A 47 -4.89 5.10 5.17
CA LEU A 47 -5.09 6.34 4.41
C LEU A 47 -4.81 7.56 5.27
N LEU A 48 -3.93 8.43 4.79
CA LEU A 48 -3.57 9.65 5.51
C LEU A 48 -4.70 10.68 5.43
N LYS A 49 -4.95 11.35 6.54
CA LYS A 49 -6.00 12.37 6.60
C LYS A 49 -5.42 13.73 6.98
N ASP A 50 -6.22 14.77 6.80
CA ASP A 50 -5.79 16.13 7.12
C ASP A 50 -5.55 16.29 8.62
N HIS A 51 -4.89 17.38 9.00
CA HIS A 51 -4.61 17.64 10.40
C HIS A 51 -5.85 17.47 11.26
N VAL A 52 -7.02 17.72 10.66
CA VAL A 52 -8.28 17.59 11.38
C VAL A 52 -8.79 16.15 11.31
N GLY A 53 -8.43 15.43 10.25
CA GLY A 53 -8.86 14.05 10.11
C GLY A 53 -9.71 13.85 8.87
N ARG A 54 -9.31 14.47 7.77
CA ARG A 54 -10.04 14.35 6.51
C ARG A 54 -9.13 13.82 5.40
N ASN A 55 -9.43 12.62 4.92
CA ASN A 55 -8.64 12.00 3.86
C ASN A 55 -8.14 13.05 2.87
N ASN A 56 -6.84 13.32 2.92
CA ASN A 56 -6.23 14.29 2.03
C ASN A 56 -6.06 13.73 0.62
N GLY A 57 -5.65 12.47 0.54
CA GLY A 57 -5.46 11.82 -0.74
C GLY A 57 -4.45 10.70 -0.68
N ASN A 58 -3.30 10.96 -0.08
CA ASN A 58 -2.25 9.96 0.05
C ASN A 58 -2.64 8.87 1.04
N GLY A 59 -2.05 7.69 0.88
CA GLY A 59 -2.36 6.59 1.77
C GLY A 59 -1.39 5.43 1.61
N LEU A 60 -1.66 4.33 2.32
CA LEU A 60 -0.80 3.16 2.25
C LEU A 60 -1.64 1.87 2.27
N VAL A 61 -1.07 0.80 1.73
CA VAL A 61 -1.76 -0.48 1.69
C VAL A 61 -0.82 -1.63 2.07
N LYS A 62 -1.38 -2.67 2.66
CA LYS A 62 -0.59 -3.83 3.07
C LYS A 62 -1.29 -5.13 2.68
N PHE A 63 -0.51 -6.07 2.15
CA PHE A 63 -1.06 -7.36 1.73
C PHE A 63 -0.41 -8.51 2.51
N LEU A 64 -0.97 -9.69 2.38
CA LEU A 64 -0.45 -10.87 3.06
C LEU A 64 0.86 -11.33 2.43
N SER A 65 0.79 -11.75 1.16
CA SER A 65 1.97 -12.21 0.45
C SER A 65 2.52 -11.12 -0.47
N PRO A 66 3.82 -11.19 -0.77
CA PRO A 66 4.49 -10.22 -1.63
C PRO A 66 4.18 -10.43 -3.10
N GLN A 67 3.67 -11.62 -3.43
CA GLN A 67 3.32 -11.96 -4.80
C GLN A 67 2.14 -11.12 -5.29
N ASP A 68 1.08 -11.10 -4.50
CA ASP A 68 -0.12 -10.35 -4.84
C ASP A 68 0.17 -8.85 -4.89
N THR A 69 0.95 -8.38 -3.91
CA THR A 69 1.31 -6.97 -3.84
C THR A 69 1.93 -6.49 -5.15
N PHE A 70 2.99 -7.16 -5.58
CA PHE A 70 3.68 -6.80 -6.81
C PHE A 70 2.69 -6.30 -7.85
N GLU A 71 1.63 -7.06 -8.06
CA GLU A 71 0.61 -6.68 -9.04
C GLU A 71 0.23 -5.21 -8.91
N ALA A 72 -0.04 -4.79 -7.69
CA ALA A 72 -0.40 -3.39 -7.42
C ALA A 72 0.62 -2.44 -8.02
N LEU A 73 1.89 -2.68 -7.72
CA LEU A 73 2.97 -1.84 -8.22
C LEU A 73 2.87 -1.67 -9.74
N LYS A 74 2.41 -2.72 -10.41
CA LYS A 74 2.26 -2.69 -11.87
C LYS A 74 1.15 -1.73 -12.27
N ARG A 75 0.18 -1.53 -11.39
CA ARG A 75 -0.94 -0.65 -11.65
C ARG A 75 -0.57 0.80 -11.33
N ASN A 76 0.72 1.06 -11.21
CA ASN A 76 1.20 2.41 -10.91
C ASN A 76 0.95 3.36 -12.07
N ARG A 77 0.75 4.63 -11.75
CA ARG A 77 0.49 5.64 -12.78
C ARG A 77 -0.80 5.33 -13.54
N MET A 78 -1.77 4.76 -12.83
CA MET A 78 -3.05 4.41 -13.44
C MET A 78 -4.13 5.42 -13.08
N LEU A 79 -5.31 5.25 -13.65
CA LEU A 79 -6.43 6.15 -13.38
C LEU A 79 -7.30 5.63 -12.24
N MET A 80 -8.03 6.52 -11.60
CA MET A 80 -8.90 6.14 -10.50
C MET A 80 -9.81 7.31 -10.10
N ILE A 81 -11.09 7.21 -10.48
CA ILE A 81 -12.05 8.27 -10.16
C ILE A 81 -11.65 9.59 -10.79
N GLN A 82 -11.14 9.54 -12.01
CA GLN A 82 -10.72 10.74 -12.72
C GLN A 82 -9.46 11.32 -12.10
N ARG A 83 -8.67 10.47 -11.45
CA ARG A 83 -7.44 10.90 -10.81
C ARG A 83 -6.33 9.88 -11.03
N TYR A 84 -5.08 10.36 -11.06
CA TYR A 84 -3.94 9.49 -11.26
C TYR A 84 -3.37 9.02 -9.92
N VAL A 85 -3.29 7.70 -9.75
CA VAL A 85 -2.76 7.12 -8.52
C VAL A 85 -1.32 6.68 -8.69
N GLU A 86 -0.50 6.89 -7.65
CA GLU A 86 0.90 6.51 -7.69
C GLU A 86 1.18 5.36 -6.74
N VAL A 87 1.43 4.18 -7.31
CA VAL A 87 1.71 2.99 -6.51
C VAL A 87 3.21 2.68 -6.50
N SER A 88 3.79 2.67 -5.30
CA SER A 88 5.21 2.39 -5.15
C SER A 88 5.51 1.86 -3.75
N PRO A 89 6.56 1.03 -3.66
CA PRO A 89 6.98 0.43 -2.38
C PRO A 89 7.14 1.48 -1.28
N ALA A 90 7.01 1.03 -0.03
CA ALA A 90 7.15 1.93 1.11
C ALA A 90 7.98 1.28 2.21
N THR A 91 8.43 2.11 3.17
CA THR A 91 9.24 1.62 4.27
C THR A 91 8.47 1.66 5.58
N GLU A 92 8.48 0.56 6.31
CA GLU A 92 7.78 0.46 7.59
C GLU A 92 7.84 1.80 8.34
N ARG A 93 9.02 2.39 8.37
CA ARG A 93 9.21 3.67 9.05
C ARG A 93 8.16 4.68 8.63
N GLN A 94 7.97 4.82 7.33
CA GLN A 94 6.98 5.75 6.80
C GLN A 94 5.57 5.36 7.22
N TRP A 95 5.26 4.08 7.10
CA TRP A 95 3.94 3.57 7.47
C TRP A 95 3.63 3.90 8.92
N VAL A 96 4.57 3.63 9.81
CA VAL A 96 4.40 3.90 11.24
C VAL A 96 4.19 5.39 11.48
N ALA A 97 5.15 6.19 11.08
CA ALA A 97 5.07 7.64 11.26
C ALA A 97 3.72 8.17 10.78
N ALA A 98 3.35 7.82 9.54
CA ALA A 98 2.10 8.26 8.97
C ALA A 98 0.93 8.03 9.93
N GLY A 99 0.93 6.85 10.56
CA GLY A 99 -0.12 6.53 11.50
C GLY A 99 -0.54 5.07 11.42
N GLY A 100 0.43 4.19 11.23
CA GLY A 100 0.14 2.77 11.14
C GLY A 100 -0.32 2.18 12.45
N HIS A 101 -1.35 1.34 12.40
CA HIS A 101 -1.88 0.71 13.60
C HIS A 101 -1.29 -0.68 13.79
N ILE A 102 -0.18 -0.76 14.49
CA ILE A 102 0.49 -2.03 14.75
C ILE A 102 0.71 -2.24 16.24
N THR A 103 0.64 -3.51 16.66
CA THR A 103 0.83 -3.85 18.07
C THR A 103 2.30 -4.13 18.37
N SER A 104 2.61 -4.29 19.65
CA SER A 104 3.98 -4.57 20.07
C SER A 104 4.16 -6.04 20.41
N GLY A 105 3.37 -6.52 21.36
CA GLY A 105 3.45 -7.92 21.77
C GLY A 105 2.34 -8.32 22.71
N PRO A 106 2.12 -9.63 22.85
CA PRO A 106 1.07 -10.17 23.73
C PRO A 106 1.06 -9.49 25.09
N SER A 107 -0.07 -8.87 25.42
CA SER A 107 -0.22 -8.18 26.70
C SER A 107 -1.45 -8.69 27.46
N SER A 108 -1.21 -9.52 28.46
CA SER A 108 -2.29 -10.08 29.26
C SER A 108 -2.49 -9.28 30.54
N GLY A 1 21.69 -4.31 -4.61
CA GLY A 1 23.03 -4.67 -5.02
C GLY A 1 23.40 -6.08 -4.61
N SER A 2 22.59 -7.04 -5.04
CA SER A 2 22.84 -8.44 -4.71
C SER A 2 23.74 -9.09 -5.76
N SER A 3 24.73 -9.84 -5.29
CA SER A 3 25.66 -10.52 -6.19
C SER A 3 25.11 -11.86 -6.63
N GLY A 4 24.23 -12.43 -5.82
CA GLY A 4 23.64 -13.72 -6.14
C GLY A 4 23.92 -14.77 -5.09
N SER A 5 22.99 -15.70 -4.91
CA SER A 5 23.13 -16.76 -3.94
C SER A 5 22.31 -17.99 -4.32
N SER A 6 22.78 -19.16 -3.91
CA SER A 6 22.10 -20.41 -4.22
C SER A 6 22.06 -21.33 -3.01
N GLY A 7 21.05 -22.20 -2.96
CA GLY A 7 20.91 -23.12 -1.85
C GLY A 7 19.57 -22.98 -1.14
N LYS A 8 19.40 -21.91 -0.38
CA LYS A 8 18.16 -21.67 0.34
C LYS A 8 17.48 -20.39 -0.15
N PRO A 9 16.14 -20.34 -0.01
CA PRO A 9 15.35 -19.19 -0.44
C PRO A 9 15.45 -18.02 0.54
N LEU A 10 15.40 -16.80 0.01
CA LEU A 10 15.50 -15.60 0.83
C LEU A 10 14.16 -15.31 1.52
N PRO A 11 14.23 -14.63 2.67
CA PRO A 11 13.04 -14.27 3.45
C PRO A 11 12.26 -13.12 2.83
N ILE A 12 10.94 -13.20 2.93
CA ILE A 12 10.08 -12.16 2.37
C ILE A 12 10.50 -10.78 2.84
N ASN A 13 10.65 -9.85 1.90
CA ASN A 13 11.04 -8.48 2.22
C ASN A 13 9.82 -7.58 2.42
N PRO A 14 9.59 -7.17 3.68
CA PRO A 14 8.46 -6.30 4.02
C PRO A 14 8.33 -5.11 3.08
N ASP A 15 9.45 -4.44 2.82
CA ASP A 15 9.46 -3.28 1.93
C ASP A 15 8.46 -3.47 0.78
N ASP A 16 8.33 -4.71 0.33
CA ASP A 16 7.42 -5.02 -0.76
C ASP A 16 5.97 -5.03 -0.28
N LEU A 17 5.65 -5.98 0.59
CA LEU A 17 4.29 -6.09 1.13
C LEU A 17 3.76 -4.73 1.56
N TYR A 18 4.67 -3.82 1.89
CA TYR A 18 4.29 -2.47 2.31
C TYR A 18 4.44 -1.48 1.16
N VAL A 19 3.31 -1.07 0.60
CA VAL A 19 3.30 -0.11 -0.51
C VAL A 19 2.42 1.09 -0.19
N SER A 20 2.72 2.22 -0.82
CA SER A 20 1.95 3.45 -0.61
C SER A 20 1.21 3.85 -1.88
N VAL A 21 0.10 4.55 -1.71
CA VAL A 21 -0.70 5.00 -2.84
C VAL A 21 -0.99 6.49 -2.76
N HIS A 22 -0.46 7.26 -3.71
CA HIS A 22 -0.67 8.70 -3.74
C HIS A 22 -1.38 9.12 -5.02
N GLY A 23 -2.51 9.81 -4.86
CA GLY A 23 -3.27 10.25 -6.02
C GLY A 23 -4.72 9.84 -5.96
N MET A 24 -5.31 9.93 -4.77
CA MET A 24 -6.71 9.54 -4.58
C MET A 24 -7.55 10.74 -4.19
N PRO A 25 -8.72 10.88 -4.84
CA PRO A 25 -9.65 11.99 -4.57
C PRO A 25 -9.87 12.21 -3.08
N PHE A 26 -10.26 13.44 -2.73
CA PHE A 26 -10.50 13.78 -1.33
C PHE A 26 -11.71 13.03 -0.79
N SER A 27 -12.43 12.36 -1.68
CA SER A 27 -13.62 11.59 -1.30
C SER A 27 -13.31 10.10 -1.22
N ALA A 28 -12.16 9.72 -1.77
CA ALA A 28 -11.75 8.32 -1.77
C ALA A 28 -11.81 7.73 -0.36
N MET A 29 -12.62 6.68 -0.21
CA MET A 29 -12.77 6.02 1.09
C MET A 29 -12.27 4.58 1.02
N GLU A 30 -12.05 3.99 2.19
CA GLU A 30 -11.57 2.61 2.28
C GLU A 30 -12.20 1.76 1.17
N ASN A 31 -13.47 2.01 0.89
CA ASN A 31 -14.19 1.27 -0.14
C ASN A 31 -13.57 1.51 -1.52
N ASP A 32 -13.42 2.77 -1.88
CA ASP A 32 -12.85 3.14 -3.17
C ASP A 32 -11.52 2.42 -3.40
N VAL A 33 -10.62 2.52 -2.42
CA VAL A 33 -9.31 1.86 -2.51
C VAL A 33 -9.46 0.40 -2.90
N ARG A 34 -10.24 -0.34 -2.13
CA ARG A 34 -10.45 -1.75 -2.40
C ARG A 34 -10.62 -2.01 -3.90
N ASP A 35 -11.59 -1.33 -4.50
CA ASP A 35 -11.86 -1.48 -5.93
C ASP A 35 -10.55 -1.67 -6.70
N PHE A 36 -9.51 -0.96 -6.30
CA PHE A 36 -8.21 -1.07 -6.95
C PHE A 36 -7.56 -2.41 -6.67
N PHE A 37 -7.26 -2.66 -5.40
CA PHE A 37 -6.63 -3.92 -5.00
C PHE A 37 -7.68 -4.90 -4.47
N HIS A 38 -8.80 -5.00 -5.18
CA HIS A 38 -9.87 -5.90 -4.78
C HIS A 38 -9.61 -7.31 -5.29
N GLY A 39 -9.05 -7.41 -6.49
CA GLY A 39 -8.75 -8.71 -7.06
C GLY A 39 -7.44 -9.29 -6.57
N LEU A 40 -7.04 -8.88 -5.37
CA LEU A 40 -5.80 -9.36 -4.77
C LEU A 40 -6.00 -9.71 -3.30
N ARG A 41 -4.92 -10.13 -2.65
CA ARG A 41 -4.98 -10.51 -1.24
C ARG A 41 -4.76 -9.29 -0.35
N VAL A 42 -5.85 -8.83 0.27
CA VAL A 42 -5.78 -7.68 1.16
C VAL A 42 -5.60 -8.10 2.61
N ASP A 43 -4.68 -7.44 3.31
CA ASP A 43 -4.42 -7.74 4.71
C ASP A 43 -4.77 -6.55 5.61
N ALA A 44 -4.36 -5.36 5.19
CA ALA A 44 -4.63 -4.15 5.96
C ALA A 44 -4.43 -2.90 5.09
N VAL A 45 -5.35 -1.95 5.23
CA VAL A 45 -5.27 -0.71 4.46
C VAL A 45 -5.17 0.50 5.38
N HIS A 46 -4.31 1.44 5.00
CA HIS A 46 -4.10 2.65 5.80
C HIS A 46 -4.34 3.90 4.96
N LEU A 47 -5.06 4.86 5.53
CA LEU A 47 -5.37 6.10 4.83
C LEU A 47 -5.11 7.31 5.72
N LEU A 48 -4.38 8.29 5.19
CA LEU A 48 -4.06 9.50 5.95
C LEU A 48 -5.18 10.54 5.81
N LYS A 49 -5.14 11.55 6.67
CA LYS A 49 -6.15 12.61 6.64
C LYS A 49 -5.50 13.98 6.51
N ASP A 50 -6.32 15.00 6.28
CA ASP A 50 -5.81 16.36 6.13
C ASP A 50 -5.49 16.97 7.49
N HIS A 51 -4.93 18.18 7.47
CA HIS A 51 -4.57 18.87 8.70
C HIS A 51 -5.69 18.78 9.73
N VAL A 52 -6.93 18.86 9.24
CA VAL A 52 -8.09 18.81 10.11
C VAL A 52 -8.46 17.36 10.43
N GLY A 53 -8.46 16.51 9.42
CA GLY A 53 -8.79 15.11 9.61
C GLY A 53 -9.69 14.56 8.53
N ARG A 54 -9.53 15.09 7.32
CA ARG A 54 -10.35 14.65 6.18
C ARG A 54 -9.47 14.07 5.08
N ASN A 55 -9.84 12.89 4.59
CA ASN A 55 -9.08 12.23 3.54
C ASN A 55 -8.65 13.23 2.47
N ASN A 56 -7.40 13.12 2.03
CA ASN A 56 -6.86 14.02 1.01
C ASN A 56 -6.50 13.25 -0.25
N GLY A 57 -5.79 12.14 -0.08
CA GLY A 57 -5.40 11.33 -1.22
C GLY A 57 -4.02 10.72 -1.05
N ASN A 58 -3.74 10.25 0.16
CA ASN A 58 -2.44 9.63 0.46
C ASN A 58 -2.57 8.60 1.56
N GLY A 59 -2.27 7.35 1.25
CA GLY A 59 -2.35 6.28 2.23
C GLY A 59 -1.43 5.12 1.90
N LEU A 60 -1.50 4.08 2.72
CA LEU A 60 -0.67 2.90 2.52
C LEU A 60 -1.53 1.63 2.45
N VAL A 61 -0.91 0.52 2.06
CA VAL A 61 -1.62 -0.75 1.96
C VAL A 61 -0.67 -1.92 2.15
N LYS A 62 -1.15 -2.95 2.84
CA LYS A 62 -0.34 -4.14 3.10
C LYS A 62 -0.92 -5.37 2.40
N PHE A 63 -0.15 -6.44 2.33
CA PHE A 63 -0.59 -7.68 1.69
C PHE A 63 0.11 -8.88 2.30
N LEU A 64 -0.65 -9.95 2.49
CA LEU A 64 -0.10 -11.18 3.06
C LEU A 64 1.14 -11.64 2.29
N SER A 65 0.93 -11.99 1.02
CA SER A 65 2.03 -12.45 0.17
C SER A 65 2.53 -11.32 -0.72
N PRO A 66 3.85 -11.31 -0.96
CA PRO A 66 4.49 -10.29 -1.80
C PRO A 66 4.17 -10.48 -3.28
N GLN A 67 3.79 -11.69 -3.65
CA GLN A 67 3.45 -12.01 -5.03
C GLN A 67 2.24 -11.20 -5.49
N ASP A 68 1.26 -11.06 -4.61
CA ASP A 68 0.06 -10.30 -4.93
C ASP A 68 0.35 -8.81 -4.99
N THR A 69 1.19 -8.34 -4.08
CA THR A 69 1.55 -6.92 -4.03
C THR A 69 2.11 -6.45 -5.37
N PHE A 70 3.06 -7.20 -5.90
CA PHE A 70 3.67 -6.86 -7.18
C PHE A 70 2.65 -6.27 -8.13
N GLU A 71 1.54 -6.97 -8.30
CA GLU A 71 0.47 -6.52 -9.20
C GLU A 71 0.21 -5.02 -9.02
N ALA A 72 0.02 -4.61 -7.77
CA ALA A 72 -0.23 -3.21 -7.45
C ALA A 72 0.78 -2.30 -8.13
N LEU A 73 2.06 -2.63 -7.97
CA LEU A 73 3.14 -1.84 -8.57
C LEU A 73 2.92 -1.68 -10.07
N LYS A 74 2.58 -2.78 -10.73
CA LYS A 74 2.34 -2.77 -12.17
C LYS A 74 1.21 -1.83 -12.53
N ARG A 75 0.31 -1.60 -11.57
CA ARG A 75 -0.83 -0.71 -11.78
C ARG A 75 -0.47 0.73 -11.43
N ASN A 76 0.82 0.99 -11.28
CA ASN A 76 1.28 2.34 -10.94
C ASN A 76 0.98 3.32 -12.06
N ARG A 77 0.70 4.57 -11.69
CA ARG A 77 0.40 5.60 -12.66
C ARG A 77 -0.88 5.27 -13.43
N MET A 78 -1.84 4.65 -12.74
CA MET A 78 -3.11 4.29 -13.36
C MET A 78 -4.20 5.29 -13.01
N LEU A 79 -5.35 5.15 -13.66
CA LEU A 79 -6.47 6.05 -13.42
C LEU A 79 -7.40 5.49 -12.34
N MET A 80 -8.15 6.37 -11.70
CA MET A 80 -9.08 5.96 -10.65
C MET A 80 -10.00 7.11 -10.25
N ILE A 81 -11.25 7.03 -10.69
CA ILE A 81 -12.22 8.07 -10.39
C ILE A 81 -11.80 9.42 -10.96
N GLN A 82 -11.29 9.40 -12.18
CA GLN A 82 -10.83 10.62 -12.84
C GLN A 82 -9.59 11.18 -12.17
N ARG A 83 -8.83 10.31 -11.51
CA ARG A 83 -7.62 10.72 -10.82
C ARG A 83 -6.50 9.69 -11.02
N TYR A 84 -5.27 10.18 -11.08
CA TYR A 84 -4.11 9.30 -11.27
C TYR A 84 -3.54 8.86 -9.93
N VAL A 85 -3.40 7.55 -9.75
CA VAL A 85 -2.85 7.00 -8.52
C VAL A 85 -1.39 6.60 -8.69
N GLU A 86 -0.61 6.79 -7.64
CA GLU A 86 0.82 6.44 -7.67
C GLU A 86 1.11 5.27 -6.74
N VAL A 87 1.49 4.14 -7.32
CA VAL A 87 1.81 2.94 -6.55
C VAL A 87 3.31 2.73 -6.44
N SER A 88 3.83 2.74 -5.22
CA SER A 88 5.25 2.54 -4.99
C SER A 88 5.50 1.91 -3.63
N PRO A 89 6.54 1.06 -3.55
CA PRO A 89 6.91 0.37 -2.31
C PRO A 89 7.06 1.33 -1.14
N ALA A 90 7.08 0.77 0.08
CA ALA A 90 7.23 1.59 1.28
C ALA A 90 8.17 0.91 2.28
N THR A 91 8.40 1.59 3.40
CA THR A 91 9.29 1.05 4.44
C THR A 91 8.63 1.14 5.81
N GLU A 92 8.79 0.07 6.61
CA GLU A 92 8.21 0.03 7.94
C GLU A 92 8.22 1.42 8.59
N ARG A 93 9.35 2.11 8.49
CA ARG A 93 9.49 3.44 9.06
C ARG A 93 8.33 4.33 8.64
N GLN A 94 8.07 4.38 7.33
CA GLN A 94 6.99 5.21 6.80
C GLN A 94 5.64 4.78 7.38
N TRP A 95 5.34 3.49 7.28
CA TRP A 95 4.09 2.95 7.79
C TRP A 95 3.88 3.37 9.24
N VAL A 96 4.88 3.12 10.08
CA VAL A 96 4.82 3.47 11.49
C VAL A 96 4.65 4.97 11.69
N ALA A 97 5.62 5.73 11.18
CA ALA A 97 5.58 7.19 11.29
C ALA A 97 4.21 7.73 10.90
N ALA A 98 3.72 7.33 9.73
CA ALA A 98 2.43 7.78 9.24
C ALA A 98 1.34 7.56 10.30
N GLY A 99 1.40 6.41 10.97
CA GLY A 99 0.42 6.10 11.99
C GLY A 99 -0.20 4.74 11.81
N GLY A 100 0.65 3.72 11.63
CA GLY A 100 0.16 2.37 11.44
C GLY A 100 -0.45 1.79 12.71
N HIS A 101 -1.73 1.42 12.63
CA HIS A 101 -2.43 0.86 13.77
C HIS A 101 -1.52 -0.07 14.55
N ILE A 102 -0.81 -0.94 13.85
CA ILE A 102 0.10 -1.89 14.48
C ILE A 102 0.75 -1.29 15.73
N THR A 103 1.05 -2.13 16.70
CA THR A 103 1.68 -1.68 17.94
C THR A 103 2.34 -2.84 18.68
N SER A 104 3.63 -2.69 18.96
CA SER A 104 4.39 -3.72 19.65
C SER A 104 3.91 -3.87 21.09
N GLY A 105 3.94 -5.10 21.60
CA GLY A 105 3.51 -5.35 22.96
C GLY A 105 2.81 -6.69 23.10
N PRO A 106 3.53 -7.68 23.66
CA PRO A 106 3.00 -9.03 23.86
C PRO A 106 2.02 -9.09 25.03
N SER A 107 0.74 -9.22 24.71
CA SER A 107 -0.30 -9.29 25.74
C SER A 107 -0.55 -10.73 26.16
N SER A 108 -0.17 -11.06 27.39
CA SER A 108 -0.35 -12.40 27.92
C SER A 108 -1.76 -12.59 28.48
N GLY A 1 15.19 6.56 -5.73
CA GLY A 1 16.60 6.20 -5.62
C GLY A 1 16.86 5.23 -4.49
N SER A 2 17.77 4.28 -4.72
CA SER A 2 18.11 3.29 -3.71
C SER A 2 19.61 3.01 -3.71
N SER A 3 20.24 3.17 -2.55
CA SER A 3 21.66 2.93 -2.41
C SER A 3 21.94 1.57 -1.80
N GLY A 4 22.84 0.81 -2.42
CA GLY A 4 23.18 -0.51 -1.92
C GLY A 4 22.81 -1.61 -2.90
N SER A 5 23.58 -2.69 -2.89
CA SER A 5 23.34 -3.81 -3.79
C SER A 5 23.02 -5.08 -3.00
N SER A 6 21.91 -5.72 -3.33
CA SER A 6 21.49 -6.94 -2.65
C SER A 6 22.50 -8.07 -2.90
N GLY A 7 22.37 -9.14 -2.13
CA GLY A 7 23.27 -10.27 -2.28
C GLY A 7 22.55 -11.60 -2.15
N LYS A 8 23.01 -12.44 -1.23
CA LYS A 8 22.42 -13.75 -1.01
C LYS A 8 20.94 -13.62 -0.65
N PRO A 9 20.12 -14.56 -1.15
CA PRO A 9 18.68 -14.58 -0.89
C PRO A 9 18.35 -14.34 0.59
N LEU A 10 17.30 -13.59 0.84
CA LEU A 10 16.88 -13.30 2.21
C LEU A 10 15.37 -13.46 2.36
N PRO A 11 14.92 -13.68 3.61
CA PRO A 11 13.50 -13.86 3.91
C PRO A 11 12.62 -12.83 3.21
N ILE A 12 11.36 -13.20 2.99
CA ILE A 12 10.42 -12.31 2.32
C ILE A 12 10.64 -10.86 2.74
N ASN A 13 10.79 -9.97 1.75
CA ASN A 13 10.99 -8.56 2.03
C ASN A 13 9.72 -7.91 2.56
N PRO A 14 9.87 -7.07 3.60
CA PRO A 14 8.74 -6.37 4.21
C PRO A 14 8.26 -5.19 3.38
N ASP A 15 9.20 -4.34 2.97
CA ASP A 15 8.87 -3.17 2.17
C ASP A 15 7.88 -3.52 1.07
N ASP A 16 8.12 -4.65 0.41
CA ASP A 16 7.25 -5.11 -0.67
C ASP A 16 5.80 -5.15 -0.22
N LEU A 17 5.55 -5.79 0.92
CA LEU A 17 4.20 -5.89 1.46
C LEU A 17 3.66 -4.52 1.85
N TYR A 18 4.57 -3.60 2.18
CA TYR A 18 4.19 -2.25 2.56
C TYR A 18 4.40 -1.27 1.42
N VAL A 19 3.32 -0.96 0.71
CA VAL A 19 3.38 -0.03 -0.41
C VAL A 19 2.61 1.24 -0.11
N SER A 20 2.96 2.32 -0.82
CA SER A 20 2.30 3.61 -0.62
C SER A 20 1.52 4.01 -1.87
N VAL A 21 0.37 4.64 -1.65
CA VAL A 21 -0.48 5.08 -2.76
C VAL A 21 -0.81 6.56 -2.63
N HIS A 22 -0.34 7.34 -3.61
CA HIS A 22 -0.59 8.78 -3.62
C HIS A 22 -1.31 9.21 -4.89
N GLY A 23 -2.44 9.89 -4.74
CA GLY A 23 -3.20 10.35 -5.88
C GLY A 23 -4.65 9.90 -5.82
N MET A 24 -5.24 9.97 -4.63
CA MET A 24 -6.63 9.57 -4.45
C MET A 24 -7.51 10.79 -4.17
N PRO A 25 -8.70 10.81 -4.79
CA PRO A 25 -9.65 11.91 -4.63
C PRO A 25 -9.87 12.27 -3.16
N PHE A 26 -10.73 13.26 -2.92
CA PHE A 26 -11.02 13.70 -1.56
C PHE A 26 -12.05 12.79 -0.91
N SER A 27 -13.01 12.30 -1.70
CA SER A 27 -14.05 11.42 -1.20
C SER A 27 -13.54 10.00 -1.04
N ALA A 28 -12.46 9.68 -1.76
CA ALA A 28 -11.87 8.35 -1.70
C ALA A 28 -11.85 7.83 -0.27
N MET A 29 -12.44 6.66 -0.06
CA MET A 29 -12.50 6.05 1.27
C MET A 29 -11.99 4.62 1.22
N GLU A 30 -11.67 4.07 2.39
CA GLU A 30 -11.17 2.70 2.48
C GLU A 30 -11.81 1.81 1.42
N ASN A 31 -13.10 2.04 1.16
CA ASN A 31 -13.83 1.26 0.17
C ASN A 31 -13.27 1.49 -1.23
N ASP A 32 -13.40 2.73 -1.71
CA ASP A 32 -12.90 3.08 -3.03
C ASP A 32 -11.56 2.42 -3.31
N VAL A 33 -10.71 2.35 -2.28
CA VAL A 33 -9.40 1.75 -2.42
C VAL A 33 -9.50 0.34 -3.00
N ARG A 34 -10.29 -0.51 -2.35
CA ARG A 34 -10.48 -1.88 -2.81
C ARG A 34 -10.67 -1.93 -4.33
N ASP A 35 -11.60 -1.13 -4.82
CA ASP A 35 -11.88 -1.08 -6.25
C ASP A 35 -10.60 -1.23 -7.07
N PHE A 36 -9.53 -0.59 -6.59
CA PHE A 36 -8.24 -0.64 -7.28
C PHE A 36 -7.63 -2.04 -7.17
N PHE A 37 -7.28 -2.43 -5.95
CA PHE A 37 -6.68 -3.73 -5.71
C PHE A 37 -7.75 -4.77 -5.37
N HIS A 38 -8.88 -4.70 -6.07
CA HIS A 38 -9.98 -5.63 -5.85
C HIS A 38 -9.74 -6.93 -6.60
N GLY A 39 -9.37 -7.98 -5.87
CA GLY A 39 -9.12 -9.27 -6.48
C GLY A 39 -7.88 -9.94 -5.94
N LEU A 40 -7.04 -9.17 -5.27
CA LEU A 40 -5.81 -9.71 -4.69
C LEU A 40 -5.94 -9.90 -3.18
N ARG A 41 -4.99 -10.60 -2.59
CA ARG A 41 -5.01 -10.85 -1.16
C ARG A 41 -4.78 -9.56 -0.37
N VAL A 42 -5.86 -8.98 0.13
CA VAL A 42 -5.78 -7.74 0.90
C VAL A 42 -5.66 -8.03 2.39
N ASP A 43 -4.65 -7.44 3.03
CA ASP A 43 -4.44 -7.63 4.46
C ASP A 43 -4.98 -6.44 5.25
N ALA A 44 -4.67 -5.24 4.79
CA ALA A 44 -5.13 -4.02 5.45
C ALA A 44 -4.88 -2.79 4.58
N VAL A 45 -5.61 -1.72 4.86
CA VAL A 45 -5.47 -0.48 4.11
C VAL A 45 -5.44 0.73 5.03
N HIS A 46 -4.31 1.45 5.00
CA HIS A 46 -4.15 2.63 5.84
C HIS A 46 -4.37 3.91 5.03
N LEU A 47 -5.03 4.89 5.64
CA LEU A 47 -5.31 6.16 4.97
C LEU A 47 -4.98 7.33 5.89
N LEU A 48 -4.43 8.39 5.31
CA LEU A 48 -4.06 9.58 6.07
C LEU A 48 -5.10 10.68 5.89
N LYS A 49 -4.93 11.77 6.62
CA LYS A 49 -5.85 12.90 6.52
C LYS A 49 -5.09 14.22 6.49
N ASP A 50 -5.80 15.30 6.18
CA ASP A 50 -5.19 16.62 6.10
C ASP A 50 -4.83 17.13 7.51
N HIS A 51 -4.33 18.36 7.57
CA HIS A 51 -3.95 18.96 8.84
C HIS A 51 -5.11 18.95 9.82
N VAL A 52 -6.31 19.16 9.31
CA VAL A 52 -7.51 19.18 10.14
C VAL A 52 -8.12 17.78 10.26
N GLY A 53 -7.73 16.89 9.34
CA GLY A 53 -8.24 15.54 9.37
C GLY A 53 -9.18 15.25 8.21
N ARG A 54 -8.82 15.72 7.01
CA ARG A 54 -9.63 15.52 5.83
C ARG A 54 -8.85 14.77 4.75
N ASN A 55 -9.49 13.76 4.16
CA ASN A 55 -8.86 12.96 3.11
C ASN A 55 -8.29 13.86 2.02
N ASN A 56 -7.00 13.70 1.75
CA ASN A 56 -6.32 14.49 0.73
C ASN A 56 -5.93 13.62 -0.46
N GLY A 57 -5.35 12.45 -0.16
CA GLY A 57 -4.94 11.54 -1.21
C GLY A 57 -3.62 10.86 -0.90
N ASN A 58 -3.44 10.46 0.36
CA ASN A 58 -2.22 9.80 0.79
C ASN A 58 -2.53 8.63 1.72
N GLY A 59 -2.27 7.41 1.25
CA GLY A 59 -2.53 6.24 2.06
C GLY A 59 -1.53 5.12 1.79
N LEU A 60 -1.52 4.13 2.67
CA LEU A 60 -0.61 2.99 2.52
C LEU A 60 -1.38 1.69 2.44
N VAL A 61 -0.85 0.74 1.68
CA VAL A 61 -1.48 -0.57 1.53
C VAL A 61 -0.59 -1.69 2.04
N LYS A 62 -1.18 -2.66 2.71
CA LYS A 62 -0.43 -3.80 3.25
C LYS A 62 -0.96 -5.11 2.69
N PHE A 63 -0.08 -5.89 2.09
CA PHE A 63 -0.45 -7.18 1.52
C PHE A 63 0.13 -8.33 2.34
N LEU A 64 -0.42 -9.52 2.15
CA LEU A 64 0.04 -10.71 2.87
C LEU A 64 1.34 -11.23 2.27
N SER A 65 1.27 -11.71 1.03
CA SER A 65 2.44 -12.24 0.34
C SER A 65 3.03 -11.21 -0.61
N PRO A 66 4.33 -11.34 -0.88
CA PRO A 66 5.05 -10.42 -1.78
C PRO A 66 4.72 -10.68 -3.25
N GLN A 67 3.88 -11.68 -3.50
CA GLN A 67 3.48 -12.02 -4.86
C GLN A 67 2.30 -11.17 -5.32
N ASP A 68 1.34 -10.98 -4.41
CA ASP A 68 0.15 -10.18 -4.73
C ASP A 68 0.53 -8.73 -5.04
N THR A 69 1.31 -8.13 -4.14
CA THR A 69 1.75 -6.75 -4.31
C THR A 69 2.23 -6.50 -5.74
N PHE A 70 3.05 -7.41 -6.24
CA PHE A 70 3.58 -7.28 -7.60
C PHE A 70 2.50 -6.84 -8.58
N GLU A 71 1.26 -7.24 -8.30
CA GLU A 71 0.14 -6.88 -9.16
C GLU A 71 -0.25 -5.42 -8.96
N ALA A 72 -0.14 -4.95 -7.72
CA ALA A 72 -0.47 -3.57 -7.39
C ALA A 72 0.58 -2.61 -7.92
N LEU A 73 1.85 -2.98 -7.75
CA LEU A 73 2.96 -2.15 -8.20
C LEU A 73 2.87 -1.90 -9.71
N LYS A 74 2.61 -2.97 -10.46
CA LYS A 74 2.49 -2.86 -11.91
C LYS A 74 1.34 -1.96 -12.31
N ARG A 75 0.40 -1.75 -11.38
CA ARG A 75 -0.75 -0.90 -11.64
C ARG A 75 -0.45 0.55 -11.26
N ASN A 76 0.83 0.85 -11.06
CA ASN A 76 1.25 2.19 -10.69
C ASN A 76 0.85 3.20 -11.76
N ARG A 77 0.43 4.39 -11.33
CA ARG A 77 0.02 5.43 -12.26
C ARG A 77 -1.19 4.99 -13.08
N MET A 78 -2.25 4.56 -12.39
CA MET A 78 -3.46 4.11 -13.05
C MET A 78 -4.56 5.15 -12.93
N LEU A 79 -5.64 4.95 -13.68
CA LEU A 79 -6.77 5.89 -13.67
C LEU A 79 -7.89 5.37 -12.79
N MET A 80 -8.22 6.12 -11.75
CA MET A 80 -9.28 5.74 -10.81
C MET A 80 -10.00 6.97 -10.28
N ILE A 81 -11.23 7.18 -10.76
CA ILE A 81 -12.03 8.31 -10.33
C ILE A 81 -11.45 9.62 -10.85
N GLN A 82 -11.22 9.69 -12.15
CA GLN A 82 -10.67 10.89 -12.77
C GLN A 82 -9.44 11.38 -12.00
N ARG A 83 -8.78 10.46 -11.31
CA ARG A 83 -7.60 10.80 -10.53
C ARG A 83 -6.54 9.70 -10.64
N TYR A 84 -5.30 10.11 -10.90
CA TYR A 84 -4.20 9.16 -11.03
C TYR A 84 -3.68 8.72 -9.67
N VAL A 85 -3.20 7.49 -9.59
CA VAL A 85 -2.66 6.96 -8.35
C VAL A 85 -1.22 6.49 -8.52
N GLU A 86 -0.38 6.79 -7.53
CA GLU A 86 1.02 6.39 -7.58
C GLU A 86 1.29 5.24 -6.62
N VAL A 87 1.51 4.05 -7.18
CA VAL A 87 1.77 2.86 -6.38
C VAL A 87 3.26 2.52 -6.39
N SER A 88 3.87 2.53 -5.20
CA SER A 88 5.29 2.23 -5.08
C SER A 88 5.60 1.66 -3.69
N PRO A 89 6.60 0.77 -3.62
CA PRO A 89 7.00 0.13 -2.37
C PRO A 89 7.24 1.15 -1.25
N ALA A 90 7.09 0.70 -0.01
CA ALA A 90 7.29 1.58 1.14
C ALA A 90 8.08 0.87 2.23
N THR A 91 8.51 1.63 3.24
CA THR A 91 9.27 1.08 4.35
C THR A 91 8.43 0.99 5.61
N GLU A 92 8.43 -0.19 6.23
CA GLU A 92 7.66 -0.41 7.44
C GLU A 92 7.68 0.83 8.33
N ARG A 93 8.85 1.44 8.47
CA ARG A 93 9.01 2.64 9.29
C ARG A 93 7.93 3.67 8.96
N GLN A 94 7.77 3.94 7.67
CA GLN A 94 6.78 4.90 7.21
C GLN A 94 5.37 4.49 7.63
N TRP A 95 5.09 3.19 7.51
CA TRP A 95 3.78 2.65 7.88
C TRP A 95 3.44 2.99 9.33
N VAL A 96 4.40 2.76 10.23
CA VAL A 96 4.20 3.04 11.64
C VAL A 96 4.07 4.54 11.89
N ALA A 97 5.11 5.28 11.52
CA ALA A 97 5.11 6.74 11.71
C ALA A 97 3.81 7.35 11.22
N ALA A 98 3.43 7.02 9.98
CA ALA A 98 2.21 7.54 9.39
C ALA A 98 1.03 7.40 10.36
N GLY A 99 0.94 6.25 11.01
CA GLY A 99 -0.14 6.00 11.94
C GLY A 99 -0.06 4.63 12.58
N GLY A 100 0.27 3.62 11.78
CA GLY A 100 0.37 2.27 12.29
C GLY A 100 -0.98 1.63 12.52
N HIS A 101 -1.61 1.17 11.45
CA HIS A 101 -2.92 0.53 11.54
C HIS A 101 -2.79 -0.98 11.42
N ILE A 102 -1.78 -1.54 12.08
CA ILE A 102 -1.55 -2.98 12.05
C ILE A 102 -2.30 -3.68 13.18
N THR A 103 -2.88 -4.82 12.87
CA THR A 103 -3.63 -5.59 13.86
C THR A 103 -2.90 -6.87 14.24
N SER A 104 -2.55 -7.67 13.24
CA SER A 104 -1.85 -8.93 13.47
C SER A 104 -0.48 -8.68 14.10
N GLY A 105 -0.39 -8.92 15.40
CA GLY A 105 0.86 -8.71 16.10
C GLY A 105 1.23 -9.89 16.99
N PRO A 106 1.43 -11.06 16.38
CA PRO A 106 1.77 -12.28 17.12
C PRO A 106 3.25 -12.31 17.52
N SER A 107 3.53 -12.86 18.69
CA SER A 107 4.89 -12.95 19.19
C SER A 107 5.35 -14.40 19.25
N SER A 108 4.41 -15.32 19.08
CA SER A 108 4.72 -16.75 19.12
C SER A 108 4.68 -17.35 17.72
N GLY A 1 -4.71 -22.93 -12.61
CA GLY A 1 -3.50 -23.06 -13.38
C GLY A 1 -3.61 -24.09 -14.47
N SER A 2 -3.35 -23.68 -15.71
CA SER A 2 -3.43 -24.58 -16.85
C SER A 2 -2.07 -24.68 -17.56
N SER A 3 -1.23 -25.58 -17.07
CA SER A 3 0.10 -25.77 -17.65
C SER A 3 0.89 -24.47 -17.66
N GLY A 4 0.81 -23.74 -16.55
CA GLY A 4 1.52 -22.47 -16.45
C GLY A 4 1.54 -21.93 -15.02
N SER A 5 2.59 -22.27 -14.29
CA SER A 5 2.72 -21.82 -12.91
C SER A 5 4.20 -21.60 -12.55
N SER A 6 4.43 -20.97 -11.40
CA SER A 6 5.79 -20.69 -10.95
C SER A 6 6.02 -21.24 -9.54
N GLY A 7 7.27 -21.29 -9.13
CA GLY A 7 7.60 -21.79 -7.80
C GLY A 7 9.04 -21.51 -7.42
N LYS A 8 9.24 -21.05 -6.19
CA LYS A 8 10.58 -20.74 -5.69
C LYS A 8 10.53 -20.35 -4.22
N PRO A 9 11.29 -21.09 -3.39
CA PRO A 9 11.36 -20.83 -1.95
C PRO A 9 12.24 -19.63 -1.61
N LEU A 10 11.62 -18.46 -1.51
CA LEU A 10 12.35 -17.23 -1.18
C LEU A 10 11.76 -16.56 0.04
N PRO A 11 12.58 -15.75 0.73
CA PRO A 11 12.16 -15.03 1.93
C PRO A 11 11.28 -13.83 1.60
N ILE A 12 10.20 -13.67 2.35
CA ILE A 12 9.27 -12.56 2.14
C ILE A 12 9.96 -11.22 2.40
N ASN A 13 9.72 -10.27 1.51
CA ASN A 13 10.31 -8.93 1.63
C ASN A 13 9.31 -7.95 2.21
N PRO A 14 9.52 -7.58 3.49
CA PRO A 14 8.63 -6.63 4.20
C PRO A 14 8.31 -5.40 3.36
N ASP A 15 9.35 -4.64 3.02
CA ASP A 15 9.17 -3.43 2.22
C ASP A 15 8.10 -3.63 1.16
N ASP A 16 8.18 -4.75 0.45
CA ASP A 16 7.21 -5.07 -0.60
C ASP A 16 5.80 -5.03 -0.05
N LEU A 17 5.51 -5.88 0.93
CA LEU A 17 4.18 -5.93 1.54
C LEU A 17 3.70 -4.54 1.90
N TYR A 18 4.63 -3.65 2.20
CA TYR A 18 4.30 -2.27 2.57
C TYR A 18 4.47 -1.33 1.38
N VAL A 19 3.36 -1.03 0.71
CA VAL A 19 3.38 -0.14 -0.44
C VAL A 19 2.73 1.20 -0.12
N SER A 20 2.86 2.16 -1.04
CA SER A 20 2.28 3.48 -0.85
C SER A 20 1.50 3.92 -2.09
N VAL A 21 0.43 4.66 -1.88
CA VAL A 21 -0.40 5.15 -2.97
C VAL A 21 -0.65 6.65 -2.86
N HIS A 22 -0.14 7.40 -3.83
CA HIS A 22 -0.31 8.85 -3.84
C HIS A 22 -1.09 9.30 -5.07
N GLY A 23 -2.11 10.12 -4.84
CA GLY A 23 -2.93 10.61 -5.94
C GLY A 23 -4.37 10.15 -5.85
N MET A 24 -4.98 10.38 -4.69
CA MET A 24 -6.36 9.98 -4.48
C MET A 24 -7.24 11.20 -4.15
N PRO A 25 -8.49 11.18 -4.65
CA PRO A 25 -9.43 12.27 -4.43
C PRO A 25 -9.94 12.31 -2.99
N PHE A 26 -10.40 13.48 -2.56
CA PHE A 26 -10.92 13.64 -1.21
C PHE A 26 -11.99 12.60 -0.89
N SER A 27 -12.75 12.22 -1.91
CA SER A 27 -13.81 11.24 -1.75
C SER A 27 -13.23 9.84 -1.54
N ALA A 28 -12.04 9.61 -2.12
CA ALA A 28 -11.37 8.32 -1.99
C ALA A 28 -11.42 7.81 -0.55
N MET A 29 -12.15 6.73 -0.34
CA MET A 29 -12.27 6.14 1.00
C MET A 29 -11.90 4.66 0.98
N GLU A 30 -11.83 4.06 2.16
CA GLU A 30 -11.49 2.65 2.27
C GLU A 30 -12.11 1.84 1.13
N ASN A 31 -13.42 1.92 1.00
CA ASN A 31 -14.13 1.20 -0.06
C ASN A 31 -13.47 1.44 -1.41
N ASP A 32 -13.39 2.70 -1.81
CA ASP A 32 -12.79 3.06 -3.09
C ASP A 32 -11.52 2.24 -3.34
N VAL A 33 -10.66 2.18 -2.33
CA VAL A 33 -9.41 1.43 -2.45
C VAL A 33 -9.65 0.05 -3.04
N ARG A 34 -10.51 -0.72 -2.40
CA ARG A 34 -10.82 -2.07 -2.87
C ARG A 34 -10.96 -2.09 -4.39
N ASP A 35 -11.92 -1.35 -4.91
CA ASP A 35 -12.15 -1.28 -6.34
C ASP A 35 -10.83 -1.32 -7.11
N PHE A 36 -9.81 -0.68 -6.55
CA PHE A 36 -8.49 -0.66 -7.18
C PHE A 36 -7.81 -2.02 -7.10
N PHE A 37 -7.54 -2.46 -5.88
CA PHE A 37 -6.89 -3.76 -5.66
C PHE A 37 -7.92 -4.85 -5.41
N HIS A 38 -9.01 -4.82 -6.16
CA HIS A 38 -10.08 -5.80 -6.02
C HIS A 38 -9.77 -7.07 -6.82
N GLY A 39 -9.28 -8.10 -6.13
CA GLY A 39 -8.96 -9.34 -6.79
C GLY A 39 -7.69 -9.97 -6.24
N LEU A 40 -6.92 -9.19 -5.49
CA LEU A 40 -5.68 -9.68 -4.90
C LEU A 40 -5.86 -10.01 -3.43
N ARG A 41 -4.83 -10.61 -2.83
CA ARG A 41 -4.89 -10.96 -1.41
C ARG A 41 -4.68 -9.74 -0.53
N VAL A 42 -5.79 -9.04 -0.25
CA VAL A 42 -5.74 -7.85 0.59
C VAL A 42 -5.62 -8.21 2.06
N ASP A 43 -4.79 -7.46 2.78
CA ASP A 43 -4.59 -7.71 4.21
C ASP A 43 -5.08 -6.53 5.04
N ALA A 44 -4.68 -5.33 4.65
CA ALA A 44 -5.08 -4.12 5.35
C ALA A 44 -4.91 -2.89 4.47
N VAL A 45 -5.56 -1.79 4.85
CA VAL A 45 -5.48 -0.55 4.10
C VAL A 45 -5.27 0.65 5.03
N HIS A 46 -4.26 1.46 4.73
CA HIS A 46 -3.96 2.64 5.54
C HIS A 46 -4.23 3.92 4.76
N LEU A 47 -4.78 4.91 5.44
CA LEU A 47 -5.10 6.18 4.81
C LEU A 47 -4.83 7.35 5.75
N LEU A 48 -4.23 8.41 5.22
CA LEU A 48 -3.93 9.59 6.03
C LEU A 48 -5.11 10.56 6.07
N LYS A 49 -5.04 11.55 6.95
CA LYS A 49 -6.10 12.53 7.09
C LYS A 49 -5.53 13.95 7.04
N ASP A 50 -6.40 14.93 7.24
CA ASP A 50 -5.98 16.33 7.23
C ASP A 50 -6.20 16.98 8.60
N HIS A 51 -7.44 16.99 9.05
CA HIS A 51 -7.79 17.58 10.34
C HIS A 51 -8.67 16.64 11.14
N VAL A 52 -9.94 16.55 10.77
CA VAL A 52 -10.89 15.69 11.47
C VAL A 52 -11.17 14.42 10.67
N GLY A 53 -10.10 13.82 10.12
CA GLY A 53 -10.25 12.62 9.33
C GLY A 53 -10.68 12.90 7.91
N ARG A 54 -10.15 13.98 7.34
CA ARG A 54 -10.49 14.35 5.96
C ARG A 54 -9.41 13.88 4.99
N ASN A 55 -9.82 13.08 4.01
CA ASN A 55 -8.89 12.55 3.02
C ASN A 55 -8.04 13.67 2.43
N ASN A 56 -6.74 13.59 2.65
CA ASN A 56 -5.81 14.59 2.15
C ASN A 56 -5.32 14.23 0.74
N GLY A 57 -4.99 12.96 0.55
CA GLY A 57 -4.52 12.51 -0.74
C GLY A 57 -3.25 11.68 -0.64
N ASN A 58 -3.19 10.82 0.36
CA ASN A 58 -2.02 9.96 0.57
C ASN A 58 -2.35 8.82 1.51
N GLY A 59 -1.97 7.60 1.10
CA GLY A 59 -2.24 6.43 1.93
C GLY A 59 -1.33 5.27 1.58
N LEU A 60 -1.42 4.20 2.36
CA LEU A 60 -0.61 3.01 2.13
C LEU A 60 -1.46 1.75 2.07
N VAL A 61 -0.86 0.65 1.65
CA VAL A 61 -1.58 -0.62 1.54
C VAL A 61 -0.71 -1.77 2.04
N LYS A 62 -1.35 -2.73 2.71
CA LYS A 62 -0.64 -3.89 3.24
C LYS A 62 -1.18 -5.19 2.62
N PHE A 63 -0.30 -6.15 2.43
CA PHE A 63 -0.69 -7.43 1.85
C PHE A 63 -0.06 -8.59 2.63
N LEU A 64 -0.62 -9.78 2.44
CA LEU A 64 -0.12 -10.97 3.13
C LEU A 64 1.15 -11.48 2.48
N SER A 65 1.05 -11.85 1.20
CA SER A 65 2.20 -12.35 0.47
C SER A 65 2.81 -11.27 -0.42
N PRO A 66 4.11 -11.38 -0.69
CA PRO A 66 4.83 -10.41 -1.52
C PRO A 66 4.56 -10.60 -3.01
N GLN A 67 3.75 -11.61 -3.32
CA GLN A 67 3.41 -11.89 -4.71
C GLN A 67 2.20 -11.06 -5.15
N ASP A 68 1.16 -11.04 -4.32
CA ASP A 68 -0.04 -10.29 -4.63
C ASP A 68 0.25 -8.79 -4.64
N THR A 69 1.11 -8.35 -3.75
CA THR A 69 1.47 -6.94 -3.64
C THR A 69 2.25 -6.49 -4.87
N PHE A 70 3.33 -7.22 -5.18
CA PHE A 70 4.16 -6.90 -6.33
C PHE A 70 3.31 -6.50 -7.53
N GLU A 71 2.12 -7.08 -7.64
CA GLU A 71 1.21 -6.79 -8.73
C GLU A 71 0.77 -5.33 -8.69
N ALA A 72 -0.01 -4.98 -7.67
CA ALA A 72 -0.51 -3.62 -7.52
C ALA A 72 0.51 -2.61 -8.02
N LEU A 73 1.77 -2.80 -7.63
CA LEU A 73 2.84 -1.90 -8.04
C LEU A 73 2.81 -1.67 -9.54
N LYS A 74 2.78 -2.77 -10.30
CA LYS A 74 2.75 -2.68 -11.76
C LYS A 74 1.54 -1.87 -12.24
N ARG A 75 0.57 -1.69 -11.35
CA ARG A 75 -0.64 -0.93 -11.67
C ARG A 75 -0.47 0.54 -11.31
N ASN A 76 0.77 1.00 -11.28
CA ASN A 76 1.06 2.39 -10.94
C ASN A 76 0.70 3.32 -12.08
N ARG A 77 0.43 4.58 -11.76
CA ARG A 77 0.07 5.57 -12.77
C ARG A 77 -1.26 5.20 -13.44
N MET A 78 -2.17 4.62 -12.67
CA MET A 78 -3.46 4.22 -13.20
C MET A 78 -4.54 5.24 -12.85
N LEU A 79 -5.76 5.00 -13.32
CA LEU A 79 -6.87 5.90 -13.05
C LEU A 79 -7.70 5.40 -11.87
N MET A 80 -8.33 6.34 -11.17
CA MET A 80 -9.15 6.01 -10.01
C MET A 80 -10.05 7.18 -9.61
N ILE A 81 -11.34 7.07 -9.90
CA ILE A 81 -12.29 8.12 -9.58
C ILE A 81 -11.88 9.44 -10.20
N GLN A 82 -11.51 9.40 -11.48
CA GLN A 82 -11.09 10.60 -12.20
C GLN A 82 -9.80 11.17 -11.61
N ARG A 83 -9.01 10.31 -10.98
CA ARG A 83 -7.75 10.72 -10.37
C ARG A 83 -6.66 9.69 -10.62
N TYR A 84 -5.42 10.16 -10.75
CA TYR A 84 -4.29 9.27 -10.99
C TYR A 84 -3.66 8.84 -9.67
N VAL A 85 -3.44 7.54 -9.53
CA VAL A 85 -2.83 7.00 -8.32
C VAL A 85 -1.39 6.55 -8.57
N GLU A 86 -0.53 6.75 -7.59
CA GLU A 86 0.87 6.38 -7.70
C GLU A 86 1.20 5.20 -6.79
N VAL A 87 1.19 4.00 -7.35
CA VAL A 87 1.49 2.79 -6.59
C VAL A 87 2.98 2.48 -6.61
N SER A 88 3.61 2.56 -5.45
CA SER A 88 5.04 2.29 -5.33
C SER A 88 5.38 1.75 -3.95
N PRO A 89 6.35 0.83 -3.90
CA PRO A 89 6.79 0.20 -2.65
C PRO A 89 7.09 1.24 -1.57
N ALA A 90 7.01 0.82 -0.31
CA ALA A 90 7.26 1.70 0.81
C ALA A 90 8.10 1.01 1.89
N THR A 91 8.33 1.68 3.00
CA THR A 91 9.11 1.13 4.10
C THR A 91 8.32 1.15 5.40
N GLU A 92 8.65 0.23 6.30
CA GLU A 92 7.97 0.14 7.59
C GLU A 92 7.95 1.50 8.28
N ARG A 93 9.09 2.17 8.30
CA ARG A 93 9.20 3.48 8.94
C ARG A 93 8.06 4.39 8.50
N GLN A 94 7.90 4.53 7.18
CA GLN A 94 6.85 5.38 6.63
C GLN A 94 5.47 4.92 7.10
N TRP A 95 5.25 3.61 7.07
CA TRP A 95 3.98 3.04 7.50
C TRP A 95 3.68 3.39 8.95
N VAL A 96 4.68 3.25 9.81
CA VAL A 96 4.52 3.57 11.23
C VAL A 96 4.33 5.07 11.44
N ALA A 97 5.26 5.85 10.91
CA ALA A 97 5.20 7.31 11.04
C ALA A 97 3.83 7.83 10.63
N ALA A 98 3.37 7.44 9.44
CA ALA A 98 2.08 7.88 8.94
C ALA A 98 0.99 7.70 10.00
N GLY A 99 1.02 6.56 10.69
CA GLY A 99 0.03 6.29 11.71
C GLY A 99 0.14 4.88 12.27
N GLY A 100 0.38 3.91 11.40
CA GLY A 100 0.50 2.54 11.82
C GLY A 100 -0.85 1.88 12.08
N HIS A 101 -1.23 0.95 11.21
CA HIS A 101 -2.50 0.26 11.35
C HIS A 101 -2.28 -1.20 11.76
N ILE A 102 -1.34 -1.85 11.10
CA ILE A 102 -1.03 -3.25 11.39
C ILE A 102 -1.06 -3.51 12.91
N THR A 103 -0.64 -2.52 13.68
CA THR A 103 -0.62 -2.64 15.13
C THR A 103 -0.30 -4.07 15.56
N SER A 104 0.65 -4.69 14.87
CA SER A 104 1.05 -6.05 15.19
C SER A 104 1.65 -6.14 16.59
N GLY A 105 1.53 -7.32 17.19
CA GLY A 105 2.07 -7.51 18.53
C GLY A 105 1.09 -8.25 19.44
N PRO A 106 1.60 -8.80 20.55
CA PRO A 106 0.79 -9.52 21.52
C PRO A 106 -0.03 -8.60 22.41
N SER A 107 -0.96 -9.17 23.16
CA SER A 107 -1.80 -8.40 24.05
C SER A 107 -1.79 -8.98 25.47
N SER A 108 -1.72 -10.30 25.55
CA SER A 108 -1.71 -10.98 26.85
C SER A 108 -0.46 -10.60 27.63
#